data_7Z1H
#
_entry.id   7Z1H
#
_cell.length_a   1.00
_cell.length_b   1.00
_cell.length_c   1.00
_cell.angle_alpha   90.00
_cell.angle_beta   90.00
_cell.angle_gamma   90.00
#
_symmetry.space_group_name_H-M   'P 1'
#
_entity_poly.entity_id   1
_entity_poly.type   'polypeptide(L)'
_entity_poly.pdbx_seq_one_letter_code
;MDSTSTIANKIEEYLGAKSDDSKIDELLKADPSEVEYYRSGGDGDYLKNNICKITVNHSDSGKYDPCEKKLPPYDDNDQW
KCQQNSSDGSGKPENICVPPRRERLCTYNLENLKFDKIRDNNAFLADVLLTARNEGEKIVQNHPDTNSSNVCNALERSFA
DLADIIRGTDQWKGTNSNLEKNLKQMFAKIRENDKVLQDKYPKDQKYTKLREAWWNANRQKVWEVITCGARSNDLLIKRG
WRTSGKSDRKKNFELCRKCGHYEKEVPTKLDYVPQFLRWLTEWIEDFYREKQNLIDDMERHREECTREDHKSKEGTSYCS
TCKDKCKKYCECVKKWKTEWENQENKYKDLYEQNKNKTSQKNTSRYDDYVKDFFEKLEANYSSLENYIKGDPYFAEYATK
LSFILNPSDANNPSGETANHNDEACNCNESGISSVGQAQTSGPSSNKTCITHSSIKTNKKKECKDVKLGVRENDKDLKIC
VIEDTSLSGVDNCCCQDLLGILQENCSDNKRGSSSNDSCDNKNQDECQKKLEKVFASLTNGYKCDKCKSGTSRSKKKWIW
KKSSGNEEGLQEEYANTIGLPPRTQSLYLGNLPKLENVCEDVKDINFDTKEKFLAGCLIVSFHEGKNLKKRYPQNKNSGN
KENLCKALEYSFADYGDLIKGTSIWDNEYTKDLELNLQNNFGKLFGKYIKKNNTAEQDTSYSSLDELRESWWNTNKKYIW
TAMKHGAEMNITTCNADGSVTGSGSSCDDIPTIDLIPQYLRFLQEWVENFCEQRQAKVKDVITNCKSCKESGNKCKTECK
TKCKDECEKYKKFIEACGTAGGGIGTAGSPWSKRWDQIYKRYSKHIEDAKRNRKAGTKNCGTSSTTNAAASTDENKCVQS
DIDSFFKHLIDIGLTTPSSYLSNVLDDNICGADKAPWTTYTTYTTTEKCNKERDKSKSQSSDTLVVVNVPSPLGNTPYRY
KYACQCKIPTNEETCDDRKEYMNQWSCGSARTMKRGYKNDNYELCKYNGVDVKPTTVRSNSSKLDGNDVTFFNLFEQWNK
EIQYQIEQYMTNANISCIDEKEVLDSVSDEGTPKVRGGYEDGRNNNTDQGTNCKEKCKCYKLWIEKINDQWGKQKDNYNK
FRSKQIYDANKGSQNKKVVSLSNFLFFSCWEEYIQKYFNGDWSKIKNIGSDTFEFLIKKCGNNSAHGEEIFSEKLKNAEK
KCKENESTDTNINKSETSCDLNATNYIRGCQSKTYDGKIFPGKGGEKQWICKDTIIHGDTNGACIPPRTQNLCVGELWDK
SYGGRSNIKNDTKELLKEKIKNAIHKETELLYEYHDTGTAIISKNDKKGQKGKNDPNGLPKGFCHAVQRSFIDYKNMILG
TSVNIYEHIGKLQEDIKKIIEKGTPQQKDKIGGVGSSTENVNAWWKGIEREMWDAVRCAITKINKKNNNSIFNGDECGVS
PPTGNDEDQSVSWFKEWGEQFCIERLRYEQNIREACTINGKNEKKCINSKSGQGDKIQGACKRKCEKYKKYISEKKQEWD
KQKTKYENKYVGKSASDLLKENYPECISANFDFIFNDNIEYKTYYPYGDYSSICSCEQVKYYKYNNAEKKNNKSLCYEKD
NDMTWSKKYIKKLENGRSLEGVYVPPRRQQLCLYELFPIIIKNEEGMEKAKEELLETLQIVAEREAYYLWKQYNPTGKGI
DDANKKACCAIRGSFYDLEDIIKGNDLVHDEYTKYIDSKLNEIFGSSNTNDIDTKRARTDWWENETITNGTDRKTIRQLV
WDAMQSGVRYAVEEKNENFPLCMGVEHIGIAKPQFIRWLEEWTNEFCEKYTKYFEDMKSKCDPPKRADTCGDNSNIECKK
ACANYTNWLNPKRIEWNGMSNYYNKIYRKSNKESEDGKDYSMIMAPTVIDYLNKRCHGEINGNYICCSCKNIGAYNTTSG
TVNKKLQKKETECEEEKGPLDLMNEVLNKMDKKYSAHKMKCTEVYLEHVEEQLNEIDNAIKDYKLYPLDRCFDDQTKMKV
CDLIADAIGCKDKTKLDELDEWNDMDLRGTYNKHKGVLIP
;
_entity_poly.pdbx_strand_id   A
#
# COMPACT_ATOMS: atom_id res chain seq x y z
N MET A 1 -33.73 -19.65 -52.59
CA MET A 1 -32.84 -18.94 -51.69
C MET A 1 -33.04 -17.42 -51.81
N ASP A 2 -33.95 -17.03 -52.68
CA ASP A 2 -34.25 -15.62 -52.91
C ASP A 2 -35.35 -15.09 -51.99
N SER A 3 -35.94 -15.95 -51.15
CA SER A 3 -37.02 -15.56 -50.25
C SER A 3 -36.54 -15.49 -48.80
N THR A 4 -35.31 -15.04 -48.59
CA THR A 4 -34.77 -14.92 -47.25
C THR A 4 -35.52 -13.86 -46.46
N SER A 5 -35.80 -14.17 -45.19
CA SER A 5 -36.51 -13.27 -44.29
C SER A 5 -35.59 -12.85 -43.17
N THR A 6 -36.07 -11.91 -42.35
CA THR A 6 -35.32 -11.38 -41.22
C THR A 6 -35.96 -11.87 -39.92
N ILE A 7 -35.49 -13.01 -39.44
CA ILE A 7 -35.95 -13.57 -38.16
C ILE A 7 -34.82 -13.63 -37.13
N ALA A 8 -33.56 -13.48 -37.55
CA ALA A 8 -32.41 -13.37 -36.65
C ALA A 8 -32.27 -14.61 -35.77
N ASN A 9 -31.99 -15.74 -36.42
CA ASN A 9 -31.67 -16.97 -35.72
C ASN A 9 -30.21 -17.37 -35.88
N LYS A 10 -29.73 -17.56 -37.11
CA LYS A 10 -28.32 -17.81 -37.36
C LYS A 10 -27.75 -17.13 -38.60
N ILE A 11 -28.57 -16.62 -39.50
CA ILE A 11 -28.08 -16.10 -40.77
C ILE A 11 -28.28 -14.60 -40.93
N GLU A 12 -28.96 -13.94 -40.00
CA GLU A 12 -29.20 -12.50 -40.06
C GLU A 12 -28.14 -11.69 -39.32
N GLU A 13 -27.08 -12.34 -38.82
CA GLU A 13 -26.04 -11.63 -38.10
C GLU A 13 -25.28 -10.67 -39.00
N TYR A 14 -25.04 -11.04 -40.25
CA TYR A 14 -24.27 -10.21 -41.17
C TYR A 14 -25.09 -9.58 -42.28
N LEU A 15 -26.27 -10.10 -42.59
CA LEU A 15 -27.13 -9.54 -43.63
C LEU A 15 -28.18 -8.58 -43.06
N GLY A 16 -28.91 -9.00 -42.03
CA GLY A 16 -29.94 -8.20 -41.43
C GLY A 16 -29.49 -7.25 -40.34
N ALA A 17 -28.19 -7.13 -40.11
CA ALA A 17 -27.68 -6.25 -39.07
C ALA A 17 -27.79 -4.78 -39.48
N LYS A 18 -28.91 -4.14 -39.12
CA LYS A 18 -29.13 -2.74 -39.41
C LYS A 18 -29.03 -1.86 -38.18
N SER A 19 -28.58 -2.42 -37.05
CA SER A 19 -28.48 -1.63 -35.82
C SER A 19 -27.47 -0.50 -35.98
N ASP A 20 -26.25 -0.82 -36.43
CA ASP A 20 -25.19 0.18 -36.58
C ASP A 20 -25.23 0.78 -37.99
N ASP A 21 -26.42 1.24 -38.38
CA ASP A 21 -26.58 1.91 -39.66
C ASP A 21 -25.96 3.31 -39.62
N SER A 22 -26.35 4.11 -38.62
CA SER A 22 -25.78 5.42 -38.40
C SER A 22 -24.97 5.44 -37.10
N LYS A 23 -24.17 6.48 -36.94
CA LYS A 23 -23.33 6.63 -35.75
C LYS A 23 -24.15 7.18 -34.59
N ILE A 24 -25.26 6.52 -34.25
CA ILE A 24 -26.13 6.93 -33.17
C ILE A 24 -26.12 5.96 -32.00
N ASP A 25 -26.09 4.65 -32.29
CA ASP A 25 -26.12 3.66 -31.22
C ASP A 25 -24.84 3.68 -30.39
N GLU A 26 -23.73 4.11 -30.97
CA GLU A 26 -22.47 4.18 -30.23
C GLU A 26 -22.58 5.15 -29.07
N LEU A 27 -23.29 6.26 -29.26
CA LEU A 27 -23.56 7.21 -28.19
C LEU A 27 -24.84 6.89 -27.43
N LEU A 28 -25.72 6.07 -28.00
CA LEU A 28 -26.94 5.68 -27.30
C LEU A 28 -26.69 4.63 -26.23
N LYS A 29 -25.71 3.74 -26.44
CA LYS A 29 -25.40 2.74 -25.43
C LYS A 29 -24.96 3.45 -24.14
N ALA A 30 -25.51 2.99 -23.02
CA ALA A 30 -25.32 3.67 -21.75
C ALA A 30 -24.02 3.18 -21.10
N ASP A 31 -23.13 4.12 -20.81
CA ASP A 31 -21.88 3.83 -20.12
C ASP A 31 -21.78 4.58 -18.79
N PRO A 32 -22.29 4.02 -17.69
CA PRO A 32 -22.37 4.79 -16.44
C PRO A 32 -21.01 5.10 -15.85
N SER A 33 -20.35 6.09 -16.43
CA SER A 33 -18.98 6.45 -16.08
C SER A 33 -18.89 7.94 -15.75
N GLU A 34 -19.84 8.43 -14.96
CA GLU A 34 -19.80 9.80 -14.45
C GLU A 34 -19.61 9.75 -12.95
N VAL A 35 -18.70 10.59 -12.44
CA VAL A 35 -18.21 10.45 -11.08
C VAL A 35 -19.27 10.90 -10.10
N GLU A 36 -19.23 10.33 -8.89
CA GLU A 36 -20.02 10.77 -7.74
C GLU A 36 -21.52 10.73 -8.03
N TYR A 37 -22.02 9.50 -8.17
CA TYR A 37 -23.46 9.27 -8.29
C TYR A 37 -24.18 9.93 -7.13
N TYR A 38 -24.93 11.00 -7.41
CA TYR A 38 -25.58 11.82 -6.39
C TYR A 38 -24.63 12.18 -5.27
N ARG A 39 -25.14 12.26 -4.04
CA ARG A 39 -24.30 12.53 -2.87
C ARG A 39 -24.36 11.40 -1.85
N SER A 40 -24.99 10.28 -2.19
CA SER A 40 -25.12 9.15 -1.29
C SER A 40 -23.85 8.32 -1.16
N GLY A 41 -22.94 8.41 -2.13
CA GLY A 41 -21.69 7.69 -2.09
C GLY A 41 -21.34 6.85 -3.31
N GLY A 42 -21.99 7.07 -4.45
CA GLY A 42 -21.60 6.38 -5.66
C GLY A 42 -20.34 6.95 -6.28
N ASP A 43 -19.75 6.18 -7.18
CA ASP A 43 -18.55 6.63 -7.87
C ASP A 43 -18.43 5.90 -9.21
N GLY A 44 -18.03 6.62 -10.24
CA GLY A 44 -17.92 6.03 -11.56
C GLY A 44 -16.80 5.02 -11.69
N ASP A 45 -15.63 5.32 -11.10
CA ASP A 45 -14.46 4.47 -11.29
C ASP A 45 -14.65 3.10 -10.66
N TYR A 46 -15.33 3.04 -9.51
CA TYR A 46 -15.61 1.76 -8.88
C TYR A 46 -16.46 0.88 -9.77
N LEU A 47 -17.47 1.47 -10.43
CA LEU A 47 -18.32 0.70 -11.31
C LEU A 47 -17.58 0.29 -12.58
N LYS A 48 -16.74 1.17 -13.12
CA LYS A 48 -15.98 0.84 -14.33
C LYS A 48 -14.97 -0.27 -14.07
N ASN A 49 -14.34 -0.26 -12.89
CA ASN A 49 -13.34 -1.26 -12.59
C ASN A 49 -13.94 -2.66 -12.58
N ASN A 50 -15.14 -2.80 -12.01
CA ASN A 50 -15.85 -4.08 -12.04
C ASN A 50 -17.36 -3.84 -12.09
N ILE A 51 -18.00 -4.36 -13.13
CA ILE A 51 -19.44 -4.18 -13.30
C ILE A 51 -20.22 -5.08 -12.34
N CYS A 52 -19.61 -6.15 -11.84
CA CYS A 52 -20.29 -7.14 -11.03
C CYS A 52 -20.48 -6.71 -9.58
N LYS A 53 -19.84 -5.64 -9.14
CA LYS A 53 -19.86 -5.23 -7.74
C LYS A 53 -20.65 -3.94 -7.53
N ILE A 54 -21.75 -3.78 -8.25
CA ILE A 54 -22.60 -2.61 -8.08
C ILE A 54 -23.51 -2.82 -6.88
N THR A 55 -23.64 -1.79 -6.05
CA THR A 55 -24.44 -1.83 -4.83
C THR A 55 -25.47 -0.71 -4.84
N VAL A 56 -26.32 -0.69 -3.81
CA VAL A 56 -27.33 0.34 -3.67
C VAL A 56 -26.74 1.70 -3.33
N ASN A 57 -25.45 1.76 -3.00
CA ASN A 57 -24.80 3.02 -2.69
C ASN A 57 -24.72 3.96 -3.90
N HIS A 58 -24.97 3.44 -5.11
CA HIS A 58 -25.01 4.27 -6.30
C HIS A 58 -26.19 5.23 -6.29
N SER A 59 -27.13 5.06 -5.38
CA SER A 59 -28.17 6.02 -5.07
C SER A 59 -28.33 6.01 -3.56
N ASP A 60 -29.45 6.56 -3.06
CA ASP A 60 -29.64 6.64 -1.61
C ASP A 60 -29.51 5.26 -0.97
N SER A 61 -28.77 5.19 0.12
CA SER A 61 -28.24 3.93 0.64
C SER A 61 -29.31 3.17 1.43
N GLY A 62 -29.43 1.89 1.09
CA GLY A 62 -30.23 0.97 1.88
C GLY A 62 -31.71 0.98 1.59
N LYS A 63 -32.17 1.90 0.74
CA LYS A 63 -33.60 2.15 0.55
C LYS A 63 -34.06 1.93 -0.89
N TYR A 64 -33.31 1.16 -1.68
CA TYR A 64 -33.71 0.83 -3.05
C TYR A 64 -33.66 -0.68 -3.27
N ASP A 65 -34.80 -1.24 -3.71
CA ASP A 65 -34.95 -2.54 -4.34
C ASP A 65 -36.40 -2.66 -4.81
N PRO A 66 -36.68 -3.38 -5.90
CA PRO A 66 -37.99 -3.27 -6.55
C PRO A 66 -39.16 -3.68 -5.65
N CYS A 67 -40.35 -3.19 -6.04
CA CYS A 67 -41.63 -3.57 -5.43
C CYS A 67 -41.67 -3.22 -3.94
N GLU A 68 -41.75 -1.91 -3.68
CA GLU A 68 -41.75 -1.33 -2.34
C GLU A 68 -42.89 -1.83 -1.46
N LYS A 69 -43.75 -2.71 -1.98
CA LYS A 69 -44.86 -3.27 -1.22
C LYS A 69 -44.42 -3.70 0.18
N LYS A 70 -45.19 -3.29 1.19
CA LYS A 70 -44.76 -3.35 2.59
C LYS A 70 -45.27 -4.59 3.32
N LEU A 71 -45.38 -5.74 2.63
CA LEU A 71 -45.79 -6.98 3.27
C LEU A 71 -44.80 -7.35 4.38
N PRO A 72 -45.22 -7.34 5.64
CA PRO A 72 -44.30 -7.67 6.73
C PRO A 72 -43.97 -9.15 6.74
N PRO A 73 -42.71 -9.51 7.01
CA PRO A 73 -42.28 -10.90 6.83
C PRO A 73 -42.93 -11.92 7.76
N TYR A 74 -42.77 -11.74 9.07
CA TYR A 74 -43.10 -12.81 10.03
C TYR A 74 -44.51 -12.67 10.60
N ASP A 75 -45.51 -12.47 9.74
CA ASP A 75 -46.89 -12.68 10.16
C ASP A 75 -47.75 -13.42 9.13
N ASP A 76 -47.47 -13.30 7.84
CA ASP A 76 -48.27 -13.89 6.79
C ASP A 76 -47.42 -14.03 5.54
N ASN A 77 -47.89 -14.88 4.62
CA ASN A 77 -47.23 -15.06 3.33
C ASN A 77 -48.27 -15.23 2.25
N ASP A 78 -47.98 -14.65 1.07
CA ASP A 78 -48.86 -14.73 -0.10
C ASP A 78 -50.25 -14.18 0.21
N GLN A 79 -50.28 -12.89 0.56
CA GLN A 79 -51.52 -12.18 0.85
C GLN A 79 -51.51 -10.86 0.08
N TRP A 80 -52.31 -10.80 -0.98
CA TRP A 80 -52.39 -9.60 -1.81
C TRP A 80 -53.81 -9.42 -2.31
N LYS A 81 -54.21 -8.15 -2.45
CA LYS A 81 -55.54 -7.78 -2.96
C LYS A 81 -55.32 -6.62 -3.95
N CYS A 82 -55.08 -6.95 -5.22
CA CYS A 82 -54.69 -5.92 -6.17
C CYS A 82 -55.46 -5.95 -7.48
N GLN A 83 -55.91 -7.14 -7.92
CA GLN A 83 -56.28 -7.33 -9.31
C GLN A 83 -57.73 -6.94 -9.62
N GLN A 84 -58.70 -7.64 -9.04
CA GLN A 84 -60.09 -7.44 -9.42
C GLN A 84 -61.00 -8.30 -8.55
N ASN A 85 -62.25 -7.87 -8.42
CA ASN A 85 -63.30 -8.65 -7.79
C ASN A 85 -64.65 -8.06 -8.21
N SER A 86 -65.72 -8.80 -7.91
CA SER A 86 -67.06 -8.38 -8.28
C SER A 86 -68.08 -8.48 -7.16
N SER A 87 -67.88 -9.33 -6.16
CA SER A 87 -68.85 -9.52 -5.09
C SER A 87 -68.40 -8.95 -3.75
N ASP A 88 -67.10 -8.76 -3.56
CA ASP A 88 -66.52 -8.27 -2.31
C ASP A 88 -65.64 -7.06 -2.56
N GLY A 89 -66.19 -6.08 -3.29
CA GLY A 89 -65.47 -4.90 -3.73
C GLY A 89 -64.55 -4.23 -2.71
N SER A 90 -64.88 -4.37 -1.43
CA SER A 90 -63.99 -3.88 -0.38
C SER A 90 -62.79 -4.81 -0.27
N GLY A 91 -61.70 -4.48 -0.96
CA GLY A 91 -60.56 -5.36 -1.05
C GLY A 91 -60.77 -6.42 -2.13
N LYS A 92 -59.73 -7.23 -2.33
CA LYS A 92 -59.75 -8.32 -3.31
C LYS A 92 -59.27 -9.58 -2.63
N PRO A 93 -60.13 -10.22 -1.81
CA PRO A 93 -59.69 -11.37 -1.02
C PRO A 93 -59.16 -12.53 -1.87
N GLU A 94 -60.00 -13.06 -2.76
CA GLU A 94 -59.58 -14.18 -3.60
C GLU A 94 -60.46 -14.19 -4.85
N ASN A 95 -59.91 -13.71 -5.97
CA ASN A 95 -60.61 -13.75 -7.24
C ASN A 95 -59.73 -14.17 -8.41
N ILE A 96 -58.43 -14.37 -8.19
CA ILE A 96 -57.52 -14.78 -9.25
C ILE A 96 -56.38 -15.57 -8.62
N CYS A 97 -55.87 -16.56 -9.35
CA CYS A 97 -54.80 -17.44 -8.86
C CYS A 97 -53.48 -16.96 -9.46
N VAL A 98 -52.80 -16.08 -8.75
CA VAL A 98 -51.50 -15.58 -9.21
C VAL A 98 -50.43 -16.62 -8.90
N PRO A 99 -49.69 -17.12 -9.90
CA PRO A 99 -48.66 -18.11 -9.62
C PRO A 99 -47.46 -17.47 -8.95
N PRO A 100 -46.60 -18.27 -8.32
CA PRO A 100 -45.36 -17.72 -7.75
C PRO A 100 -44.30 -17.46 -8.82
N ARG A 101 -44.73 -17.43 -10.07
CA ARG A 101 -43.82 -17.27 -11.21
C ARG A 101 -42.94 -16.04 -11.05
N ARG A 102 -43.55 -14.86 -10.92
CA ARG A 102 -42.80 -13.63 -10.81
C ARG A 102 -42.75 -13.07 -9.40
N GLU A 103 -43.60 -13.56 -8.49
CA GLU A 103 -43.65 -13.03 -7.14
C GLU A 103 -42.38 -13.31 -6.34
N ARG A 104 -41.55 -14.25 -6.79
CA ARG A 104 -40.35 -14.63 -6.06
C ARG A 104 -39.13 -13.80 -6.46
N LEU A 105 -39.30 -12.87 -7.40
CA LEU A 105 -38.21 -12.01 -7.84
C LEU A 105 -37.78 -11.09 -6.69
N CYS A 106 -36.71 -10.32 -6.92
CA CYS A 106 -36.24 -9.37 -5.92
C CYS A 106 -37.22 -8.20 -5.85
N THR A 107 -38.38 -8.45 -5.24
CA THR A 107 -39.53 -7.55 -5.31
C THR A 107 -40.15 -7.37 -3.94
N TYR A 108 -39.36 -7.02 -2.92
CA TYR A 108 -39.83 -7.06 -1.54
C TYR A 108 -39.85 -5.70 -0.87
N ASN A 109 -38.71 -4.99 -0.78
CA ASN A 109 -38.64 -3.95 0.25
C ASN A 109 -38.97 -2.51 -0.16
N LEU A 110 -38.14 -1.90 -1.01
CA LEU A 110 -37.97 -0.44 -0.94
C LEU A 110 -37.83 0.21 -2.32
N GLU A 111 -38.75 -0.09 -3.25
CA GLU A 111 -38.74 0.60 -4.54
C GLU A 111 -39.27 2.03 -4.36
N ASN A 112 -38.41 2.88 -3.80
CA ASN A 112 -38.70 4.32 -3.71
C ASN A 112 -38.09 5.09 -4.88
N LEU A 113 -38.32 4.62 -6.10
CA LEU A 113 -37.66 5.19 -7.28
C LEU A 113 -38.50 6.35 -7.80
N LYS A 114 -38.23 7.54 -7.27
CA LYS A 114 -38.90 8.76 -7.74
C LYS A 114 -37.99 9.96 -7.89
N PHE A 115 -36.74 9.91 -7.43
CA PHE A 115 -35.92 11.10 -7.33
C PHE A 115 -35.48 11.59 -8.71
N ASP A 116 -35.28 12.90 -8.81
CA ASP A 116 -34.94 13.58 -10.06
C ASP A 116 -33.43 13.64 -10.23
N LYS A 117 -32.95 14.50 -11.13
CA LYS A 117 -31.55 14.70 -11.53
C LYS A 117 -31.07 13.54 -12.41
N ILE A 118 -31.93 12.59 -12.72
CA ILE A 118 -31.63 11.54 -13.69
C ILE A 118 -31.85 12.13 -15.09
N ARG A 119 -30.76 12.37 -15.81
CA ARG A 119 -30.79 13.17 -17.01
C ARG A 119 -30.19 12.51 -18.25
N ASP A 120 -29.21 11.62 -18.08
CA ASP A 120 -28.49 11.05 -19.21
C ASP A 120 -28.48 9.53 -19.12
N ASN A 121 -27.88 8.91 -20.13
CA ASN A 121 -27.78 7.46 -20.15
C ASN A 121 -26.95 6.93 -18.97
N ASN A 122 -26.00 7.72 -18.48
CA ASN A 122 -25.21 7.31 -17.33
C ASN A 122 -26.09 7.10 -16.12
N ALA A 123 -26.96 8.07 -15.82
CA ALA A 123 -27.89 7.93 -14.71
C ALA A 123 -29.07 7.03 -15.05
N PHE A 124 -29.43 6.94 -16.33
CA PHE A 124 -30.59 6.14 -16.72
C PHE A 124 -30.40 4.67 -16.41
N LEU A 125 -29.21 4.14 -16.73
CA LEU A 125 -29.00 2.69 -16.65
C LEU A 125 -28.64 2.23 -15.24
N ALA A 126 -28.45 3.17 -14.30
CA ALA A 126 -28.09 2.77 -12.93
C ALA A 126 -29.18 1.94 -12.29
N ASP A 127 -30.44 2.35 -12.44
CA ASP A 127 -31.54 1.59 -11.84
C ASP A 127 -31.67 0.21 -12.50
N VAL A 128 -31.46 0.15 -13.81
CA VAL A 128 -31.50 -1.15 -14.50
C VAL A 128 -30.39 -2.06 -13.98
N LEU A 129 -29.20 -1.51 -13.78
CA LEU A 129 -28.10 -2.30 -13.24
C LEU A 129 -28.42 -2.79 -11.83
N LEU A 130 -28.97 -1.92 -10.98
CA LEU A 130 -29.34 -2.35 -9.63
C LEU A 130 -30.38 -3.46 -9.68
N THR A 131 -31.41 -3.31 -10.52
CA THR A 131 -32.44 -4.33 -10.61
C THR A 131 -31.87 -5.65 -11.10
N ALA A 132 -31.01 -5.60 -12.12
CA ALA A 132 -30.45 -6.83 -12.66
C ALA A 132 -29.56 -7.53 -11.63
N ARG A 133 -28.71 -6.77 -10.95
CA ARG A 133 -27.82 -7.36 -9.95
C ARG A 133 -28.62 -7.96 -8.80
N ASN A 134 -29.65 -7.24 -8.34
CA ASN A 134 -30.46 -7.74 -7.23
C ASN A 134 -31.26 -8.98 -7.62
N GLU A 135 -31.84 -8.98 -8.82
CA GLU A 135 -32.60 -10.15 -9.25
C GLU A 135 -31.70 -11.35 -9.45
N GLY A 136 -30.48 -11.14 -9.98
CA GLY A 136 -29.54 -12.24 -10.09
C GLY A 136 -29.16 -12.81 -8.73
N GLU A 137 -28.89 -11.92 -7.76
CA GLU A 137 -28.54 -12.38 -6.42
C GLU A 137 -29.68 -13.17 -5.81
N LYS A 138 -30.92 -12.70 -5.98
CA LYS A 138 -32.05 -13.39 -5.38
C LYS A 138 -32.38 -14.69 -6.10
N ILE A 139 -32.07 -14.77 -7.39
CA ILE A 139 -32.46 -15.97 -8.15
C ILE A 139 -31.37 -17.04 -8.04
N VAL A 140 -30.15 -16.63 -7.66
CA VAL A 140 -29.05 -17.59 -7.62
C VAL A 140 -28.78 -18.03 -6.18
N GLN A 141 -28.66 -17.08 -5.26
CA GLN A 141 -28.15 -17.39 -3.92
C GLN A 141 -29.08 -18.35 -3.17
N ASN A 142 -30.36 -18.02 -3.10
CA ASN A 142 -31.34 -18.84 -2.39
C ASN A 142 -32.33 -19.41 -3.40
N HIS A 143 -31.96 -20.53 -3.99
CA HIS A 143 -32.77 -21.20 -5.01
C HIS A 143 -33.21 -22.55 -4.46
N PRO A 144 -34.50 -22.76 -4.21
CA PRO A 144 -34.94 -24.00 -3.56
C PRO A 144 -34.67 -25.25 -4.38
N ASP A 145 -34.49 -25.13 -5.69
CA ASP A 145 -34.23 -26.31 -6.52
C ASP A 145 -32.85 -26.88 -6.20
N THR A 146 -32.58 -28.07 -6.73
CA THR A 146 -31.34 -28.78 -6.48
C THR A 146 -30.21 -28.32 -7.39
N ASN A 147 -30.29 -27.10 -7.93
CA ASN A 147 -29.27 -26.54 -8.81
C ASN A 147 -29.08 -27.40 -10.06
N SER A 148 -30.18 -27.82 -10.65
CA SER A 148 -30.16 -28.60 -11.88
C SER A 148 -29.98 -27.66 -13.07
N SER A 149 -30.16 -28.19 -14.29
CA SER A 149 -30.00 -27.40 -15.51
C SER A 149 -31.23 -26.53 -15.74
N ASN A 150 -31.49 -25.64 -14.77
CA ASN A 150 -32.61 -24.72 -14.85
C ASN A 150 -32.26 -23.29 -14.47
N VAL A 151 -31.10 -23.05 -13.86
CA VAL A 151 -30.73 -21.69 -13.47
C VAL A 151 -30.53 -20.81 -14.70
N CYS A 152 -29.97 -21.38 -15.77
CA CYS A 152 -29.84 -20.62 -17.00
C CYS A 152 -31.19 -20.20 -17.55
N ASN A 153 -32.15 -21.12 -17.56
CA ASN A 153 -33.50 -20.79 -18.04
C ASN A 153 -34.16 -19.75 -17.14
N ALA A 154 -33.92 -19.83 -15.83
CA ALA A 154 -34.49 -18.85 -14.91
C ALA A 154 -33.91 -17.46 -15.15
N LEU A 155 -32.59 -17.37 -15.37
CA LEU A 155 -31.98 -16.09 -15.70
C LEU A 155 -32.49 -15.57 -17.03
N GLU A 156 -32.67 -16.46 -18.01
CA GLU A 156 -33.23 -16.03 -19.30
C GLU A 156 -34.64 -15.49 -19.13
N ARG A 157 -35.45 -16.14 -18.30
CA ARG A 157 -36.81 -15.66 -18.04
C ARG A 157 -36.78 -14.30 -17.37
N SER A 158 -35.88 -14.11 -16.39
CA SER A 158 -35.76 -12.82 -15.73
C SER A 158 -35.34 -11.73 -16.71
N PHE A 159 -34.39 -12.05 -17.59
CA PHE A 159 -33.95 -11.06 -18.56
C PHE A 159 -35.05 -10.73 -19.56
N ALA A 160 -35.83 -11.74 -19.96
CA ALA A 160 -36.96 -11.49 -20.85
C ALA A 160 -37.99 -10.58 -20.18
N ASP A 161 -38.25 -10.81 -18.90
CA ASP A 161 -39.15 -9.93 -18.16
C ASP A 161 -38.63 -8.50 -18.11
N LEU A 162 -37.33 -8.35 -17.85
CA LEU A 162 -36.73 -7.02 -17.82
C LEU A 162 -36.82 -6.34 -19.18
N ALA A 163 -36.58 -7.10 -20.26
CA ALA A 163 -36.70 -6.54 -21.60
C ALA A 163 -38.13 -6.12 -21.90
N ASP A 164 -39.11 -6.91 -21.44
CA ASP A 164 -40.51 -6.53 -21.62
C ASP A 164 -40.83 -5.26 -20.85
N ILE A 165 -40.31 -5.12 -19.63
CA ILE A 165 -40.52 -3.89 -18.87
C ILE A 165 -39.94 -2.70 -19.60
N ILE A 166 -38.72 -2.84 -20.13
CA ILE A 166 -38.09 -1.73 -20.85
C ILE A 166 -38.90 -1.39 -22.10
N ARG A 167 -39.31 -2.39 -22.86
CA ARG A 167 -40.10 -2.15 -24.07
C ARG A 167 -41.53 -1.74 -23.75
N GLY A 168 -42.01 -2.02 -22.55
CA GLY A 168 -43.39 -1.75 -22.20
C GLY A 168 -44.38 -2.79 -22.69
N THR A 169 -43.91 -3.88 -23.30
CA THR A 169 -44.79 -4.94 -23.78
C THR A 169 -45.34 -5.80 -22.65
N ASP A 170 -44.74 -5.74 -21.46
CA ASP A 170 -45.22 -6.54 -20.34
C ASP A 170 -46.65 -6.15 -19.98
N GLN A 171 -47.44 -7.15 -19.60
CA GLN A 171 -48.86 -6.95 -19.34
C GLN A 171 -49.20 -6.82 -17.86
N TRP A 172 -48.46 -7.50 -16.98
CA TRP A 172 -48.73 -7.48 -15.54
C TRP A 172 -47.74 -6.51 -14.89
N LYS A 173 -48.17 -5.27 -14.71
CA LYS A 173 -47.33 -4.22 -14.14
C LYS A 173 -47.99 -3.65 -12.89
N GLY A 174 -47.18 -3.36 -11.89
CA GLY A 174 -47.68 -2.82 -10.64
C GLY A 174 -47.31 -1.36 -10.42
N THR A 175 -46.58 -1.08 -9.34
CA THR A 175 -46.19 0.29 -9.04
C THR A 175 -45.17 0.82 -10.05
N ASN A 176 -44.55 -0.07 -10.83
CA ASN A 176 -43.58 0.36 -11.83
C ASN A 176 -44.24 1.07 -13.01
N SER A 177 -45.57 1.06 -13.09
CA SER A 177 -46.26 1.74 -14.19
C SER A 177 -46.00 3.24 -14.19
N ASN A 178 -45.93 3.84 -13.00
CA ASN A 178 -45.67 5.27 -12.91
C ASN A 178 -44.29 5.60 -13.48
N LEU A 179 -43.30 4.76 -13.21
CA LEU A 179 -41.98 4.95 -13.83
C LEU A 179 -42.04 4.69 -15.34
N GLU A 180 -42.79 3.66 -15.75
CA GLU A 180 -42.84 3.31 -17.17
C GLU A 180 -43.39 4.47 -18.00
N LYS A 181 -44.46 5.12 -17.51
CA LYS A 181 -44.92 6.33 -18.18
C LYS A 181 -43.95 7.48 -17.95
N ASN A 182 -43.29 7.51 -16.79
CA ASN A 182 -42.25 8.50 -16.54
C ASN A 182 -41.06 8.30 -17.46
N LEU A 183 -40.66 7.03 -17.66
CA LEU A 183 -39.60 6.75 -18.63
C LEU A 183 -40.02 7.15 -20.04
N LYS A 184 -41.27 6.87 -20.40
CA LYS A 184 -41.78 7.20 -21.72
C LYS A 184 -41.88 8.69 -21.96
N GLN A 185 -42.06 9.49 -20.90
CA GLN A 185 -42.31 10.92 -21.05
C GLN A 185 -41.16 11.77 -20.51
N MET A 186 -40.79 11.61 -19.25
CA MET A 186 -39.75 12.45 -18.67
C MET A 186 -38.40 12.18 -19.30
N PHE A 187 -38.02 10.90 -19.41
CA PHE A 187 -36.76 10.56 -20.04
C PHE A 187 -36.78 10.79 -21.55
N ALA A 188 -37.97 10.83 -22.15
CA ALA A 188 -38.05 11.31 -23.53
C ALA A 188 -37.71 12.80 -23.59
N LYS A 189 -38.35 13.60 -22.75
CA LYS A 189 -38.13 15.04 -22.74
C LYS A 189 -36.71 15.43 -22.37
N ILE A 190 -36.01 14.63 -21.56
CA ILE A 190 -34.64 14.95 -21.19
C ILE A 190 -33.63 14.37 -22.17
N ARG A 191 -34.03 13.45 -23.04
CA ARG A 191 -33.13 12.87 -24.03
C ARG A 191 -33.35 13.41 -25.43
N GLU A 192 -34.47 14.09 -25.69
CA GLU A 192 -34.71 14.67 -27.00
C GLU A 192 -34.15 16.08 -27.15
N ASN A 193 -33.50 16.62 -26.11
CA ASN A 193 -32.97 17.97 -26.20
C ASN A 193 -31.78 18.06 -27.16
N ASP A 194 -30.99 16.99 -27.25
CA ASP A 194 -29.81 16.97 -28.11
C ASP A 194 -30.20 16.65 -29.55
N LYS A 195 -30.91 17.61 -30.16
CA LYS A 195 -31.38 17.45 -31.54
C LYS A 195 -30.22 17.31 -32.52
N VAL A 196 -29.05 17.84 -32.19
CA VAL A 196 -27.91 17.75 -33.10
C VAL A 196 -27.40 16.31 -33.18
N LEU A 197 -27.39 15.59 -32.06
CA LEU A 197 -26.82 14.26 -31.99
C LEU A 197 -27.77 13.16 -32.43
N GLN A 198 -29.02 13.50 -32.78
CA GLN A 198 -30.00 12.51 -33.19
C GLN A 198 -30.69 12.97 -34.47
N ASP A 199 -31.07 12.00 -35.30
CA ASP A 199 -31.57 12.23 -36.66
C ASP A 199 -33.08 12.06 -36.75
N LYS A 200 -33.83 12.57 -35.77
CA LYS A 200 -35.27 12.37 -35.73
C LYS A 200 -36.00 13.33 -36.67
N TYR A 201 -35.57 13.41 -37.93
CA TYR A 201 -36.22 14.32 -38.86
C TYR A 201 -37.65 13.91 -39.20
N PRO A 202 -38.03 12.63 -39.29
CA PRO A 202 -39.45 12.32 -39.51
C PRO A 202 -40.28 12.67 -38.29
N LYS A 203 -41.54 13.04 -38.54
CA LYS A 203 -42.45 13.38 -37.47
C LYS A 203 -42.90 12.13 -36.72
N ASP A 204 -43.03 12.25 -35.39
CA ASP A 204 -42.69 13.48 -34.68
C ASP A 204 -41.27 13.43 -34.14
N GLN A 205 -41.00 12.44 -33.28
CA GLN A 205 -39.67 12.24 -32.73
C GLN A 205 -39.25 10.78 -32.69
N LYS A 206 -40.11 9.85 -33.09
CA LYS A 206 -39.79 8.42 -33.13
C LYS A 206 -39.32 7.91 -31.78
N TYR A 207 -40.18 8.06 -30.77
CA TYR A 207 -39.81 7.65 -29.41
C TYR A 207 -39.54 6.15 -29.35
N THR A 208 -40.47 5.34 -29.84
CA THR A 208 -40.30 3.88 -29.79
C THR A 208 -39.14 3.43 -30.66
N LYS A 209 -39.03 3.98 -31.87
CA LYS A 209 -37.99 3.55 -32.80
C LYS A 209 -36.61 3.97 -32.32
N LEU A 210 -36.53 5.00 -31.47
CA LEU A 210 -35.25 5.38 -30.88
C LEU A 210 -34.93 4.60 -29.61
N ARG A 211 -35.93 4.32 -28.78
CA ARG A 211 -35.66 3.55 -27.56
C ARG A 211 -35.33 2.09 -27.89
N GLU A 212 -35.92 1.53 -28.94
CA GLU A 212 -35.55 0.18 -29.34
C GLU A 212 -34.11 0.14 -29.83
N ALA A 213 -33.68 1.16 -30.57
CA ALA A 213 -32.29 1.25 -31.00
C ALA A 213 -31.36 1.42 -29.80
N TRP A 214 -31.78 2.20 -28.80
CA TRP A 214 -31.00 2.35 -27.58
C TRP A 214 -30.82 1.02 -26.86
N TRP A 215 -31.92 0.25 -26.74
CA TRP A 215 -31.87 -1.05 -26.09
C TRP A 215 -31.00 -2.03 -26.86
N ASN A 216 -31.10 -2.01 -28.19
CA ASN A 216 -30.22 -2.84 -29.02
C ASN A 216 -28.76 -2.42 -28.86
N ALA A 217 -28.51 -1.11 -28.70
CA ALA A 217 -27.15 -0.63 -28.53
C ALA A 217 -26.53 -1.11 -27.23
N ASN A 218 -27.28 -1.03 -26.13
CA ASN A 218 -26.77 -1.50 -24.84
C ASN A 218 -27.28 -2.89 -24.53
N ARG A 219 -27.46 -3.71 -25.57
CA ARG A 219 -27.87 -5.10 -25.40
C ARG A 219 -26.89 -5.88 -24.53
N GLN A 220 -25.58 -5.71 -24.76
CA GLN A 220 -24.60 -6.50 -24.02
C GLN A 220 -24.53 -6.09 -22.55
N LYS A 221 -24.40 -4.78 -22.29
CA LYS A 221 -24.12 -4.30 -20.94
C LYS A 221 -25.07 -4.90 -19.92
N VAL A 222 -26.38 -4.80 -20.18
CA VAL A 222 -27.35 -5.39 -19.27
C VAL A 222 -27.17 -6.90 -19.18
N TRP A 223 -26.66 -7.53 -20.24
CA TRP A 223 -26.47 -8.97 -20.21
C TRP A 223 -25.40 -9.37 -19.19
N GLU A 224 -24.21 -8.74 -19.25
CA GLU A 224 -23.21 -9.12 -18.25
C GLU A 224 -23.61 -8.63 -16.86
N VAL A 225 -24.37 -7.54 -16.78
CA VAL A 225 -24.85 -7.11 -15.47
C VAL A 225 -25.75 -8.17 -14.84
N ILE A 226 -26.71 -8.69 -15.62
CA ILE A 226 -27.65 -9.65 -15.05
C ILE A 226 -26.97 -10.99 -14.82
N THR A 227 -25.97 -11.34 -15.63
CA THR A 227 -25.26 -12.60 -15.44
C THR A 227 -24.05 -12.48 -14.52
N CYS A 228 -23.82 -11.31 -13.94
CA CYS A 228 -22.66 -11.11 -13.07
C CYS A 228 -22.71 -12.02 -11.86
N GLY A 229 -23.88 -12.15 -11.23
CA GLY A 229 -23.99 -12.93 -10.01
C GLY A 229 -24.06 -14.43 -10.21
N ALA A 230 -24.20 -14.88 -11.46
CA ALA A 230 -24.32 -16.31 -11.71
C ALA A 230 -22.99 -17.02 -11.48
N ARG A 231 -23.07 -18.30 -11.12
CA ARG A 231 -21.90 -19.12 -10.88
C ARG A 231 -21.31 -19.60 -12.21
N SER A 232 -20.01 -19.91 -12.20
CA SER A 232 -19.35 -20.34 -13.42
C SER A 232 -19.89 -21.67 -13.93
N ASN A 233 -20.61 -22.42 -13.09
CA ASN A 233 -21.19 -23.69 -13.49
C ASN A 233 -22.57 -23.53 -14.11
N ASP A 234 -22.86 -22.37 -14.69
CA ASP A 234 -24.17 -22.13 -15.31
C ASP A 234 -24.39 -23.07 -16.49
N LEU A 235 -23.42 -23.14 -17.40
CA LEU A 235 -23.50 -24.00 -18.59
C LEU A 235 -24.75 -23.66 -19.41
N LEU A 236 -24.77 -22.43 -19.93
CA LEU A 236 -25.93 -21.92 -20.63
C LEU A 236 -26.15 -22.68 -21.94
N ILE A 237 -27.27 -22.38 -22.59
CA ILE A 237 -27.72 -23.02 -23.83
C ILE A 237 -28.02 -24.49 -23.54
N LYS A 238 -29.31 -24.84 -23.57
CA LYS A 238 -29.77 -26.16 -23.14
C LYS A 238 -29.24 -27.30 -24.00
N ARG A 239 -28.89 -27.05 -25.26
CA ARG A 239 -28.41 -28.11 -26.14
C ARG A 239 -27.09 -28.66 -25.60
N GLY A 240 -27.11 -29.88 -25.10
CA GLY A 240 -25.92 -30.45 -24.48
C GLY A 240 -25.29 -31.59 -25.26
N TRP A 241 -25.54 -31.64 -26.57
CA TRP A 241 -24.95 -32.69 -27.39
C TRP A 241 -23.44 -32.50 -27.52
N ARG A 242 -22.73 -33.61 -27.65
CA ARG A 242 -21.27 -33.61 -27.60
C ARG A 242 -20.71 -33.00 -28.88
N THR A 243 -20.15 -31.78 -28.76
CA THR A 243 -19.42 -31.10 -29.82
C THR A 243 -20.22 -30.92 -31.10
N SER A 244 -21.55 -31.01 -31.03
CA SER A 244 -22.40 -30.87 -32.21
C SER A 244 -23.82 -30.57 -31.75
N GLY A 245 -24.75 -30.58 -32.70
CA GLY A 245 -26.15 -30.34 -32.37
C GLY A 245 -27.01 -30.53 -33.61
N LYS A 246 -28.32 -30.41 -33.39
CA LYS A 246 -29.28 -30.51 -34.48
C LYS A 246 -29.24 -29.29 -35.40
N SER A 247 -28.51 -28.24 -35.02
CA SER A 247 -28.43 -27.01 -35.80
C SER A 247 -26.98 -26.69 -36.11
N ASP A 248 -26.24 -27.67 -36.64
CA ASP A 248 -24.82 -27.53 -36.92
C ASP A 248 -24.53 -26.26 -37.70
N ARG A 249 -23.55 -25.49 -37.21
CA ARG A 249 -23.20 -24.20 -37.76
C ARG A 249 -21.68 -24.11 -37.91
N LYS A 250 -21.20 -22.93 -38.28
CA LYS A 250 -19.77 -22.69 -38.45
C LYS A 250 -19.11 -22.47 -37.09
N LYS A 251 -17.78 -22.41 -37.12
CA LYS A 251 -16.97 -22.25 -35.90
C LYS A 251 -16.75 -20.77 -35.65
N ASN A 252 -17.29 -20.26 -34.55
CA ASN A 252 -17.11 -18.86 -34.16
C ASN A 252 -16.34 -18.71 -32.87
N PHE A 253 -16.80 -19.34 -31.79
CA PHE A 253 -16.14 -19.25 -30.49
C PHE A 253 -16.67 -20.40 -29.63
N GLU A 254 -16.13 -20.53 -28.41
CA GLU A 254 -16.54 -21.61 -27.51
C GLU A 254 -17.83 -21.25 -26.77
N LEU A 255 -18.93 -21.31 -27.51
CA LEU A 255 -20.26 -21.23 -26.93
C LEU A 255 -20.77 -22.60 -26.49
N CYS A 256 -19.92 -23.63 -26.54
CA CYS A 256 -20.34 -25.01 -26.32
C CYS A 256 -19.64 -25.56 -25.08
N ARG A 257 -20.36 -25.63 -23.96
CA ARG A 257 -21.72 -25.09 -23.87
C ARG A 257 -21.72 -24.02 -22.79
N LYS A 258 -20.66 -23.21 -22.77
CA LYS A 258 -20.42 -22.28 -21.68
C LYS A 258 -19.83 -21.00 -22.28
N CYS A 259 -19.22 -20.17 -21.43
CA CYS A 259 -18.58 -18.91 -21.84
C CYS A 259 -19.61 -17.91 -22.37
N GLY A 260 -20.65 -17.68 -21.57
CA GLY A 260 -21.61 -16.63 -21.85
C GLY A 260 -21.45 -15.46 -20.92
N HIS A 261 -20.93 -15.73 -19.72
CA HIS A 261 -20.69 -14.66 -18.75
C HIS A 261 -19.62 -13.70 -19.25
N TYR A 262 -18.54 -14.24 -19.81
CA TYR A 262 -17.43 -13.45 -20.33
C TYR A 262 -17.49 -13.31 -21.84
N GLU A 263 -18.60 -13.70 -22.47
CA GLU A 263 -18.70 -13.70 -23.92
C GLU A 263 -18.58 -12.29 -24.50
N LYS A 264 -19.06 -11.28 -23.77
CA LYS A 264 -19.16 -9.89 -24.21
C LYS A 264 -20.09 -9.73 -25.40
N GLU A 265 -20.82 -10.77 -25.79
CA GLU A 265 -21.79 -10.72 -26.87
C GLU A 265 -22.97 -11.58 -26.46
N VAL A 266 -24.15 -11.25 -27.01
CA VAL A 266 -25.38 -11.97 -26.63
C VAL A 266 -25.31 -13.42 -27.11
N PRO A 267 -25.47 -14.38 -26.20
CA PRO A 267 -25.58 -15.79 -26.63
C PRO A 267 -26.99 -16.14 -27.06
N THR A 268 -27.98 -15.54 -26.39
CA THR A 268 -29.38 -15.86 -26.64
C THR A 268 -29.92 -14.96 -27.74
N LYS A 269 -29.95 -15.47 -28.98
CA LYS A 269 -30.50 -14.73 -30.10
C LYS A 269 -32.01 -14.83 -30.19
N LEU A 270 -32.65 -15.60 -29.29
CA LEU A 270 -34.10 -15.75 -29.33
C LEU A 270 -34.83 -14.50 -28.86
N ASP A 271 -34.12 -13.52 -28.30
CA ASP A 271 -34.77 -12.28 -27.89
C ASP A 271 -34.96 -11.31 -29.04
N TYR A 272 -34.29 -11.55 -30.17
CA TYR A 272 -34.41 -10.66 -31.33
C TYR A 272 -35.64 -10.96 -32.18
N VAL A 273 -36.34 -12.05 -31.92
CA VAL A 273 -37.60 -12.35 -32.59
C VAL A 273 -38.60 -11.31 -32.08
N PRO A 274 -39.63 -10.94 -32.86
CA PRO A 274 -40.67 -10.05 -32.33
C PRO A 274 -41.16 -10.45 -30.94
N GLN A 275 -40.94 -9.56 -29.97
CA GLN A 275 -41.20 -9.89 -28.57
C GLN A 275 -42.68 -10.09 -28.28
N PHE A 276 -43.57 -9.60 -29.15
CA PHE A 276 -45.00 -9.81 -28.93
C PHE A 276 -45.35 -11.30 -28.96
N LEU A 277 -44.77 -12.05 -29.91
CA LEU A 277 -44.95 -13.49 -29.97
C LEU A 277 -44.05 -14.22 -28.98
N ARG A 278 -42.92 -13.63 -28.60
CA ARG A 278 -41.93 -14.31 -27.78
C ARG A 278 -42.45 -14.66 -26.39
N TRP A 279 -43.56 -14.06 -25.97
CA TRP A 279 -44.00 -14.11 -24.59
C TRP A 279 -44.78 -15.37 -24.24
N LEU A 280 -45.02 -16.28 -25.19
CA LEU A 280 -45.80 -17.48 -24.87
C LEU A 280 -45.07 -18.43 -23.95
N THR A 281 -43.73 -18.43 -23.97
CA THR A 281 -42.95 -19.39 -23.20
C THR A 281 -43.13 -19.23 -21.70
N GLU A 282 -43.57 -18.05 -21.25
CA GLU A 282 -43.74 -17.84 -19.82
C GLU A 282 -44.89 -18.67 -19.26
N TRP A 283 -45.96 -18.83 -20.04
CA TRP A 283 -47.12 -19.57 -19.54
C TRP A 283 -46.89 -21.08 -19.56
N ILE A 284 -46.27 -21.59 -20.61
CA ILE A 284 -46.29 -23.04 -20.90
C ILE A 284 -45.04 -23.73 -20.37
N GLU A 285 -43.86 -23.19 -20.68
CA GLU A 285 -42.62 -23.90 -20.39
C GLU A 285 -42.39 -24.08 -18.90
N ASP A 286 -42.71 -23.06 -18.09
CA ASP A 286 -42.51 -23.18 -16.65
C ASP A 286 -43.39 -24.27 -16.06
N PHE A 287 -44.67 -24.32 -16.46
CA PHE A 287 -45.55 -25.36 -15.99
C PHE A 287 -45.10 -26.74 -16.47
N TYR A 288 -44.66 -26.82 -17.73
CA TYR A 288 -44.16 -28.08 -18.26
C TYR A 288 -42.99 -28.60 -17.42
N ARG A 289 -41.99 -27.75 -17.18
CA ARG A 289 -40.82 -28.17 -16.42
C ARG A 289 -41.18 -28.54 -14.99
N GLU A 290 -42.01 -27.71 -14.34
CA GLU A 290 -42.34 -27.98 -12.95
C GLU A 290 -43.14 -29.27 -12.80
N LYS A 291 -44.06 -29.55 -13.73
CA LYS A 291 -44.83 -30.78 -13.64
C LYS A 291 -43.99 -32.00 -14.01
N GLN A 292 -43.08 -31.87 -14.98
CA GLN A 292 -42.16 -32.97 -15.28
C GLN A 292 -41.30 -33.30 -14.07
N ASN A 293 -40.90 -32.27 -13.31
CA ASN A 293 -40.17 -32.53 -12.07
C ASN A 293 -41.07 -33.16 -11.01
N LEU A 294 -42.29 -32.65 -10.83
CA LEU A 294 -43.15 -33.14 -9.77
C LEU A 294 -43.53 -34.61 -9.98
N ILE A 295 -43.81 -34.99 -11.23
CA ILE A 295 -44.21 -36.37 -11.52
C ILE A 295 -43.10 -37.37 -11.22
N ASP A 296 -41.84 -36.99 -11.34
CA ASP A 296 -40.73 -37.93 -11.27
C ASP A 296 -39.93 -37.84 -9.99
N ASP A 297 -39.77 -36.66 -9.40
CA ASP A 297 -38.83 -36.48 -8.31
C ASP A 297 -39.29 -37.15 -7.01
N MET A 298 -40.56 -36.98 -6.63
CA MET A 298 -41.00 -37.51 -5.35
C MET A 298 -41.24 -39.01 -5.36
N GLU A 299 -40.96 -39.69 -6.46
CA GLU A 299 -41.02 -41.16 -6.48
C GLU A 299 -39.99 -41.71 -5.51
N ARG A 300 -40.46 -42.25 -4.38
CA ARG A 300 -39.58 -42.71 -3.31
C ARG A 300 -39.52 -44.23 -3.23
N HIS A 301 -39.88 -44.93 -4.31
CA HIS A 301 -39.78 -46.39 -4.41
C HIS A 301 -40.68 -47.07 -3.38
N ARG A 302 -40.56 -48.40 -3.28
CA ARG A 302 -41.38 -49.21 -2.40
C ARG A 302 -40.59 -49.68 -1.17
N GLU A 303 -39.68 -48.86 -0.68
CA GLU A 303 -38.87 -49.21 0.48
C GLU A 303 -39.56 -48.91 1.81
N GLU A 304 -40.76 -48.36 1.79
CA GLU A 304 -41.51 -48.04 2.99
C GLU A 304 -42.54 -49.11 3.34
N CYS A 305 -42.26 -50.37 2.98
CA CYS A 305 -43.19 -51.45 3.26
C CYS A 305 -43.27 -51.83 4.74
N THR A 306 -42.33 -51.35 5.56
CA THR A 306 -42.28 -51.63 6.98
C THR A 306 -42.27 -53.15 7.23
N ARG A 307 -41.24 -53.80 6.73
CA ARG A 307 -41.07 -55.24 6.86
C ARG A 307 -40.15 -55.65 8.00
N GLU A 308 -38.95 -55.06 8.06
CA GLU A 308 -38.01 -55.39 9.12
C GLU A 308 -38.53 -54.97 10.48
N ASP A 309 -39.13 -53.78 10.57
CA ASP A 309 -39.66 -53.27 11.81
C ASP A 309 -40.81 -52.31 11.52
N HIS A 310 -41.80 -52.31 12.41
CA HIS A 310 -42.94 -51.40 12.25
C HIS A 310 -42.51 -49.97 12.49
N LYS A 311 -42.90 -49.07 11.58
CA LYS A 311 -42.55 -47.66 11.66
C LYS A 311 -43.83 -46.84 11.71
N SER A 312 -43.90 -45.92 12.68
CA SER A 312 -45.06 -45.05 12.77
C SER A 312 -45.16 -44.13 11.55
N LYS A 313 -44.03 -43.60 11.08
CA LYS A 313 -43.98 -42.77 9.90
C LYS A 313 -43.05 -43.40 8.86
N GLU A 314 -43.45 -43.29 7.60
CA GLU A 314 -42.67 -43.84 6.50
C GLU A 314 -41.92 -42.79 5.70
N GLY A 315 -42.09 -41.51 6.01
CA GLY A 315 -41.49 -40.42 5.26
C GLY A 315 -42.33 -39.98 4.08
N THR A 316 -42.91 -40.93 3.36
CA THR A 316 -43.79 -40.63 2.24
C THR A 316 -44.71 -41.82 2.01
N SER A 317 -46.00 -41.64 2.29
CA SER A 317 -47.01 -42.67 2.08
C SER A 317 -48.01 -42.13 1.07
N TYR A 318 -47.94 -42.63 -0.17
CA TYR A 318 -48.78 -42.15 -1.24
C TYR A 318 -49.82 -43.16 -1.71
N CYS A 319 -49.51 -44.46 -1.68
CA CYS A 319 -50.45 -45.47 -2.13
C CYS A 319 -50.54 -46.62 -1.13
N SER A 320 -49.57 -46.72 -0.24
CA SER A 320 -49.52 -47.84 0.70
C SER A 320 -50.63 -47.75 1.75
N THR A 321 -50.75 -46.59 2.40
CA THR A 321 -51.67 -46.46 3.52
C THR A 321 -52.95 -45.71 3.10
N CYS A 322 -52.80 -44.52 2.53
CA CYS A 322 -53.95 -43.69 2.21
C CYS A 322 -54.82 -44.35 1.14
N LYS A 323 -54.21 -44.85 0.07
CA LYS A 323 -54.95 -45.45 -1.03
C LYS A 323 -55.42 -46.86 -0.72
N ASP A 324 -55.04 -47.42 0.42
CA ASP A 324 -55.61 -48.67 0.91
C ASP A 324 -56.74 -48.45 1.90
N LYS A 325 -56.65 -47.39 2.73
CA LYS A 325 -57.74 -47.03 3.62
C LYS A 325 -58.91 -46.42 2.87
N CYS A 326 -58.64 -45.63 1.85
CA CYS A 326 -59.67 -45.02 1.02
C CYS A 326 -59.23 -45.10 -0.44
N LYS A 327 -59.89 -44.35 -1.31
CA LYS A 327 -59.63 -44.41 -2.74
C LYS A 327 -58.73 -43.29 -3.25
N LYS A 328 -59.20 -42.05 -3.20
CA LYS A 328 -58.46 -40.95 -3.81
C LYS A 328 -58.42 -39.69 -2.97
N TYR A 329 -58.67 -39.77 -1.66
CA TYR A 329 -58.73 -38.57 -0.85
C TYR A 329 -57.38 -37.88 -0.70
N CYS A 330 -56.28 -38.63 -0.81
CA CYS A 330 -54.95 -38.08 -0.61
C CYS A 330 -54.09 -38.10 -1.87
N GLU A 331 -54.58 -38.67 -2.97
CA GLU A 331 -53.81 -38.77 -4.20
C GLU A 331 -54.40 -37.97 -5.35
N CYS A 332 -55.72 -37.81 -5.43
CA CYS A 332 -56.37 -37.10 -6.52
C CYS A 332 -56.24 -35.59 -6.29
N VAL A 333 -55.02 -35.10 -6.52
CA VAL A 333 -54.71 -33.68 -6.40
C VAL A 333 -54.42 -33.02 -7.73
N LYS A 334 -54.48 -33.76 -8.83
CA LYS A 334 -54.21 -33.23 -10.16
C LYS A 334 -55.53 -32.90 -10.84
N LYS A 335 -55.84 -31.60 -10.89
CA LYS A 335 -57.06 -31.12 -11.51
C LYS A 335 -56.87 -29.95 -12.46
N TRP A 336 -55.68 -29.35 -12.49
CA TRP A 336 -55.41 -28.21 -13.36
C TRP A 336 -54.68 -28.67 -14.61
N LYS A 337 -55.46 -29.24 -15.55
CA LYS A 337 -54.97 -29.93 -16.75
C LYS A 337 -55.71 -29.97 -18.28
N THR A 338 -56.93 -29.23 -18.78
CA THR A 338 -57.41 -28.34 -19.99
C THR A 338 -56.95 -26.75 -20.07
N GLU A 339 -56.06 -26.10 -19.13
CA GLU A 339 -54.72 -25.30 -19.08
C GLU A 339 -53.31 -26.09 -18.72
N TRP A 340 -53.20 -27.38 -18.10
CA TRP A 340 -52.08 -28.43 -18.19
C TRP A 340 -52.29 -29.87 -18.79
N GLU A 341 -53.16 -30.87 -18.30
CA GLU A 341 -53.60 -32.31 -18.69
C GLU A 341 -55.16 -32.80 -18.59
N ASN A 342 -56.17 -32.14 -17.71
CA ASN A 342 -57.67 -31.87 -17.46
C ASN A 342 -58.19 -30.37 -17.23
N GLN A 343 -57.47 -29.33 -16.55
CA GLN A 343 -57.15 -27.82 -16.97
C GLN A 343 -55.67 -27.55 -17.59
N GLU A 344 -55.26 -28.12 -19.03
CA GLU A 344 -54.29 -28.01 -20.30
C GLU A 344 -54.51 -27.09 -21.50
N ASN A 345 -55.57 -27.33 -22.28
CA ASN A 345 -55.63 -27.00 -23.70
C ASN A 345 -56.30 -25.67 -24.00
N LYS A 346 -56.17 -24.67 -23.14
CA LYS A 346 -56.61 -23.33 -23.54
C LYS A 346 -55.47 -22.54 -24.19
N TYR A 347 -54.78 -23.14 -25.15
CA TYR A 347 -53.66 -22.51 -25.85
C TYR A 347 -53.83 -22.52 -27.36
N LYS A 348 -54.16 -23.68 -27.95
CA LYS A 348 -54.13 -23.87 -29.39
C LYS A 348 -55.45 -24.40 -29.94
N ASP A 349 -56.58 -24.05 -29.32
CA ASP A 349 -57.88 -24.49 -29.77
C ASP A 349 -58.63 -23.38 -30.50
N LEU A 350 -57.88 -22.58 -31.27
CA LEU A 350 -58.45 -21.49 -32.04
C LEU A 350 -58.56 -21.78 -33.53
N TYR A 351 -58.74 -23.05 -33.90
CA TYR A 351 -58.84 -23.43 -35.30
C TYR A 351 -60.25 -23.30 -35.85
N GLU A 352 -61.22 -22.87 -35.04
CA GLU A 352 -62.59 -22.70 -35.52
C GLU A 352 -62.66 -21.67 -36.63
N GLN A 353 -61.94 -20.57 -36.49
CA GLN A 353 -61.91 -19.51 -37.50
C GLN A 353 -60.72 -19.78 -38.43
N ASN A 354 -60.98 -20.55 -39.49
CA ASN A 354 -59.94 -20.82 -40.47
C ASN A 354 -59.62 -19.57 -41.28
N LYS A 355 -58.43 -19.55 -41.89
CA LYS A 355 -57.95 -18.47 -42.75
C LYS A 355 -58.21 -17.10 -42.13
N ASN A 356 -57.50 -16.78 -41.05
CA ASN A 356 -57.79 -15.61 -40.22
C ASN A 356 -56.50 -14.74 -40.17
N LYS A 357 -56.37 -13.44 -41.03
CA LYS A 357 -55.56 -12.11 -41.63
C LYS A 357 -55.83 -10.72 -41.03
N THR A 358 -57.07 -10.23 -41.14
CA THR A 358 -57.43 -8.92 -40.60
C THR A 358 -58.31 -9.12 -39.36
N SER A 359 -57.89 -8.52 -38.25
CA SER A 359 -58.63 -8.58 -37.00
C SER A 359 -59.39 -7.28 -36.79
N GLN A 360 -60.70 -7.39 -36.61
CA GLN A 360 -61.55 -6.22 -36.45
C GLN A 360 -62.01 -5.98 -35.02
N LYS A 361 -61.62 -6.83 -34.07
CA LYS A 361 -62.01 -6.69 -32.67
C LYS A 361 -60.79 -6.58 -31.77
N ASN A 362 -59.75 -5.87 -32.24
CA ASN A 362 -58.53 -5.68 -31.47
C ASN A 362 -58.03 -4.27 -31.71
N THR A 363 -56.97 -3.90 -31.00
CA THR A 363 -56.38 -2.58 -31.12
C THR A 363 -55.39 -2.54 -32.27
N SER A 364 -55.21 -1.35 -32.84
CA SER A 364 -54.32 -1.14 -33.99
C SER A 364 -53.08 -0.40 -33.49
N ARG A 365 -51.97 -1.14 -33.38
CA ARG A 365 -50.69 -0.59 -32.95
C ARG A 365 -49.58 -1.10 -33.88
N TYR A 366 -49.82 -1.00 -35.19
CA TYR A 366 -48.89 -1.48 -36.21
C TYR A 366 -48.61 -2.97 -36.03
N ASP A 367 -49.66 -3.77 -36.18
CA ASP A 367 -49.60 -5.21 -35.94
C ASP A 367 -49.02 -5.99 -37.12
N ASP A 368 -48.29 -5.34 -38.02
CA ASP A 368 -47.67 -6.05 -39.12
C ASP A 368 -46.61 -7.05 -38.63
N TYR A 369 -46.03 -6.82 -37.46
CA TYR A 369 -45.05 -7.74 -36.89
C TYR A 369 -45.68 -9.02 -36.34
N VAL A 370 -46.98 -9.01 -36.08
CA VAL A 370 -47.68 -10.19 -35.55
C VAL A 370 -48.68 -10.76 -36.54
N LYS A 371 -48.76 -10.23 -37.76
CA LYS A 371 -49.63 -10.81 -38.77
C LYS A 371 -49.09 -12.11 -39.35
N ASP A 372 -47.92 -12.55 -38.90
CA ASP A 372 -47.30 -13.75 -39.46
C ASP A 372 -48.14 -15.01 -39.18
N PHE A 373 -48.61 -15.17 -37.95
CA PHE A 373 -49.31 -16.40 -37.59
C PHE A 373 -50.73 -16.47 -38.15
N PHE A 374 -51.13 -15.50 -38.98
CA PHE A 374 -52.43 -15.58 -39.62
C PHE A 374 -52.51 -16.77 -40.55
N GLU A 375 -51.41 -17.04 -41.29
CA GLU A 375 -51.33 -18.15 -42.21
C GLU A 375 -50.15 -19.07 -41.96
N LYS A 376 -49.12 -18.61 -41.23
CA LYS A 376 -47.90 -19.40 -41.04
C LYS A 376 -48.17 -20.70 -40.28
N LEU A 377 -49.02 -20.66 -39.26
CA LEU A 377 -49.24 -21.81 -38.40
C LEU A 377 -50.50 -22.59 -38.72
N GLU A 378 -51.41 -22.04 -39.53
CA GLU A 378 -52.71 -22.67 -39.79
C GLU A 378 -52.70 -23.53 -41.04
N ALA A 379 -52.43 -22.92 -42.20
CA ALA A 379 -52.58 -23.59 -43.49
C ALA A 379 -51.39 -23.30 -44.40
N ASN A 380 -50.18 -23.46 -43.87
CA ASN A 380 -48.97 -23.26 -44.65
C ASN A 380 -47.96 -24.36 -44.31
N TYR A 381 -47.01 -24.56 -45.21
CA TYR A 381 -45.97 -25.55 -45.01
C TYR A 381 -45.08 -25.17 -43.83
N SER A 382 -44.58 -26.19 -43.14
CA SER A 382 -43.72 -26.02 -41.99
C SER A 382 -42.31 -26.55 -42.27
N SER A 383 -41.86 -26.40 -43.51
CA SER A 383 -40.52 -26.83 -43.92
C SER A 383 -39.57 -25.66 -43.74
N LEU A 384 -38.85 -25.66 -42.64
CA LEU A 384 -37.93 -24.57 -42.30
C LEU A 384 -36.70 -25.20 -41.65
N GLU A 385 -35.87 -24.35 -41.02
CA GLU A 385 -34.65 -24.82 -40.39
C GLU A 385 -34.98 -25.65 -39.15
N ASN A 386 -33.95 -26.21 -38.52
CA ASN A 386 -34.12 -27.11 -37.39
C ASN A 386 -34.60 -26.42 -36.13
N TYR A 387 -34.66 -25.08 -36.11
CA TYR A 387 -35.06 -24.37 -34.89
C TYR A 387 -36.51 -24.64 -34.51
N ILE A 388 -37.30 -25.23 -35.40
CA ILE A 388 -38.69 -25.59 -35.10
C ILE A 388 -38.83 -27.08 -34.84
N LYS A 389 -38.03 -27.90 -35.52
CA LYS A 389 -38.11 -29.36 -35.41
C LYS A 389 -36.70 -29.92 -35.21
N GLY A 390 -36.55 -30.73 -34.17
CA GLY A 390 -35.28 -31.41 -33.93
C GLY A 390 -34.41 -30.75 -32.88
N ASP A 391 -34.35 -29.42 -32.90
CA ASP A 391 -33.52 -28.69 -31.94
C ASP A 391 -34.20 -28.60 -30.57
N PRO A 392 -35.48 -28.20 -30.47
CA PRO A 392 -36.13 -28.20 -29.16
C PRO A 392 -36.22 -29.60 -28.57
N TYR A 393 -36.10 -29.68 -27.25
CA TYR A 393 -36.20 -30.95 -26.53
C TYR A 393 -37.66 -31.19 -26.18
N PHE A 394 -38.32 -32.04 -26.96
CA PHE A 394 -39.73 -32.35 -26.74
C PHE A 394 -39.97 -33.77 -26.27
N ALA A 395 -39.04 -34.70 -26.50
CA ALA A 395 -39.18 -36.11 -26.11
C ALA A 395 -37.89 -36.54 -25.44
N GLU A 396 -37.83 -36.36 -24.11
CA GLU A 396 -36.68 -36.80 -23.32
C GLU A 396 -37.12 -37.44 -22.02
N TYR A 397 -38.31 -38.03 -22.00
CA TYR A 397 -38.88 -38.66 -20.80
C TYR A 397 -39.32 -40.08 -21.11
N ALA A 398 -38.46 -40.83 -21.79
CA ALA A 398 -38.73 -42.22 -22.17
C ALA A 398 -39.99 -42.32 -23.03
N THR A 399 -39.93 -41.68 -24.18
CA THR A 399 -41.04 -41.65 -25.13
C THR A 399 -40.88 -42.79 -26.13
N LYS A 400 -41.95 -43.55 -26.33
CA LYS A 400 -41.95 -44.71 -27.22
C LYS A 400 -43.09 -44.60 -28.23
N LEU A 401 -43.20 -43.44 -28.85
CA LEU A 401 -44.24 -43.22 -29.86
C LEU A 401 -43.92 -44.00 -31.14
N SER A 402 -44.98 -44.40 -31.83
CA SER A 402 -44.88 -45.12 -33.11
C SER A 402 -45.70 -44.40 -34.17
N PHE A 403 -45.53 -43.07 -34.25
CA PHE A 403 -46.32 -42.27 -35.18
C PHE A 403 -45.95 -42.51 -36.64
N ILE A 404 -44.76 -43.04 -36.91
CA ILE A 404 -44.29 -43.26 -38.27
C ILE A 404 -43.90 -44.73 -38.42
N LEU A 405 -44.06 -45.24 -39.64
CA LEU A 405 -43.76 -46.63 -39.97
C LEU A 405 -42.65 -46.69 -41.00
N ASN A 406 -41.66 -47.54 -40.75
CA ASN A 406 -40.53 -47.73 -41.67
C ASN A 406 -40.27 -49.22 -41.81
N PRO A 407 -40.82 -49.86 -42.83
CA PRO A 407 -40.60 -51.31 -43.00
C PRO A 407 -39.15 -51.69 -43.20
N SER A 408 -38.36 -50.82 -43.85
CA SER A 408 -36.96 -51.14 -44.09
C SER A 408 -36.15 -51.06 -42.80
N ASP A 409 -35.33 -52.08 -42.56
CA ASP A 409 -34.47 -52.16 -41.38
C ASP A 409 -33.03 -52.33 -41.87
N ALA A 410 -32.35 -51.21 -42.12
CA ALA A 410 -30.98 -51.21 -42.62
C ALA A 410 -29.99 -50.65 -41.60
N ASN A 411 -30.36 -50.62 -40.33
CA ASN A 411 -29.50 -50.09 -39.27
C ASN A 411 -29.12 -51.20 -38.31
N ASN A 412 -27.84 -51.29 -37.98
CA ASN A 412 -27.37 -52.27 -37.04
C ASN A 412 -27.80 -51.90 -35.62
N PRO A 413 -27.93 -52.89 -34.74
CA PRO A 413 -28.31 -52.59 -33.35
C PRO A 413 -27.29 -51.70 -32.67
N SER A 414 -27.80 -50.79 -31.83
CA SER A 414 -26.94 -49.86 -31.12
C SER A 414 -26.09 -50.59 -30.08
N GLY A 415 -24.87 -50.10 -29.89
CA GLY A 415 -23.96 -50.68 -28.93
C GLY A 415 -23.12 -49.65 -28.19
N GLN A 496 -31.21 -34.96 9.12
CA GLN A 496 -31.30 -36.10 8.23
C GLN A 496 -29.91 -36.69 7.97
N ASP A 497 -28.92 -35.80 7.86
CA ASP A 497 -27.55 -36.20 7.58
C ASP A 497 -26.59 -35.58 8.60
N LEU A 498 -25.46 -36.25 8.79
CA LEU A 498 -24.41 -35.76 9.67
C LEU A 498 -23.47 -34.83 8.90
N LEU A 499 -22.79 -33.97 9.65
CA LEU A 499 -21.81 -33.03 9.07
C LEU A 499 -20.75 -32.77 10.13
N GLY A 500 -19.63 -33.50 10.02
CA GLY A 500 -18.55 -33.31 10.98
C GLY A 500 -17.72 -32.09 10.64
N ILE A 501 -16.68 -31.88 11.44
CA ILE A 501 -15.72 -30.83 11.21
C ILE A 501 -14.31 -31.39 11.44
N LEU A 502 -13.37 -30.89 10.64
CA LEU A 502 -11.98 -31.31 10.76
C LEU A 502 -11.08 -30.09 10.66
N GLN A 503 -9.88 -30.22 11.20
CA GLN A 503 -8.90 -29.13 11.22
C GLN A 503 -7.54 -29.69 10.79
N GLU A 504 -7.52 -30.43 9.69
CA GLU A 504 -6.27 -30.98 9.19
C GLU A 504 -5.32 -29.85 8.80
N ASN A 505 -4.06 -30.00 9.21
CA ASN A 505 -3.07 -28.93 9.06
C ASN A 505 -2.34 -29.10 7.74
N CYS A 506 -2.54 -28.15 6.83
CA CYS A 506 -1.78 -28.13 5.59
C CYS A 506 -0.37 -27.63 5.87
N SER A 507 0.61 -28.29 5.27
CA SER A 507 2.02 -27.89 5.35
C SER A 507 2.48 -27.57 3.94
N ASP A 508 2.19 -26.36 3.48
CA ASP A 508 2.61 -25.92 2.15
C ASP A 508 3.96 -25.21 2.20
N ASN A 509 4.94 -25.87 2.80
CA ASN A 509 6.29 -25.34 2.92
C ASN A 509 7.20 -26.43 3.47
N LYS A 510 8.50 -26.16 3.46
CA LYS A 510 9.49 -27.04 4.05
C LYS A 510 10.31 -26.35 5.13
N ARG A 511 10.08 -25.07 5.38
CA ARG A 511 10.85 -24.31 6.37
C ARG A 511 10.19 -24.44 7.74
N GLY A 512 10.57 -23.55 8.67
CA GLY A 512 10.12 -23.67 10.04
C GLY A 512 8.60 -23.69 10.19
N SER A 513 7.88 -23.09 9.25
CA SER A 513 6.41 -23.08 9.23
C SER A 513 5.86 -22.49 10.53
N SER A 514 6.19 -21.22 10.73
CA SER A 514 5.82 -20.46 11.93
C SER A 514 4.31 -20.26 12.08
N SER A 515 3.50 -20.73 11.14
CA SER A 515 2.05 -20.68 11.26
C SER A 515 1.48 -22.03 10.84
N ASN A 516 0.16 -22.14 10.82
CA ASN A 516 -0.49 -23.39 10.48
C ASN A 516 -1.56 -23.17 9.41
N ASP A 517 -2.38 -24.19 9.16
CA ASP A 517 -3.47 -24.09 8.20
C ASP A 517 -4.59 -25.01 8.67
N SER A 518 -5.72 -24.95 7.96
CA SER A 518 -6.89 -25.73 8.36
C SER A 518 -7.81 -25.90 7.15
N CYS A 519 -8.91 -26.61 7.38
CA CYS A 519 -9.97 -26.82 6.40
C CYS A 519 -11.25 -27.10 7.17
N ASP A 520 -12.29 -27.54 6.46
CA ASP A 520 -13.60 -27.71 7.09
C ASP A 520 -14.27 -28.95 6.52
N ASN A 521 -15.57 -29.07 6.80
CA ASN A 521 -16.48 -30.08 6.26
C ASN A 521 -16.19 -31.48 6.79
N LYS A 522 -16.26 -32.47 5.90
CA LYS A 522 -16.31 -33.91 6.17
C LYS A 522 -17.74 -34.30 6.54
N ASN A 523 -18.24 -35.36 5.91
CA ASN A 523 -19.66 -35.71 5.92
C ASN A 523 -19.96 -36.98 6.70
N GLN A 524 -19.10 -38.00 6.60
CA GLN A 524 -19.29 -39.35 7.15
C GLN A 524 -20.67 -39.92 6.81
N ASP A 525 -21.32 -39.34 5.81
CA ASP A 525 -22.57 -39.87 5.28
C ASP A 525 -22.41 -40.30 3.83
N GLU A 526 -21.90 -39.41 2.98
CA GLU A 526 -21.62 -39.73 1.59
C GLU A 526 -20.25 -40.40 1.51
N CYS A 527 -20.24 -41.72 1.44
CA CYS A 527 -19.01 -42.51 1.45
C CYS A 527 -19.32 -43.88 0.85
N GLN A 528 -18.39 -44.81 1.00
CA GLN A 528 -18.65 -46.18 0.56
C GLN A 528 -19.49 -46.93 1.59
N LYS A 529 -18.90 -47.15 2.78
CA LYS A 529 -19.51 -47.85 3.91
C LYS A 529 -18.46 -48.13 4.96
N LYS A 530 -17.85 -49.31 4.89
CA LYS A 530 -16.78 -49.74 5.76
C LYS A 530 -16.01 -50.83 5.01
N LEU A 531 -15.15 -51.57 5.74
CA LEU A 531 -14.39 -52.68 5.18
C LEU A 531 -13.53 -52.23 4.00
N GLU A 532 -12.56 -51.38 4.34
CA GLU A 532 -11.68 -50.78 3.35
C GLU A 532 -10.66 -51.81 2.87
N LYS A 533 -9.65 -51.34 2.12
CA LYS A 533 -8.58 -52.18 1.57
C LYS A 533 -9.15 -53.21 0.59
N VAL A 534 -9.83 -52.71 -0.43
CA VAL A 534 -10.31 -53.52 -1.54
C VAL A 534 -9.38 -53.29 -2.74
N PHE A 535 -8.83 -54.38 -3.25
CA PHE A 535 -7.74 -54.34 -4.23
C PHE A 535 -8.14 -55.19 -5.43
N ALA A 536 -7.15 -55.52 -6.26
CA ALA A 536 -7.30 -56.42 -7.40
C ALA A 536 -8.14 -55.81 -8.51
N SER A 537 -8.61 -56.65 -9.43
CA SER A 537 -9.38 -56.28 -10.62
C SER A 537 -8.48 -55.58 -11.64
N LEU A 538 -8.60 -55.98 -12.90
CA LEU A 538 -7.75 -55.48 -13.97
C LEU A 538 -8.48 -55.64 -15.29
N THR A 539 -7.80 -55.31 -16.39
CA THR A 539 -8.31 -55.50 -17.75
C THR A 539 -9.65 -54.80 -17.94
N ASN A 540 -9.64 -53.48 -17.82
CA ASN A 540 -10.82 -52.67 -18.02
C ASN A 540 -10.74 -51.77 -19.25
N GLY A 541 -9.59 -51.67 -19.89
CA GLY A 541 -9.45 -50.84 -21.07
C GLY A 541 -9.44 -49.36 -20.77
N SER A 554 -0.48 -37.17 -28.30
CA SER A 554 0.28 -37.03 -27.06
C SER A 554 0.54 -35.56 -26.74
N LYS A 555 -0.39 -34.95 -26.02
CA LYS A 555 -0.28 -33.55 -25.63
C LYS A 555 0.78 -33.43 -24.54
N LYS A 556 1.99 -33.03 -24.94
CA LYS A 556 3.11 -32.91 -24.01
C LYS A 556 3.72 -31.52 -24.06
N LYS A 557 2.91 -30.51 -24.36
CA LYS A 557 3.37 -29.13 -24.39
C LYS A 557 2.44 -28.28 -23.54
N TRP A 558 3.03 -27.38 -22.76
CA TRP A 558 2.24 -26.51 -21.87
C TRP A 558 1.38 -25.56 -22.70
N ILE A 559 0.07 -25.64 -22.50
CA ILE A 559 -0.87 -24.77 -23.24
C ILE A 559 -1.02 -23.52 -22.39
N TRP A 560 -0.08 -22.60 -22.57
CA TRP A 560 -0.15 -21.27 -21.98
C TRP A 560 -0.79 -20.29 -22.94
N LYS A 561 -1.96 -20.68 -23.43
CA LYS A 561 -2.66 -19.98 -24.51
C LYS A 561 -3.90 -19.30 -23.94
N LYS A 562 -4.58 -18.53 -24.78
CA LYS A 562 -5.81 -17.87 -24.40
C LYS A 562 -6.85 -18.91 -23.97
N SER A 563 -7.98 -18.41 -23.46
CA SER A 563 -9.05 -19.27 -22.96
C SER A 563 -9.46 -20.30 -24.01
N SER A 564 -10.07 -21.40 -23.55
CA SER A 564 -10.38 -22.50 -24.46
C SER A 564 -11.49 -22.06 -25.41
N GLY A 565 -11.10 -21.57 -26.59
CA GLY A 565 -12.06 -21.04 -27.54
C GLY A 565 -12.48 -22.01 -28.61
N ASN A 566 -11.58 -22.93 -28.98
CA ASN A 566 -11.90 -23.93 -30.00
C ASN A 566 -11.91 -25.34 -29.44
N GLU A 567 -10.81 -25.80 -28.85
CA GLU A 567 -10.75 -27.17 -28.36
C GLU A 567 -10.14 -27.29 -26.97
N GLU A 568 -9.25 -26.37 -26.61
CA GLU A 568 -8.50 -26.52 -25.36
C GLU A 568 -7.98 -25.16 -24.92
N GLY A 569 -7.68 -25.07 -23.63
CA GLY A 569 -7.12 -23.85 -23.07
C GLY A 569 -7.40 -23.68 -21.60
N LEU A 570 -7.70 -22.45 -21.18
CA LEU A 570 -8.02 -22.16 -19.79
C LEU A 570 -9.37 -21.44 -19.71
N GLN A 571 -9.72 -20.97 -18.52
CA GLN A 571 -10.94 -20.19 -18.38
C GLN A 571 -10.68 -18.73 -18.75
N GLU A 572 -11.78 -18.00 -18.96
CA GLU A 572 -11.66 -16.60 -19.37
C GLU A 572 -10.96 -15.76 -18.31
N GLU A 573 -11.30 -15.98 -17.04
CA GLU A 573 -10.63 -15.26 -15.97
C GLU A 573 -9.17 -15.69 -15.80
N TYR A 574 -8.79 -16.84 -16.37
CA TYR A 574 -7.44 -17.37 -16.25
C TYR A 574 -6.70 -17.42 -17.56
N ALA A 575 -7.23 -16.80 -18.62
CA ALA A 575 -6.59 -16.86 -19.92
C ALA A 575 -5.22 -16.18 -19.89
N ASN A 576 -4.21 -16.88 -20.42
CA ASN A 576 -2.84 -16.37 -20.49
C ASN A 576 -2.33 -15.92 -19.13
N THR A 577 -2.59 -16.75 -18.12
CA THR A 577 -2.18 -16.42 -16.76
C THR A 577 -1.18 -17.40 -16.17
N ILE A 578 -1.46 -18.71 -16.19
CA ILE A 578 -0.62 -19.66 -15.46
C ILE A 578 -0.11 -20.78 -16.35
N GLY A 579 -0.82 -21.08 -17.43
CA GLY A 579 -0.40 -22.15 -18.32
C GLY A 579 -0.82 -23.53 -17.85
N LEU A 580 -1.30 -24.35 -18.77
CA LEU A 580 -1.87 -25.65 -18.44
C LEU A 580 -0.79 -26.73 -18.54
N PRO A 581 -0.52 -27.47 -17.49
CA PRO A 581 0.51 -28.52 -17.55
C PRO A 581 0.10 -29.63 -18.52
N PRO A 582 1.09 -30.26 -19.18
CA PRO A 582 0.76 -31.37 -20.07
C PRO A 582 0.17 -32.57 -19.34
N ARG A 583 0.68 -32.87 -18.14
CA ARG A 583 0.09 -33.93 -17.33
C ARG A 583 -1.36 -33.60 -17.00
N THR A 584 -1.64 -32.35 -16.63
CA THR A 584 -2.99 -31.96 -16.27
C THR A 584 -3.93 -32.03 -17.46
N GLN A 585 -3.45 -31.67 -18.65
CA GLN A 585 -4.33 -31.80 -19.82
C GLN A 585 -4.40 -33.22 -20.36
N SER A 586 -3.51 -34.11 -19.94
CA SER A 586 -3.51 -35.49 -20.41
C SER A 586 -3.98 -36.47 -19.35
N LEU A 587 -4.47 -35.98 -18.22
CA LEU A 587 -5.07 -36.86 -17.21
C LEU A 587 -6.34 -37.53 -17.74
N TYR A 588 -6.62 -38.72 -17.20
CA TYR A 588 -7.57 -39.62 -17.82
C TYR A 588 -9.00 -39.08 -17.79
N LEU A 589 -9.47 -38.64 -16.62
CA LEU A 589 -10.87 -38.25 -16.49
C LEU A 589 -11.18 -37.06 -17.38
N GLY A 590 -10.24 -36.12 -17.52
CA GLY A 590 -10.44 -34.98 -18.39
C GLY A 590 -10.60 -35.35 -19.85
N ASN A 591 -10.17 -36.56 -20.23
CA ASN A 591 -10.37 -37.04 -21.59
C ASN A 591 -11.69 -37.78 -21.78
N LEU A 592 -12.45 -38.00 -20.70
CA LEU A 592 -13.71 -38.72 -20.79
C LEU A 592 -14.86 -37.74 -20.84
N PRO A 593 -15.61 -37.68 -21.94
CA PRO A 593 -16.76 -36.74 -22.01
C PRO A 593 -17.86 -37.07 -21.03
N LYS A 594 -17.94 -38.30 -20.54
CA LYS A 594 -18.98 -38.69 -19.59
C LYS A 594 -18.40 -39.75 -18.66
N LEU A 595 -18.92 -39.78 -17.43
CA LEU A 595 -18.42 -40.73 -16.45
C LEU A 595 -18.91 -42.15 -16.73
N GLU A 596 -20.04 -42.29 -17.44
CA GLU A 596 -20.58 -43.61 -17.75
C GLU A 596 -19.68 -44.40 -18.70
N ASN A 597 -18.76 -43.73 -19.38
CA ASN A 597 -17.81 -44.41 -20.26
C ASN A 597 -16.57 -44.91 -19.52
N VAL A 598 -16.67 -45.09 -18.20
CA VAL A 598 -15.51 -45.48 -17.41
C VAL A 598 -15.05 -46.89 -17.79
N CYS A 599 -15.99 -47.79 -18.04
CA CYS A 599 -15.68 -49.19 -18.31
C CYS A 599 -16.08 -49.56 -19.73
N GLU A 600 -15.17 -50.23 -20.44
CA GLU A 600 -15.48 -50.68 -21.80
C GLU A 600 -16.37 -51.92 -21.79
N ASP A 601 -16.31 -52.73 -20.73
CA ASP A 601 -17.10 -53.94 -20.67
C ASP A 601 -18.59 -53.64 -20.65
N VAL A 602 -19.00 -52.62 -19.90
CA VAL A 602 -20.39 -52.25 -19.74
C VAL A 602 -20.63 -50.91 -20.44
N LYS A 603 -21.64 -50.87 -21.31
CA LYS A 603 -21.87 -49.70 -22.15
C LYS A 603 -23.23 -49.06 -21.92
N ASP A 604 -23.62 -48.89 -20.66
CA ASP A 604 -24.83 -48.16 -20.33
C ASP A 604 -24.63 -47.50 -18.97
N ILE A 605 -25.65 -46.76 -18.53
CA ILE A 605 -25.57 -46.07 -17.25
C ILE A 605 -25.48 -47.08 -16.12
N ASN A 606 -24.56 -46.85 -15.18
CA ASN A 606 -24.35 -47.75 -14.06
C ASN A 606 -24.30 -47.03 -12.71
N PHE A 607 -24.36 -45.70 -12.69
CA PHE A 607 -24.28 -44.93 -11.46
C PHE A 607 -25.69 -44.57 -11.03
N ASP A 608 -26.29 -45.44 -10.21
CA ASP A 608 -27.60 -45.18 -9.64
C ASP A 608 -27.58 -45.07 -8.13
N THR A 609 -26.49 -45.45 -7.47
CA THR A 609 -26.37 -45.33 -6.02
C THR A 609 -25.03 -44.68 -5.69
N LYS A 610 -24.88 -44.34 -4.41
CA LYS A 610 -23.65 -43.72 -3.93
C LYS A 610 -22.45 -44.63 -4.12
N GLU A 611 -22.58 -45.90 -3.73
CA GLU A 611 -21.49 -46.85 -3.93
C GLU A 611 -21.21 -47.08 -5.41
N LYS A 612 -22.26 -47.10 -6.23
CA LYS A 612 -22.08 -47.27 -7.66
C LYS A 612 -21.26 -46.11 -8.24
N PHE A 613 -21.58 -44.88 -7.83
CA PHE A 613 -20.83 -43.72 -8.29
C PHE A 613 -19.37 -43.77 -7.82
N LEU A 614 -19.17 -44.10 -6.54
CA LEU A 614 -17.82 -44.15 -6.01
C LEU A 614 -17.00 -45.24 -6.68
N ALA A 615 -17.66 -46.33 -7.10
CA ALA A 615 -16.94 -47.39 -7.81
C ALA A 615 -16.37 -46.89 -9.12
N GLY A 616 -17.18 -46.17 -9.90
CA GLY A 616 -16.68 -45.59 -11.14
C GLY A 616 -15.57 -44.58 -10.90
N CYS A 617 -15.72 -43.77 -9.84
CA CYS A 617 -14.66 -42.82 -9.52
C CYS A 617 -13.35 -43.54 -9.18
N LEU A 618 -13.45 -44.64 -8.42
CA LEU A 618 -12.26 -45.40 -8.07
C LEU A 618 -11.64 -46.06 -9.30
N ILE A 619 -12.47 -46.52 -10.24
CA ILE A 619 -11.94 -47.07 -11.48
C ILE A 619 -11.18 -45.99 -12.26
N VAL A 620 -11.73 -44.78 -12.31
CA VAL A 620 -11.03 -43.68 -12.96
C VAL A 620 -9.69 -43.42 -12.28
N SER A 621 -9.69 -43.44 -10.94
CA SER A 621 -8.46 -43.20 -10.19
C SER A 621 -7.41 -44.27 -10.49
N PHE A 622 -7.83 -45.53 -10.53
CA PHE A 622 -6.89 -46.61 -10.83
C PHE A 622 -6.35 -46.49 -12.24
N HIS A 623 -7.21 -46.13 -13.19
CA HIS A 623 -6.75 -45.93 -14.57
C HIS A 623 -5.74 -44.80 -14.66
N GLU A 624 -5.98 -43.71 -13.92
CA GLU A 624 -5.01 -42.61 -13.89
C GLU A 624 -3.68 -43.06 -13.30
N GLY A 625 -3.73 -43.84 -12.21
CA GLY A 625 -2.50 -44.36 -11.64
C GLY A 625 -1.73 -45.23 -12.61
N LYS A 626 -2.43 -46.13 -13.30
CA LYS A 626 -1.77 -46.98 -14.28
C LYS A 626 -1.18 -46.15 -15.43
N ASN A 627 -1.90 -45.11 -15.86
CA ASN A 627 -1.40 -44.26 -16.93
C ASN A 627 -0.12 -43.53 -16.49
N LEU A 628 -0.09 -43.02 -15.27
CA LEU A 628 1.13 -42.37 -14.78
C LEU A 628 2.27 -43.37 -14.64
N LYS A 629 1.97 -44.60 -14.22
CA LYS A 629 2.99 -45.64 -14.18
C LYS A 629 3.55 -45.92 -15.56
N LYS A 630 2.68 -45.95 -16.57
CA LYS A 630 3.16 -46.14 -17.94
C LYS A 630 3.99 -44.96 -18.41
N ARG A 631 3.63 -43.74 -17.98
CA ARG A 631 4.25 -42.54 -18.52
C ARG A 631 5.59 -42.23 -17.87
N TYR A 632 5.60 -41.96 -16.56
CA TYR A 632 6.81 -41.41 -15.97
C TYR A 632 7.92 -42.44 -15.79
N PRO A 633 7.73 -43.53 -15.05
CA PRO A 633 8.83 -44.47 -14.88
C PRO A 633 9.00 -45.34 -16.12
N GLN A 634 10.25 -45.71 -16.40
CA GLN A 634 11.39 -45.32 -15.57
C GLN A 634 12.45 -44.61 -16.41
N ASN A 635 12.28 -43.32 -16.61
CA ASN A 635 13.24 -42.54 -17.40
C ASN A 635 13.71 -41.28 -16.69
N LYS A 636 12.81 -40.59 -15.98
CA LYS A 636 13.15 -39.35 -15.29
C LYS A 636 13.50 -39.56 -13.83
N ASN A 637 13.49 -40.79 -13.35
CA ASN A 637 13.74 -41.10 -11.95
C ASN A 637 14.77 -42.22 -11.85
N SER A 638 15.57 -42.19 -10.79
CA SER A 638 16.67 -43.13 -10.60
C SER A 638 16.32 -44.26 -9.66
N GLY A 639 15.07 -44.74 -9.71
CA GLY A 639 14.61 -45.81 -8.85
C GLY A 639 13.85 -45.37 -7.62
N ASN A 640 13.85 -44.09 -7.30
CA ASN A 640 13.09 -43.56 -6.18
C ASN A 640 11.66 -43.26 -6.65
N LYS A 641 10.88 -42.55 -5.82
CA LYS A 641 9.50 -42.27 -6.15
C LYS A 641 9.13 -40.79 -6.02
N GLU A 642 10.09 -39.89 -5.81
CA GLU A 642 9.74 -38.50 -5.54
C GLU A 642 9.02 -37.86 -6.72
N ASN A 643 9.51 -38.09 -7.95
CA ASN A 643 8.82 -37.58 -9.13
C ASN A 643 7.47 -38.27 -9.28
N LEU A 644 7.44 -39.59 -9.08
CA LEU A 644 6.18 -40.32 -9.20
C LEU A 644 5.18 -39.87 -8.15
N CYS A 645 5.65 -39.70 -6.90
CA CYS A 645 4.75 -39.25 -5.84
C CYS A 645 4.23 -37.85 -6.12
N LYS A 646 5.10 -36.95 -6.60
CA LYS A 646 4.66 -35.60 -6.92
C LYS A 646 3.60 -35.63 -8.03
N ALA A 647 3.82 -36.44 -9.06
CA ALA A 647 2.85 -36.54 -10.15
C ALA A 647 1.51 -37.09 -9.66
N LEU A 648 1.55 -38.13 -8.81
CA LEU A 648 0.31 -38.66 -8.26
C LEU A 648 -0.41 -37.64 -7.40
N GLU A 649 0.33 -36.89 -6.57
CA GLU A 649 -0.31 -35.87 -5.74
C GLU A 649 -0.99 -34.81 -6.61
N TYR A 650 -0.29 -34.34 -7.64
CA TYR A 650 -0.85 -33.30 -8.49
C TYR A 650 -2.07 -33.81 -9.26
N SER A 651 -2.01 -35.04 -9.78
CA SER A 651 -3.16 -35.59 -10.49
C SER A 651 -4.33 -35.83 -9.54
N PHE A 652 -4.04 -36.24 -8.30
CA PHE A 652 -5.08 -36.43 -7.30
C PHE A 652 -5.81 -35.13 -7.01
N ALA A 653 -5.04 -34.06 -6.81
CA ALA A 653 -5.64 -32.74 -6.57
C ALA A 653 -6.41 -32.25 -7.79
N ASP A 654 -5.89 -32.53 -9.00
CA ASP A 654 -6.58 -32.10 -10.21
C ASP A 654 -7.91 -32.83 -10.36
N TYR A 655 -7.95 -34.13 -10.06
CA TYR A 655 -9.23 -34.84 -10.03
C TYR A 655 -10.16 -34.24 -8.99
N GLY A 656 -9.64 -33.90 -7.81
CA GLY A 656 -10.49 -33.28 -6.80
C GLY A 656 -11.13 -32.00 -7.29
N ASP A 657 -10.32 -31.11 -7.88
CA ASP A 657 -10.87 -29.87 -8.40
C ASP A 657 -11.84 -30.11 -9.55
N LEU A 658 -11.53 -31.06 -10.43
CA LEU A 658 -12.42 -31.34 -11.56
C LEU A 658 -13.77 -31.84 -11.09
N ILE A 659 -13.79 -32.72 -10.10
CA ILE A 659 -15.08 -33.25 -9.64
C ILE A 659 -15.80 -32.24 -8.75
N LYS A 660 -15.07 -31.33 -8.09
CA LYS A 660 -15.72 -30.24 -7.39
C LYS A 660 -16.24 -29.16 -8.33
N GLY A 661 -15.77 -29.13 -9.57
CA GLY A 661 -16.21 -28.13 -10.52
C GLY A 661 -15.46 -26.83 -10.49
N THR A 662 -14.39 -26.74 -9.70
CA THR A 662 -13.57 -25.53 -9.60
C THR A 662 -12.38 -25.56 -10.55
N SER A 663 -12.50 -26.28 -11.66
CA SER A 663 -11.41 -26.38 -12.61
C SER A 663 -11.21 -25.05 -13.32
N ILE A 664 -9.93 -24.65 -13.51
CA ILE A 664 -9.59 -23.42 -14.18
C ILE A 664 -9.20 -23.63 -15.63
N TRP A 665 -9.25 -24.86 -16.12
CA TRP A 665 -8.85 -25.17 -17.48
C TRP A 665 -9.94 -25.96 -18.16
N ASP A 666 -9.94 -25.93 -19.50
CA ASP A 666 -10.98 -26.58 -20.27
C ASP A 666 -10.36 -27.28 -21.47
N ASN A 667 -10.99 -28.37 -21.88
CA ASN A 667 -10.72 -29.03 -23.15
C ASN A 667 -12.06 -29.33 -23.79
N GLU A 668 -12.05 -30.10 -24.89
CA GLU A 668 -13.29 -30.43 -25.58
C GLU A 668 -14.19 -31.30 -24.72
N TYR A 669 -13.61 -32.17 -23.88
CA TYR A 669 -14.40 -33.04 -23.03
C TYR A 669 -14.97 -32.29 -21.83
N THR A 670 -14.20 -31.36 -21.26
CA THR A 670 -14.67 -30.58 -20.13
C THR A 670 -15.80 -29.66 -20.58
N LYS A 671 -16.64 -29.26 -19.61
CA LYS A 671 -17.89 -28.53 -19.76
C LYS A 671 -19.01 -29.42 -20.29
N ASP A 672 -18.72 -30.66 -20.64
CA ASP A 672 -19.73 -31.69 -20.84
C ASP A 672 -19.65 -32.77 -19.77
N LEU A 673 -18.43 -33.19 -19.41
CA LEU A 673 -18.26 -34.03 -18.23
C LEU A 673 -18.76 -33.30 -16.99
N GLU A 674 -18.53 -31.99 -16.91
CA GLU A 674 -19.05 -31.21 -15.78
C GLU A 674 -20.58 -31.24 -15.76
N LEU A 675 -21.21 -31.08 -16.93
CA LEU A 675 -22.66 -31.09 -17.00
C LEU A 675 -23.23 -32.46 -16.60
N ASN A 676 -22.59 -33.54 -17.09
CA ASN A 676 -23.03 -34.88 -16.71
C ASN A 676 -22.85 -35.12 -15.22
N LEU A 677 -21.73 -34.64 -14.66
CA LEU A 677 -21.49 -34.78 -13.23
C LEU A 677 -22.55 -34.04 -12.43
N GLN A 678 -22.90 -32.83 -12.86
CA GLN A 678 -23.94 -32.07 -12.16
C GLN A 678 -25.30 -32.73 -12.28
N ASN A 679 -25.62 -33.29 -13.45
CA ASN A 679 -26.87 -34.02 -13.60
C ASN A 679 -26.92 -35.22 -12.65
N ASN A 680 -25.81 -35.96 -12.55
CA ASN A 680 -25.76 -37.09 -11.62
C ASN A 680 -25.93 -36.63 -10.18
N PHE A 681 -25.20 -35.59 -9.79
CA PHE A 681 -25.22 -35.12 -8.41
C PHE A 681 -26.48 -34.34 -8.07
N GLY A 682 -27.32 -34.05 -9.07
CA GLY A 682 -28.64 -33.53 -8.80
C GLY A 682 -29.65 -34.66 -8.70
N LYS A 683 -29.53 -35.64 -9.59
CA LYS A 683 -30.37 -36.83 -9.48
C LYS A 683 -30.09 -37.59 -8.20
N LEU A 684 -28.81 -37.77 -7.86
CA LEU A 684 -28.41 -38.41 -6.63
C LEU A 684 -28.04 -37.36 -5.59
N PHE A 685 -28.27 -37.69 -4.33
CA PHE A 685 -28.01 -36.82 -3.18
C PHE A 685 -28.86 -35.54 -3.21
N GLY A 686 -29.94 -35.53 -3.99
CA GLY A 686 -30.75 -34.32 -4.08
C GLY A 686 -31.53 -34.02 -2.82
N LYS A 687 -31.78 -35.04 -2.00
CA LYS A 687 -32.55 -34.83 -0.77
C LYS A 687 -31.78 -33.96 0.22
N TYR A 688 -30.46 -34.09 0.25
CA TYR A 688 -29.66 -33.34 1.21
C TYR A 688 -29.64 -31.85 0.93
N ILE A 689 -30.05 -31.43 -0.26
CA ILE A 689 -30.09 -30.01 -0.60
C ILE A 689 -31.39 -29.43 -0.04
N LYS A 690 -31.32 -28.91 1.18
CA LYS A 690 -32.51 -28.37 1.84
C LYS A 690 -32.22 -27.00 2.45
N LYS A 691 -30.95 -26.74 2.77
CA LYS A 691 -30.59 -25.52 3.46
C LYS A 691 -30.53 -24.33 2.50
N ASN A 692 -31.61 -24.10 1.76
CA ASN A 692 -31.66 -22.94 0.89
C ASN A 692 -31.91 -21.65 1.67
N ASN A 693 -32.58 -21.76 2.82
CA ASN A 693 -32.86 -20.61 3.68
C ASN A 693 -32.59 -20.96 5.13
N THR A 694 -31.57 -21.77 5.38
CA THR A 694 -31.19 -22.22 6.72
C THR A 694 -32.36 -22.86 7.46
N THR A 699 -28.33 -30.53 9.54
CA THR A 699 -27.84 -29.24 9.07
C THR A 699 -28.09 -29.09 7.57
N SER A 700 -28.07 -30.22 6.86
CA SER A 700 -28.29 -30.27 5.42
C SER A 700 -27.25 -29.47 4.65
N TYR A 701 -27.44 -29.35 3.34
CA TYR A 701 -26.48 -28.70 2.46
C TYR A 701 -27.08 -27.43 1.88
N SER A 702 -26.29 -26.35 1.92
CA SER A 702 -26.78 -25.07 1.41
C SER A 702 -27.03 -25.12 -0.09
N SER A 703 -26.12 -25.73 -0.84
CA SER A 703 -26.24 -25.77 -2.29
C SER A 703 -25.47 -26.97 -2.82
N LEU A 704 -25.60 -27.20 -4.13
CA LEU A 704 -24.99 -28.37 -4.75
C LEU A 704 -23.46 -28.31 -4.69
N ASP A 705 -22.90 -27.11 -4.79
CA ASP A 705 -21.45 -26.98 -4.76
C ASP A 705 -20.87 -27.47 -3.44
N GLU A 706 -21.52 -27.10 -2.33
CA GLU A 706 -21.06 -27.58 -1.02
C GLU A 706 -21.21 -29.09 -0.91
N LEU A 707 -22.28 -29.65 -1.48
CA LEU A 707 -22.46 -31.09 -1.46
C LEU A 707 -21.33 -31.80 -2.20
N ARG A 708 -20.98 -31.31 -3.39
CA ARG A 708 -19.88 -31.90 -4.15
C ARG A 708 -18.55 -31.74 -3.40
N GLU A 709 -18.35 -30.58 -2.78
CA GLU A 709 -17.13 -30.34 -2.02
C GLU A 709 -17.02 -31.33 -0.86
N SER A 710 -18.13 -31.60 -0.18
CA SER A 710 -18.14 -32.58 0.89
C SER A 710 -17.85 -33.98 0.38
N TRP A 711 -18.50 -34.38 -0.72
CA TRP A 711 -18.20 -35.68 -1.31
C TRP A 711 -16.71 -35.81 -1.56
N TRP A 712 -16.13 -34.80 -2.18
CA TRP A 712 -14.70 -34.84 -2.48
C TRP A 712 -13.88 -34.88 -1.20
N ASN A 713 -14.33 -34.17 -0.16
CA ASN A 713 -13.65 -34.26 1.13
C ASN A 713 -13.66 -35.68 1.69
N THR A 714 -14.64 -36.50 1.30
CA THR A 714 -14.53 -37.94 1.52
C THR A 714 -13.64 -38.55 0.42
N LYS A 716 -12.34 -38.37 0.62
CA LYS A 716 -11.34 -38.59 -0.42
C LYS A 716 -10.34 -39.71 -0.14
N LYS A 717 -10.33 -40.27 1.07
CA LYS A 717 -9.30 -41.24 1.41
C LYS A 717 -9.37 -42.46 0.50
N TYR A 718 -10.58 -42.91 0.15
CA TYR A 718 -10.71 -44.06 -0.73
C TYR A 718 -10.17 -43.77 -2.13
N ILE A 719 -10.48 -42.57 -2.67
CA ILE A 719 -10.00 -42.20 -3.98
C ILE A 719 -8.47 -42.12 -3.97
N TRP A 720 -7.90 -41.51 -2.94
CA TRP A 720 -6.45 -41.41 -2.85
C TRP A 720 -5.80 -42.78 -2.74
N THR A 721 -6.39 -43.68 -1.95
CA THR A 721 -5.83 -45.03 -1.82
C THR A 721 -5.90 -45.77 -3.15
N ALA A 722 -7.00 -45.61 -3.89
CA ALA A 722 -7.09 -46.24 -5.21
C ALA A 722 -6.02 -45.71 -6.15
N MET A 723 -5.84 -44.39 -6.17
CA MET A 723 -4.80 -43.79 -7.00
C MET A 723 -3.42 -44.30 -6.59
N LYS A 724 -3.18 -44.37 -5.28
CA LYS A 724 -1.88 -44.78 -4.76
C LYS A 724 -1.58 -46.23 -5.12
N HIS A 725 -2.50 -47.14 -4.80
CA HIS A 725 -2.32 -48.55 -5.13
C HIS A 725 -2.32 -48.79 -6.63
N GLY A 726 -2.82 -47.84 -7.43
CA GLY A 726 -3.01 -48.10 -8.84
C GLY A 726 -1.72 -48.39 -9.59
N ALA A 727 -0.70 -47.56 -9.42
CA ALA A 727 0.44 -47.68 -10.32
C ALA A 727 1.47 -48.72 -9.89
N GLU A 728 2.26 -48.39 -8.87
CA GLU A 728 3.11 -49.39 -8.22
C GLU A 728 3.31 -49.06 -6.74
N MET A 729 2.70 -47.99 -6.24
CA MET A 729 3.02 -47.50 -4.90
C MET A 729 2.57 -48.49 -3.84
N ASN A 730 1.30 -48.92 -3.92
CA ASN A 730 0.74 -50.01 -3.11
C ASN A 730 1.13 -49.97 -1.64
N ILE A 731 1.57 -51.12 -1.12
CA ILE A 731 1.97 -51.27 0.26
C ILE A 731 3.23 -52.14 0.32
N THR A 732 3.81 -52.23 1.52
CA THR A 732 4.98 -53.05 1.83
C THR A 732 6.23 -52.63 1.07
N THR A 733 6.18 -51.54 0.29
CA THR A 733 7.36 -51.06 -0.41
C THR A 733 7.70 -49.65 0.05
N CYS A 734 6.68 -48.79 0.13
CA CYS A 734 6.85 -47.45 0.68
C CYS A 734 5.60 -47.02 1.44
N ASN A 735 4.90 -47.95 2.08
CA ASN A 735 3.64 -47.68 2.79
C ASN A 735 2.59 -47.16 1.81
N ASP A 749 0.44 -41.09 3.99
CA ASP A 749 -0.90 -40.64 4.32
C ASP A 749 -1.50 -39.83 3.19
N ILE A 750 -2.64 -39.20 3.45
CA ILE A 750 -3.31 -38.40 2.42
C ILE A 750 -2.56 -37.09 2.23
N PRO A 751 -2.10 -36.76 1.02
CA PRO A 751 -1.45 -35.46 0.81
C PRO A 751 -2.43 -34.31 0.97
N THR A 752 -1.89 -33.18 1.41
CA THR A 752 -2.67 -31.96 1.58
C THR A 752 -2.59 -31.04 0.37
N ILE A 753 -2.04 -31.53 -0.75
CA ILE A 753 -1.88 -30.70 -1.94
C ILE A 753 -3.22 -30.27 -2.52
N ASP A 754 -4.29 -31.02 -2.27
CA ASP A 754 -5.57 -30.75 -2.90
C ASP A 754 -6.26 -29.50 -2.38
N LEU A 755 -6.04 -29.14 -1.11
CA LEU A 755 -6.67 -27.95 -0.55
C LEU A 755 -6.05 -26.66 -1.06
N ILE A 756 -4.83 -26.73 -1.61
CA ILE A 756 -4.19 -25.58 -2.24
C ILE A 756 -4.91 -25.29 -3.55
N PRO A 757 -5.15 -24.01 -3.89
CA PRO A 757 -5.89 -23.70 -5.11
C PRO A 757 -5.19 -24.21 -6.36
N GLN A 758 -5.99 -24.53 -7.37
CA GLN A 758 -5.47 -25.11 -8.60
C GLN A 758 -4.49 -24.18 -9.29
N TYR A 759 -4.72 -22.86 -9.22
CA TYR A 759 -3.78 -21.92 -9.82
C TYR A 759 -2.43 -22.01 -9.13
N LEU A 760 -2.42 -22.08 -7.80
CA LEU A 760 -1.15 -22.19 -7.07
C LEU A 760 -0.47 -23.52 -7.36
N ARG A 761 -1.25 -24.60 -7.50
CA ARG A 761 -0.65 -25.88 -7.85
C ARG A 761 -0.03 -25.85 -9.24
N PHE A 762 -0.72 -25.22 -10.21
CA PHE A 762 -0.17 -25.08 -11.54
C PHE A 762 1.11 -24.25 -11.50
N LEU A 763 1.12 -23.19 -10.69
CA LEU A 763 2.32 -22.39 -10.52
C LEU A 763 3.48 -23.21 -9.96
N GLN A 764 3.21 -24.00 -8.93
CA GLN A 764 4.28 -24.80 -8.33
C GLN A 764 4.81 -25.82 -9.33
N GLU A 765 3.92 -26.46 -10.08
CA GLU A 765 4.35 -27.45 -11.07
C GLU A 765 5.18 -26.80 -12.17
N TRP A 766 4.74 -25.65 -12.68
CA TRP A 766 5.48 -24.97 -13.74
C TRP A 766 6.84 -24.50 -13.24
N VAL A 767 6.90 -23.98 -12.02
CA VAL A 767 8.17 -23.53 -11.48
C VAL A 767 9.09 -24.71 -11.23
N GLU A 768 8.54 -25.86 -10.82
CA GLU A 768 9.37 -27.05 -10.65
C GLU A 768 9.94 -27.52 -11.98
N ASN A 769 9.13 -27.51 -13.04
CA ASN A 769 9.64 -27.86 -14.36
C ASN A 769 10.74 -26.91 -14.79
N PHE A 770 10.51 -25.60 -14.63
CA PHE A 770 11.52 -24.62 -15.01
C PHE A 770 12.80 -24.79 -14.19
N CYS A 771 12.66 -25.10 -12.90
CA CYS A 771 13.83 -25.27 -12.05
C CYS A 771 14.61 -26.52 -12.42
N GLU A 772 13.93 -27.62 -12.77
CA GLU A 772 14.63 -28.80 -13.23
C GLU A 772 15.40 -28.51 -14.51
N GLN A 773 14.75 -27.82 -15.47
CA GLN A 773 15.44 -27.47 -16.71
C GLN A 773 16.62 -26.54 -16.44
N ARG A 774 16.43 -25.58 -15.53
CA ARG A 774 17.51 -24.66 -15.19
C ARG A 774 18.68 -25.39 -14.55
N GLN A 775 18.40 -26.35 -13.67
CA GLN A 775 19.49 -27.13 -13.07
C GLN A 775 20.23 -27.93 -14.14
N ALA A 776 19.49 -28.54 -15.08
CA ALA A 776 20.13 -29.26 -16.16
C ALA A 776 21.02 -28.34 -17.00
N LYS A 777 20.55 -27.12 -17.25
CA LYS A 777 21.30 -26.17 -18.07
C LYS A 777 22.40 -25.44 -17.31
N VAL A 778 22.42 -25.52 -15.98
CA VAL A 778 23.42 -24.80 -15.21
C VAL A 778 24.47 -25.72 -14.59
N LYS A 779 24.23 -27.03 -14.54
CA LYS A 779 25.26 -27.92 -14.01
C LYS A 779 26.55 -27.82 -14.83
N ASP A 780 26.42 -27.84 -16.15
CA ASP A 780 27.59 -27.69 -17.00
C ASP A 780 28.24 -26.33 -16.83
N VAL A 781 27.44 -25.28 -16.65
CA VAL A 781 27.99 -23.95 -16.43
C VAL A 781 28.80 -23.90 -15.15
N ILE A 782 28.28 -24.51 -14.08
CA ILE A 782 29.01 -24.55 -12.82
C ILE A 782 30.31 -25.32 -12.98
N THR A 783 30.26 -26.46 -13.67
CA THR A 783 31.47 -27.27 -13.84
C THR A 783 32.53 -26.54 -14.67
N ASN A 784 32.10 -25.82 -15.70
CA ASN A 784 33.04 -25.27 -16.67
C ASN A 784 33.53 -23.87 -16.32
N CYS A 785 32.62 -22.97 -15.96
CA CYS A 785 32.93 -21.55 -15.80
C CYS A 785 33.87 -21.26 -14.63
N LYS A 786 34.37 -22.24 -13.89
CA LYS A 786 35.40 -21.96 -12.90
C LYS A 786 36.67 -21.47 -13.60
N SER A 787 37.36 -20.52 -12.98
CA SER A 787 38.58 -19.96 -13.56
C SER A 787 39.62 -21.05 -13.77
N CYS A 788 40.08 -21.64 -12.67
CA CYS A 788 40.90 -22.86 -12.70
C CYS A 788 40.25 -23.99 -11.94
N LYS A 789 39.82 -23.74 -10.71
CA LYS A 789 38.95 -24.65 -9.96
C LYS A 789 37.79 -23.94 -9.30
N GLU A 790 37.79 -22.62 -9.24
CA GLU A 790 36.69 -21.83 -8.70
C GLU A 790 36.44 -20.66 -9.64
N SER A 791 35.23 -20.10 -9.54
CA SER A 791 34.86 -18.98 -10.42
C SER A 791 35.80 -17.79 -10.23
N GLY A 792 36.13 -17.48 -8.98
CA GLY A 792 37.05 -16.39 -8.70
C GLY A 792 38.44 -16.89 -8.37
N ASN A 793 39.40 -16.58 -9.25
CA ASN A 793 40.77 -17.01 -9.07
C ASN A 793 41.72 -16.20 -9.94
N LYS A 794 42.03 -16.71 -11.13
CA LYS A 794 42.92 -16.04 -12.06
C LYS A 794 42.10 -15.45 -13.21
N CYS A 795 42.36 -14.18 -13.52
CA CYS A 795 41.66 -13.54 -14.63
C CYS A 795 42.07 -14.11 -15.97
N LYS A 796 43.35 -14.39 -16.15
CA LYS A 796 43.84 -14.96 -17.41
C LYS A 796 43.33 -16.38 -17.59
N THR A 797 42.84 -16.68 -18.79
CA THR A 797 42.28 -18.00 -19.14
C THR A 797 41.27 -18.46 -18.09
N GLU A 798 40.30 -17.58 -17.82
CA GLU A 798 39.22 -17.95 -16.91
C GLU A 798 38.46 -19.16 -17.46
N CYS A 799 38.18 -19.17 -18.75
CA CYS A 799 37.75 -20.38 -19.42
C CYS A 799 38.92 -21.37 -19.49
N LYS A 800 38.64 -22.64 -19.23
CA LYS A 800 39.67 -23.66 -19.48
C LYS A 800 40.05 -23.68 -20.95
N THR A 801 39.08 -23.94 -21.83
CA THR A 801 39.23 -23.61 -23.24
C THR A 801 38.13 -22.66 -23.73
N LYS A 802 36.86 -23.04 -23.59
CA LYS A 802 35.77 -22.24 -24.15
C LYS A 802 34.53 -22.25 -23.27
N CYS A 803 34.67 -22.00 -21.95
CA CYS A 803 33.51 -22.12 -21.07
C CYS A 803 32.40 -21.15 -21.44
N LYS A 804 32.70 -20.13 -22.24
CA LYS A 804 31.68 -19.17 -22.67
C LYS A 804 30.53 -19.83 -23.40
N ASP A 805 30.74 -21.00 -24.00
CA ASP A 805 29.65 -21.68 -24.71
C ASP A 805 28.54 -22.09 -23.74
N GLU A 806 28.91 -22.52 -22.53
CA GLU A 806 27.90 -22.88 -21.55
C GLU A 806 27.06 -21.67 -21.14
N CYS A 807 27.71 -20.52 -20.92
CA CYS A 807 26.97 -19.31 -20.59
C CYS A 807 26.08 -18.87 -21.74
N GLU A 808 26.58 -19.02 -22.97
CA GLU A 808 25.76 -18.70 -24.14
C GLU A 808 24.54 -19.60 -24.22
N LYS A 809 24.72 -20.89 -23.95
CA LYS A 809 23.59 -21.82 -23.92
C LYS A 809 22.58 -21.43 -22.86
N TYR A 810 23.06 -21.05 -21.68
CA TYR A 810 22.16 -20.63 -20.60
C TYR A 810 21.39 -19.38 -21.01
N LYS A 811 22.08 -18.40 -21.60
CA LYS A 811 21.42 -17.17 -22.03
C LYS A 811 20.40 -17.45 -23.11
N LYS A 812 20.72 -18.33 -24.05
CA LYS A 812 19.75 -18.69 -25.09
C LYS A 812 18.55 -19.39 -24.49
N PHE A 813 18.77 -20.28 -23.52
CA PHE A 813 17.65 -20.96 -22.86
C PHE A 813 16.74 -19.96 -22.17
N ILE A 814 17.32 -18.98 -21.48
CA ILE A 814 16.51 -17.99 -20.77
C ILE A 814 15.75 -17.10 -21.74
N GLU A 815 16.44 -16.57 -22.75
CA GLU A 815 15.91 -15.49 -23.57
C GLU A 815 15.32 -15.96 -24.89
N ALA A 816 15.16 -17.27 -25.09
CA ALA A 816 14.59 -17.75 -26.34
C ALA A 816 13.09 -17.44 -26.40
N CYS A 817 12.53 -17.57 -27.60
CA CYS A 817 11.10 -17.41 -27.83
C CYS A 817 10.40 -18.77 -27.87
N GLY A 818 10.91 -19.74 -27.11
CA GLY A 818 10.34 -21.06 -27.05
C GLY A 818 10.79 -22.02 -28.13
N THR A 819 11.57 -21.56 -29.11
CA THR A 819 12.03 -22.43 -30.19
C THR A 819 13.51 -22.30 -30.51
N ALA A 820 14.20 -21.25 -30.07
CA ALA A 820 15.59 -21.01 -30.43
C ALA A 820 16.56 -21.44 -29.33
N GLY A 821 16.22 -22.49 -28.59
CA GLY A 821 17.10 -22.97 -27.54
C GLY A 821 16.40 -23.15 -26.21
N GLY A 822 15.25 -22.50 -26.05
CA GLY A 822 14.52 -22.62 -24.80
C GLY A 822 14.00 -24.03 -24.57
N GLY A 823 13.90 -24.39 -23.30
CA GLY A 823 13.43 -25.71 -22.93
C GLY A 823 11.92 -25.83 -22.99
N ILE A 824 11.43 -26.99 -22.57
CA ILE A 824 10.01 -27.26 -22.57
C ILE A 824 9.32 -26.33 -21.56
N GLY A 825 8.18 -25.79 -21.96
CA GLY A 825 7.47 -24.82 -21.17
C GLY A 825 7.14 -23.57 -21.96
N THR A 826 6.21 -22.79 -21.42
CA THR A 826 5.68 -21.59 -22.07
C THR A 826 5.14 -21.92 -23.46
N ALA A 827 4.79 -20.89 -24.24
CA ALA A 827 4.33 -21.11 -25.61
C ALA A 827 4.70 -19.87 -26.42
N GLY A 828 5.84 -19.93 -27.09
CA GLY A 828 6.29 -18.82 -27.91
C GLY A 828 6.57 -17.53 -27.16
N SER A 829 6.71 -17.59 -25.83
CA SER A 829 6.94 -16.41 -25.03
C SER A 829 8.09 -16.65 -24.06
N PRO A 830 8.82 -15.60 -23.70
CA PRO A 830 9.96 -15.78 -22.79
C PRO A 830 9.53 -16.04 -21.35
N TRP A 831 10.47 -16.61 -20.60
CA TRP A 831 10.25 -16.84 -19.18
C TRP A 831 9.89 -15.54 -18.47
N SER A 832 10.49 -14.42 -18.88
CA SER A 832 10.18 -13.15 -18.24
C SER A 832 8.73 -12.74 -18.46
N LYS A 833 8.25 -12.88 -19.70
CA LYS A 833 6.86 -12.53 -19.99
C LYS A 833 5.91 -13.44 -19.23
N ARG A 834 6.20 -14.73 -19.19
CA ARG A 834 5.34 -15.66 -18.46
C ARG A 834 5.33 -15.34 -16.97
N TRP A 835 6.50 -15.02 -16.41
CA TRP A 835 6.57 -14.67 -14.99
C TRP A 835 5.81 -13.37 -14.71
N ASP A 836 5.87 -12.41 -15.61
CA ASP A 836 5.11 -11.18 -15.43
C ASP A 836 3.61 -11.44 -15.44
N GLN A 837 3.15 -12.30 -16.37
CA GLN A 837 1.73 -12.66 -16.37
C GLN A 837 1.33 -13.35 -15.08
N ILE A 838 2.17 -14.26 -14.60
CA ILE A 838 1.91 -14.93 -13.32
C ILE A 838 1.80 -13.93 -12.19
N TYR A 839 2.74 -12.98 -12.14
CA TYR A 839 2.72 -11.99 -11.07
C TYR A 839 1.46 -11.15 -11.13
N LYS A 840 1.04 -10.75 -12.34
CA LYS A 840 -0.18 -9.98 -12.46
C LYS A 840 -1.39 -10.76 -11.95
N ARG A 841 -1.50 -12.04 -12.33
CA ARG A 841 -2.64 -12.82 -11.88
C ARG A 841 -2.62 -13.03 -10.37
N TYR A 842 -1.43 -13.31 -9.82
CA TYR A 842 -1.31 -13.54 -8.39
C TYR A 842 -1.65 -12.28 -7.59
N SER A 843 -1.19 -11.12 -8.06
CA SER A 843 -1.54 -9.87 -7.41
C SER A 843 -3.02 -9.58 -7.52
N LYS A 844 -3.65 -9.92 -8.65
CA LYS A 844 -5.09 -9.78 -8.76
C LYS A 844 -5.81 -10.64 -7.74
N HIS A 845 -5.34 -11.87 -7.55
CA HIS A 845 -5.93 -12.73 -6.52
C HIS A 845 -5.76 -12.14 -5.12
N ILE A 846 -4.57 -11.60 -4.83
CA ILE A 846 -4.34 -10.99 -3.53
C ILE A 846 -5.28 -9.81 -3.30
N GLU A 847 -5.44 -8.97 -4.33
CA GLU A 847 -6.33 -7.81 -4.20
C GLU A 847 -7.77 -8.25 -3.99
N ASP A 848 -8.22 -9.27 -4.73
CA ASP A 848 -9.58 -9.77 -4.56
C ASP A 848 -9.79 -10.34 -3.17
N ALA A 849 -8.81 -11.09 -2.66
CA ALA A 849 -8.93 -11.63 -1.30
C ALA A 849 -8.99 -10.52 -0.27
N LYS A 850 -8.16 -9.48 -0.43
CA LYS A 850 -8.17 -8.38 0.52
C LYS A 850 -9.48 -7.60 0.46
N ARG A 851 -10.10 -7.50 -0.71
CA ARG A 851 -11.37 -6.82 -0.86
C ARG A 851 -12.57 -7.71 -0.58
N ASN A 852 -12.36 -9.00 -0.35
CA ASN A 852 -13.46 -9.91 -0.06
C ASN A 852 -14.04 -9.63 1.32
N ARG A 853 -15.30 -10.01 1.50
CA ARG A 853 -16.03 -9.76 2.74
C ARG A 853 -16.10 -10.98 3.65
N LYS A 854 -16.06 -12.19 3.11
CA LYS A 854 -16.24 -13.41 3.88
C LYS A 854 -14.96 -14.22 3.87
N ALA A 855 -14.54 -14.66 5.06
CA ALA A 855 -13.34 -15.48 5.21
C ALA A 855 -13.41 -16.18 6.55
N GLY A 856 -12.46 -17.08 6.78
CA GLY A 856 -12.36 -17.77 8.05
C GLY A 856 -11.65 -16.93 9.09
N THR A 857 -11.33 -17.58 10.21
CA THR A 857 -10.67 -16.89 11.32
C THR A 857 -9.21 -16.67 10.97
N LYS A 858 -8.82 -15.41 10.83
CA LYS A 858 -7.43 -15.03 10.64
C LYS A 858 -7.08 -13.89 11.60
N ASN A 859 -5.86 -13.40 11.45
CA ASN A 859 -5.32 -12.32 12.28
C ASN A 859 -4.62 -11.30 11.36
N CYS A 860 -5.38 -10.34 10.86
CA CYS A 860 -4.86 -9.36 9.92
C CYS A 860 -3.81 -8.48 10.60
N GLY A 861 -2.74 -8.20 9.86
CA GLY A 861 -1.66 -7.36 10.37
C GLY A 861 -1.07 -6.44 9.32
N THR A 862 -1.85 -6.13 8.28
CA THR A 862 -1.38 -5.31 7.17
C THR A 862 -2.29 -4.10 7.01
N SER A 863 -1.67 -2.96 6.66
CA SER A 863 -2.44 -1.74 6.47
C SER A 863 -3.42 -1.86 5.31
N SER A 864 -2.99 -2.50 4.21
CA SER A 864 -3.83 -2.66 3.03
C SER A 864 -4.78 -3.85 3.20
N THR A 865 -5.69 -3.71 4.17
CA THR A 865 -6.66 -4.76 4.49
C THR A 865 -7.89 -4.13 5.15
N THR A 866 -9.07 -4.68 4.82
CA THR A 866 -10.30 -4.28 5.52
C THR A 866 -11.27 -5.46 5.46
N ASN A 867 -11.95 -5.71 6.58
CA ASN A 867 -12.92 -6.79 6.67
C ASN A 867 -13.80 -6.57 7.89
N ALA A 868 -15.07 -6.91 7.78
CA ALA A 868 -16.04 -6.74 8.85
C ALA A 868 -16.33 -8.03 9.59
N ALA A 869 -16.73 -9.08 8.87
CA ALA A 869 -17.10 -10.34 9.48
C ALA A 869 -16.19 -11.46 9.01
N ALA A 870 -15.90 -12.40 9.90
CA ALA A 870 -15.11 -13.59 9.57
C ALA A 870 -15.93 -14.80 10.01
N SER A 871 -16.27 -15.67 9.05
CA SER A 871 -17.17 -16.78 9.30
C SER A 871 -16.40 -18.10 9.36
N THR A 872 -16.60 -18.83 10.45
CA THR A 872 -16.04 -20.15 10.64
C THR A 872 -16.80 -20.82 11.78
N ASP A 873 -16.68 -22.14 11.86
CA ASP A 873 -17.31 -22.92 12.93
C ASP A 873 -16.32 -23.57 13.87
N GLU A 874 -15.03 -23.50 13.58
CA GLU A 874 -14.00 -24.12 14.41
C GLU A 874 -12.95 -23.07 14.78
N ASN A 875 -12.32 -23.29 15.94
CA ASN A 875 -11.36 -22.34 16.49
C ASN A 875 -10.10 -22.31 15.65
N LYS A 876 -9.70 -21.11 15.20
CA LYS A 876 -8.48 -20.91 14.41
C LYS A 876 -8.50 -21.76 13.14
N CYS A 877 -9.48 -21.48 12.28
CA CYS A 877 -9.69 -22.24 11.06
C CYS A 877 -9.98 -21.30 9.91
N VAL A 878 -9.41 -21.60 8.74
CA VAL A 878 -9.66 -20.87 7.51
C VAL A 878 -10.83 -21.53 6.79
N GLN A 879 -11.49 -20.78 5.91
CA GLN A 879 -12.72 -21.25 5.28
C GLN A 879 -12.47 -22.16 4.08
N SER A 880 -11.21 -22.42 3.74
CA SER A 880 -10.83 -23.41 2.73
C SER A 880 -11.21 -23.00 1.31
N ASP A 881 -11.86 -21.85 1.15
CA ASP A 881 -12.14 -21.34 -0.18
C ASP A 881 -10.88 -20.72 -0.77
N ILE A 882 -10.96 -20.35 -2.05
CA ILE A 882 -9.82 -19.71 -2.71
C ILE A 882 -9.51 -18.36 -2.06
N ASP A 883 -10.54 -17.56 -1.84
CA ASP A 883 -10.35 -16.25 -1.22
C ASP A 883 -9.83 -16.38 0.21
N SER A 884 -10.37 -17.34 0.97
CA SER A 884 -9.90 -17.53 2.33
C SER A 884 -8.46 -18.02 2.35
N PHE A 885 -8.09 -18.90 1.40
CA PHE A 885 -6.71 -19.37 1.33
C PHE A 885 -5.76 -18.23 1.00
N PHE A 886 -6.16 -17.36 0.07
CA PHE A 886 -5.31 -16.21 -0.24
C PHE A 886 -5.23 -15.25 0.95
N LYS A 887 -6.33 -15.07 1.67
CA LYS A 887 -6.30 -14.23 2.86
C LYS A 887 -5.35 -14.80 3.91
N HIS A 888 -5.34 -16.13 4.07
CA HIS A 888 -4.38 -16.75 4.97
C HIS A 888 -2.95 -16.63 4.45
N LEU A 889 -2.78 -16.65 3.12
CA LEU A 889 -1.47 -16.39 2.54
C LEU A 889 -0.98 -15.01 2.94
N ILE A 890 -1.86 -14.02 2.87
CA ILE A 890 -1.61 -12.70 3.44
C ILE A 890 -1.50 -12.89 4.95
N ASP A 891 -0.74 -12.02 5.62
CA ASP A 891 -0.41 -11.89 7.03
C ASP A 891 0.71 -12.82 7.48
N ILE A 892 1.24 -13.67 6.61
CA ILE A 892 2.46 -14.43 6.89
C ILE A 892 3.46 -14.12 5.79
N GLY A 893 3.25 -13.00 5.12
CA GLY A 893 4.02 -12.68 3.94
C GLY A 893 3.39 -13.31 2.71
N LEU A 894 4.21 -13.96 1.89
CA LEU A 894 3.74 -14.74 0.74
C LEU A 894 2.80 -13.93 -0.15
N THR A 895 2.95 -12.61 -0.12
CA THR A 895 2.09 -11.74 -0.92
C THR A 895 2.49 -11.69 -2.38
N THR A 896 3.66 -12.21 -2.72
CA THR A 896 4.17 -12.23 -4.08
C THR A 896 4.51 -13.65 -4.49
N PRO A 897 4.44 -13.95 -5.79
CA PRO A 897 4.87 -15.28 -6.24
C PRO A 897 6.31 -15.61 -5.88
N SER A 898 7.19 -14.61 -5.87
CA SER A 898 8.57 -14.87 -5.46
C SER A 898 8.62 -15.46 -4.06
N SER A 899 7.97 -14.81 -3.11
CA SER A 899 7.96 -15.31 -1.73
C SER A 899 7.24 -16.64 -1.63
N TYR A 900 6.12 -16.80 -2.35
CA TYR A 900 5.36 -18.04 -2.27
C TYR A 900 6.19 -19.22 -2.75
N LEU A 901 6.87 -19.06 -3.90
CA LEU A 901 7.68 -20.15 -4.43
C LEU A 901 8.91 -20.38 -3.55
N SER A 902 9.50 -19.33 -3.01
CA SER A 902 10.60 -19.51 -2.08
C SER A 902 10.18 -20.28 -0.85
N ASN A 903 8.94 -20.13 -0.41
CA ASN A 903 8.42 -20.87 0.73
C ASN A 903 8.09 -22.33 0.38
N VAL A 904 7.52 -22.57 -0.80
CA VAL A 904 7.03 -23.91 -1.12
C VAL A 904 8.07 -24.81 -1.79
N LEU A 905 9.11 -24.26 -2.39
CA LEU A 905 10.08 -25.09 -3.08
C LEU A 905 10.97 -25.83 -2.10
N ASP A 906 11.51 -26.97 -2.54
CA ASP A 906 12.31 -27.83 -1.69
C ASP A 906 13.59 -27.13 -1.22
N ASP A 907 14.50 -26.86 -2.16
CA ASP A 907 15.78 -26.23 -1.84
C ASP A 907 16.64 -26.05 -3.09
N ASN A 908 17.42 -27.07 -3.44
CA ASN A 908 18.42 -26.99 -4.50
C ASN A 908 17.90 -27.41 -5.85
N ILE A 909 16.59 -27.69 -5.98
CA ILE A 909 16.02 -28.07 -7.26
C ILE A 909 16.13 -26.95 -8.28
N CYS A 910 16.29 -25.70 -7.82
CA CYS A 910 16.45 -24.58 -8.74
C CYS A 910 17.77 -24.62 -9.49
N GLY A 911 18.74 -25.36 -9.00
CA GLY A 911 20.03 -25.47 -9.66
C GLY A 911 21.15 -25.60 -8.66
N ALA A 912 22.35 -25.84 -9.18
CA ALA A 912 23.52 -26.00 -8.33
C ALA A 912 23.85 -24.71 -7.59
N ASP A 913 23.55 -23.56 -8.18
CA ASP A 913 23.80 -22.28 -7.56
C ASP A 913 22.60 -21.86 -6.73
N LYS A 914 22.86 -21.41 -5.51
CA LYS A 914 21.79 -20.98 -4.61
C LYS A 914 21.22 -19.65 -5.07
N ALA A 915 20.11 -19.68 -5.80
CA ALA A 915 19.48 -18.47 -6.31
C ALA A 915 18.10 -18.32 -5.70
N PRO A 916 17.98 -17.67 -4.55
CA PRO A 916 16.67 -17.56 -3.89
C PRO A 916 15.71 -16.71 -4.68
N TRP A 917 14.45 -17.14 -4.70
CA TRP A 917 13.42 -16.41 -5.44
C TRP A 917 13.12 -15.04 -4.83
N THR A 918 13.51 -14.81 -3.58
CA THR A 918 13.20 -13.54 -2.93
C THR A 918 13.91 -12.37 -3.62
N THR A 919 15.18 -12.56 -3.97
CA THR A 919 15.94 -11.48 -4.58
C THR A 919 15.50 -11.27 -6.04
N TYR A 920 15.90 -10.14 -6.60
CA TYR A 920 15.63 -9.80 -7.99
C TYR A 920 16.94 -9.40 -8.65
N THR A 921 17.20 -9.97 -9.83
CA THR A 921 18.40 -9.66 -10.59
C THR A 921 17.99 -9.02 -11.91
N THR A 922 18.62 -7.90 -12.25
CA THR A 922 18.27 -7.14 -13.44
C THR A 922 19.40 -7.24 -14.48
N TYR A 923 19.00 -7.29 -15.74
CA TYR A 923 19.92 -7.30 -16.87
C TYR A 923 19.31 -6.51 -18.02
N THR A 924 20.01 -6.50 -19.15
CA THR A 924 19.51 -5.87 -20.36
C THR A 924 19.59 -6.87 -21.51
N THR A 925 18.57 -6.88 -22.36
CA THR A 925 18.50 -7.87 -23.42
C THR A 925 17.82 -7.27 -24.65
N THR A 926 18.01 -7.94 -25.78
CA THR A 926 17.35 -7.54 -27.01
C THR A 926 16.00 -8.24 -27.13
N GLU A 927 15.01 -7.52 -27.66
CA GLU A 927 13.71 -8.11 -27.93
C GLU A 927 13.86 -9.29 -28.89
N LYS A 928 12.83 -10.13 -28.93
CA LYS A 928 12.87 -11.33 -29.77
C LYS A 928 13.12 -10.96 -31.23
N CYS A 929 14.06 -11.67 -31.86
CA CYS A 929 14.52 -11.34 -33.19
C CYS A 929 13.66 -11.94 -34.30
N ASN A 930 12.65 -12.74 -33.96
CA ASN A 930 11.79 -13.32 -34.98
C ASN A 930 11.03 -12.23 -35.74
N LYS A 931 10.52 -11.24 -35.02
CA LYS A 931 9.79 -10.12 -35.62
C LYS A 931 10.38 -8.81 -35.12
N GLU A 932 10.62 -7.89 -36.05
CA GLU A 932 11.15 -6.58 -35.72
C GLU A 932 10.01 -5.56 -35.70
N ARG A 933 9.96 -4.75 -34.65
CA ARG A 933 8.87 -3.80 -34.46
C ARG A 933 9.02 -2.63 -35.42
N ASP A 934 8.02 -2.42 -36.27
CA ASP A 934 7.96 -1.28 -37.19
C ASP A 934 9.23 -1.19 -38.05
N LYS A 935 9.44 -2.24 -38.84
CA LYS A 935 10.58 -2.33 -39.75
C LYS A 935 11.90 -2.34 -38.99
N SER A 936 13.01 -2.45 -39.70
CA SER A 936 14.33 -2.54 -39.10
C SER A 936 15.15 -1.29 -39.42
N LYS A 937 16.13 -1.04 -38.56
CA LYS A 937 17.16 0.01 -38.64
C LYS A 937 16.63 1.40 -38.35
N SER A 938 15.31 1.60 -38.28
CA SER A 938 14.79 2.86 -37.76
C SER A 938 13.39 2.60 -37.18
N GLN A 939 13.35 2.25 -35.90
CA GLN A 939 12.11 2.35 -35.14
C GLN A 939 12.38 3.05 -33.80
N SER A 940 13.52 2.75 -33.19
CA SER A 940 13.97 3.30 -31.92
C SER A 940 15.29 2.64 -31.58
N SER A 941 15.91 3.12 -30.50
CA SER A 941 17.09 2.47 -29.96
C SER A 941 16.78 1.51 -28.83
N ASP A 942 15.77 1.81 -28.01
CA ASP A 942 15.43 0.95 -26.89
C ASP A 942 14.73 -0.32 -27.33
N THR A 943 14.19 -0.37 -28.56
CA THR A 943 13.58 -1.60 -29.04
C THR A 943 14.60 -2.72 -29.16
N LEU A 944 15.86 -2.39 -29.39
CA LEU A 944 16.94 -3.36 -29.41
C LEU A 944 17.59 -3.58 -28.05
N VAL A 945 17.34 -2.69 -27.09
CA VAL A 945 17.92 -2.79 -25.75
C VAL A 945 16.85 -2.48 -24.72
N VAL A 946 16.32 -3.50 -24.06
CA VAL A 946 15.28 -3.36 -23.05
C VAL A 946 15.77 -3.96 -21.74
N VAL A 947 15.51 -3.25 -20.65
CA VAL A 947 15.95 -3.68 -19.32
C VAL A 947 14.92 -4.64 -18.74
N ASN A 948 15.39 -5.77 -18.22
CA ASN A 948 14.56 -6.79 -17.60
C ASN A 948 14.98 -6.92 -16.15
N VAL A 949 14.03 -7.24 -15.27
CA VAL A 949 14.33 -7.37 -13.84
C VAL A 949 13.45 -8.44 -13.19
N PRO A 950 13.69 -9.73 -13.46
CA PRO A 950 12.96 -10.77 -12.74
C PRO A 950 13.73 -11.31 -11.55
N SER A 951 13.08 -12.18 -10.78
CA SER A 951 13.78 -12.95 -9.75
C SER A 951 14.57 -14.08 -10.43
N PRO A 952 15.76 -14.43 -9.89
CA PRO A 952 16.69 -15.37 -10.54
C PRO A 952 16.24 -16.12 -11.79
N LEU A 953 15.72 -15.36 -12.76
CA LEU A 953 15.56 -15.81 -14.13
C LEU A 953 16.54 -15.10 -15.05
N GLY A 954 17.63 -14.57 -14.51
CA GLY A 954 18.55 -13.80 -15.31
C GLY A 954 19.35 -14.66 -16.26
N ASN A 955 20.00 -14.02 -17.22
CA ASN A 955 20.80 -14.68 -18.23
C ASN A 955 22.12 -15.22 -17.70
N THR A 956 22.40 -15.07 -16.41
CA THR A 956 23.60 -15.61 -15.79
C THR A 956 23.20 -16.35 -14.53
N PRO A 957 23.94 -17.39 -14.16
CA PRO A 957 23.59 -18.15 -12.95
C PRO A 957 23.90 -17.40 -11.66
N TYR A 958 23.06 -16.41 -11.34
CA TYR A 958 23.16 -15.66 -10.09
C TYR A 958 24.53 -15.02 -9.90
N ARG A 959 25.39 -15.67 -9.10
CA ARG A 959 26.66 -15.09 -8.72
C ARG A 959 27.66 -15.03 -9.87
N TYR A 960 27.37 -15.66 -11.01
CA TYR A 960 28.31 -15.74 -12.12
C TYR A 960 28.02 -14.70 -13.21
N LYS A 961 27.56 -13.51 -12.82
CA LYS A 961 27.37 -12.44 -13.78
C LYS A 961 28.68 -12.06 -14.44
N TYR A 962 29.75 -11.95 -13.65
CA TYR A 962 31.07 -11.66 -14.17
C TYR A 962 31.98 -12.89 -14.21
N ALA A 963 31.66 -13.94 -13.46
CA ALA A 963 32.42 -15.19 -13.57
C ALA A 963 32.27 -15.77 -14.96
N CYS A 964 31.07 -15.72 -15.53
CA CYS A 964 30.88 -16.08 -16.93
C CYS A 964 31.59 -15.08 -17.83
N GLN A 965 31.56 -15.36 -19.13
CA GLN A 965 32.26 -14.59 -20.17
C GLN A 965 33.66 -14.16 -19.71
N CYS A 966 34.33 -15.06 -18.97
CA CYS A 966 35.69 -14.85 -18.48
C CYS A 966 35.81 -13.61 -17.60
N LYS A 967 37.06 -13.30 -17.23
CA LYS A 967 37.42 -12.14 -16.40
C LYS A 967 36.76 -12.18 -15.03
N ILE A 968 37.18 -11.28 -14.14
CA ILE A 968 36.64 -11.20 -12.78
C ILE A 968 36.06 -9.80 -12.59
N PRO A 969 35.07 -9.62 -11.71
CA PRO A 969 34.51 -8.28 -11.50
C PRO A 969 35.52 -7.38 -10.82
N THR A 970 35.72 -6.19 -11.38
CA THR A 970 36.66 -5.24 -10.80
C THR A 970 36.07 -4.60 -9.55
N ASN A 971 36.96 -4.01 -8.74
CA ASN A 971 36.52 -3.37 -7.51
C ASN A 971 35.56 -2.22 -7.79
N GLU A 972 35.68 -1.59 -8.96
CA GLU A 972 34.77 -0.50 -9.31
C GLU A 972 33.35 -1.03 -9.55
N GLU A 973 33.23 -2.09 -10.36
CA GLU A 973 31.91 -2.60 -10.69
C GLU A 973 31.28 -3.40 -9.56
N THR A 974 32.09 -3.92 -8.63
CA THR A 974 31.51 -4.58 -7.46
C THR A 974 30.71 -3.59 -6.64
N CYS A 975 31.16 -2.32 -6.58
CA CYS A 975 30.41 -1.29 -5.88
C CYS A 975 29.05 -1.07 -6.53
N ASP A 976 29.02 -1.02 -7.87
CA ASP A 976 27.77 -0.90 -8.59
C ASP A 976 26.87 -2.09 -8.38
N ASP A 977 27.43 -3.30 -8.31
CA ASP A 977 26.65 -4.50 -8.02
C ASP A 977 26.01 -4.41 -6.65
N ARG A 978 26.79 -3.99 -5.64
CA ARG A 978 26.24 -3.87 -4.30
C ARG A 978 25.24 -2.73 -4.18
N LYS A 979 25.34 -1.72 -5.03
CA LYS A 979 24.37 -0.61 -5.07
C LYS A 979 24.31 0.15 -3.75
N GLU A 980 25.38 0.04 -2.95
CA GLU A 980 25.42 0.79 -1.71
C GLU A 980 25.54 2.28 -1.94
N TYR A 981 26.22 2.69 -3.02
CA TYR A 981 26.42 4.10 -3.38
C TYR A 981 25.99 4.24 -4.84
N MET A 982 24.78 4.72 -5.05
CA MET A 982 24.12 4.66 -6.35
C MET A 982 24.83 5.57 -7.36
N ASN A 983 24.49 5.38 -8.64
CA ASN A 983 25.10 6.10 -9.75
C ASN A 983 24.12 7.16 -10.26
N GLN A 984 24.59 8.40 -10.34
CA GLN A 984 23.76 9.50 -10.81
C GLN A 984 24.32 10.20 -12.05
N TRP A 985 25.61 10.50 -12.09
CA TRP A 985 26.20 11.20 -13.22
C TRP A 985 27.03 10.23 -14.07
N SER A 986 27.23 10.60 -15.34
CA SER A 986 27.80 9.67 -16.32
C SER A 986 29.17 10.09 -16.84
N CYS A 987 29.30 11.28 -17.45
CA CYS A 987 30.46 11.59 -18.29
C CYS A 987 31.51 12.34 -17.47
N GLY A 988 32.17 11.61 -16.58
CA GLY A 988 33.03 12.21 -15.60
C GLY A 988 32.11 12.60 -14.47
N SER A 989 32.32 12.06 -13.28
CA SER A 989 31.20 12.03 -12.35
C SER A 989 31.69 11.75 -10.93
N ALA A 990 30.74 11.81 -10.00
CA ALA A 990 30.90 11.21 -8.69
C ALA A 990 30.71 9.70 -8.71
N ARG A 991 30.47 9.12 -9.89
CA ARG A 991 30.19 7.69 -10.02
C ARG A 991 30.91 7.09 -11.22
N THR A 992 32.24 7.27 -11.24
CA THR A 992 33.15 6.54 -12.14
C THR A 992 33.00 6.99 -13.59
N MET A 993 33.91 6.51 -14.44
CA MET A 993 33.96 6.79 -15.87
C MET A 993 34.26 8.26 -16.16
N LYS A 994 34.81 8.54 -17.33
CA LYS A 994 35.16 9.89 -17.75
C LYS A 994 35.40 9.89 -19.25
N ARG A 995 35.09 11.00 -19.89
CA ARG A 995 35.22 11.13 -21.33
C ARG A 995 36.19 12.21 -21.78
N GLY A 996 36.69 13.04 -20.86
CA GLY A 996 37.60 14.09 -21.27
C GLY A 996 36.90 15.17 -22.07
N TYR A 997 37.70 15.89 -22.86
CA TYR A 997 39.14 15.67 -22.94
C TYR A 997 39.87 16.92 -22.46
N LYS A 998 41.16 16.78 -22.16
CA LYS A 998 41.97 17.89 -21.67
C LYS A 998 42.24 18.83 -22.84
N ASN A 999 41.32 19.76 -23.04
CA ASN A 999 41.43 20.74 -24.12
C ASN A 999 40.61 21.96 -23.72
N ASP A 1000 40.38 22.86 -24.69
CA ASP A 1000 39.64 24.09 -24.41
C ASP A 1000 38.18 23.79 -24.10
N ASN A 1001 37.54 22.98 -24.94
CA ASN A 1001 36.12 22.70 -24.79
C ASN A 1001 35.85 21.26 -25.21
N TYR A 1002 35.00 20.56 -24.46
CA TYR A 1002 34.35 21.04 -23.23
C TYR A 1002 34.03 19.84 -22.35
N GLU A 1003 34.48 19.86 -21.09
CA GLU A 1003 34.28 18.75 -20.18
C GLU A 1003 32.99 18.95 -19.40
N LEU A 1004 32.02 18.06 -19.61
CA LEU A 1004 30.71 18.16 -18.99
C LEU A 1004 30.39 16.90 -18.21
N CYS A 1005 29.82 17.06 -17.02
CA CYS A 1005 29.43 15.94 -16.15
C CYS A 1005 27.96 15.60 -16.43
N LYS A 1006 27.75 14.76 -17.45
CA LYS A 1006 26.39 14.40 -17.85
C LYS A 1006 25.72 13.52 -16.80
N TYR A 1007 24.44 13.81 -16.55
CA TYR A 1007 23.65 13.01 -15.62
C TYR A 1007 23.18 11.72 -16.29
N ASN A 1008 23.00 10.67 -15.49
CA ASN A 1008 22.54 9.40 -16.03
C ASN A 1008 21.13 9.53 -16.60
N GLY A 1009 20.91 8.95 -17.77
CA GLY A 1009 19.58 8.82 -18.34
C GLY A 1009 19.06 10.01 -19.10
N VAL A 1010 19.69 11.17 -18.98
CA VAL A 1010 19.25 12.38 -19.68
C VAL A 1010 20.40 12.85 -20.57
N ASP A 1011 20.08 13.10 -21.83
CA ASP A 1011 21.08 13.51 -22.82
C ASP A 1011 21.28 15.01 -22.74
N VAL A 1012 22.53 15.44 -22.54
CA VAL A 1012 22.84 16.86 -22.53
C VAL A 1012 22.67 17.41 -23.94
N LYS A 1013 22.03 18.58 -24.05
CA LYS A 1013 21.74 19.18 -25.34
C LYS A 1013 22.57 20.43 -25.52
N PRO A 1014 23.64 20.40 -26.32
CA PRO A 1014 24.53 21.57 -26.43
C PRO A 1014 24.09 22.56 -27.49
N THR A 1015 22.83 22.47 -27.94
CA THR A 1015 22.33 23.35 -28.99
C THR A 1015 22.38 24.80 -28.57
N THR A 1016 23.21 25.60 -29.24
CA THR A 1016 23.39 27.01 -28.90
C THR A 1016 22.44 27.93 -29.64
N VAL A 1017 21.49 27.39 -30.43
CA VAL A 1017 20.53 28.23 -31.13
C VAL A 1017 19.60 28.98 -30.18
N ARG A 1018 19.52 28.54 -28.92
CA ARG A 1018 18.69 29.25 -27.94
C ARG A 1018 19.31 30.58 -27.55
N SER A 1019 20.58 30.77 -27.85
CA SER A 1019 21.37 31.90 -27.35
C SER A 1019 21.10 33.15 -28.16
N ASN A 1020 21.59 34.28 -27.65
CA ASN A 1020 21.58 35.56 -28.33
C ASN A 1020 23.03 36.06 -28.45
N SER A 1021 23.19 37.27 -28.96
CA SER A 1021 24.51 37.84 -29.17
C SER A 1021 24.99 38.57 -27.92
N SER A 1022 26.31 38.68 -27.80
CA SER A 1022 27.03 39.42 -26.76
C SER A 1022 26.85 38.82 -25.38
N LYS A 1023 26.25 37.63 -25.25
CA LYS A 1023 26.01 37.01 -23.96
C LYS A 1023 26.70 35.65 -23.91
N LEU A 1024 26.46 34.92 -22.82
CA LEU A 1024 27.07 33.61 -22.65
C LEU A 1024 26.55 32.63 -23.68
N ASP A 1025 27.39 31.65 -24.03
CA ASP A 1025 27.02 30.68 -25.04
C ASP A 1025 26.09 29.62 -24.46
N GLY A 1026 25.36 28.95 -25.35
CA GLY A 1026 24.39 27.95 -24.92
C GLY A 1026 25.03 26.79 -24.18
N ASN A 1027 26.15 26.30 -24.69
CA ASN A 1027 26.85 25.22 -24.00
C ASN A 1027 27.35 25.66 -22.63
N ASP A 1028 27.81 26.91 -22.51
CA ASP A 1028 28.22 27.42 -21.20
C ASP A 1028 27.05 27.52 -20.24
N VAL A 1029 25.87 27.90 -20.73
CA VAL A 1029 24.69 27.96 -19.88
C VAL A 1029 24.28 26.57 -19.41
N THR A 1030 24.30 25.59 -20.34
CA THR A 1030 24.03 24.22 -19.93
C THR A 1030 25.05 23.74 -18.91
N PHE A 1031 26.32 24.11 -19.10
CA PHE A 1031 27.34 23.76 -18.12
C PHE A 1031 27.02 24.38 -16.76
N PHE A 1032 26.61 25.63 -16.73
CA PHE A 1032 26.31 26.28 -15.45
C PHE A 1032 25.15 25.59 -14.76
N ASN A 1033 24.09 25.25 -15.49
CA ASN A 1033 22.97 24.55 -14.87
C ASN A 1033 23.39 23.20 -14.34
N LEU A 1034 24.12 22.43 -15.16
CA LEU A 1034 24.59 21.12 -14.73
C LEU A 1034 25.51 21.25 -13.53
N PHE A 1035 26.35 22.28 -13.50
CA PHE A 1035 27.30 22.42 -12.41
C PHE A 1035 26.62 22.80 -11.11
N GLU A 1036 25.61 23.68 -11.17
CA GLU A 1036 24.93 24.03 -9.92
C GLU A 1036 24.12 22.85 -9.39
N GLN A 1037 23.49 22.07 -10.29
CA GLN A 1037 22.84 20.85 -9.86
C GLN A 1037 23.84 19.87 -9.25
N TRP A 1038 25.01 19.75 -9.88
CA TRP A 1038 26.06 18.88 -9.36
C TRP A 1038 26.53 19.33 -7.99
N ASN A 1039 26.72 20.65 -7.81
CA ASN A 1039 27.11 21.18 -6.52
C ASN A 1039 26.11 20.80 -5.46
N LYS A 1040 24.82 21.04 -5.71
CA LYS A 1040 23.80 20.71 -4.73
C LYS A 1040 23.81 19.22 -4.40
N GLU A 1041 23.79 18.38 -5.44
CA GLU A 1041 23.69 16.95 -5.21
C GLU A 1041 24.91 16.39 -4.50
N ILE A 1042 26.11 16.84 -4.88
CA ILE A 1042 27.32 16.33 -4.26
C ILE A 1042 27.44 16.81 -2.82
N GLN A 1043 27.06 18.06 -2.54
CA GLN A 1043 27.03 18.49 -1.14
C GLN A 1043 26.09 17.62 -0.33
N TYR A 1044 24.90 17.35 -0.87
CA TYR A 1044 23.94 16.51 -0.17
C TYR A 1044 24.50 15.11 0.07
N GLN A 1045 25.14 14.54 -0.95
CA GLN A 1045 25.62 13.16 -0.85
C GLN A 1045 26.81 13.05 0.08
N ILE A 1046 27.72 14.03 0.07
CA ILE A 1046 28.83 14.02 1.01
C ILE A 1046 28.30 14.14 2.44
N GLU A 1047 27.32 15.03 2.66
CA GLU A 1047 26.76 15.14 4.00
C GLU A 1047 26.10 13.82 4.43
N GLN A 1048 25.39 13.16 3.51
CA GLN A 1048 24.72 11.91 3.87
C GLN A 1048 25.72 10.80 4.16
N TYR A 1049 26.69 10.58 3.27
CA TYR A 1049 27.58 9.44 3.35
C TYR A 1049 28.76 9.66 4.27
N MET A 1050 29.01 10.89 4.73
CA MET A 1050 30.14 11.17 5.59
C MET A 1050 29.92 10.71 7.02
N THR A 1051 28.67 10.51 7.43
CA THR A 1051 28.35 10.20 8.82
C THR A 1051 28.10 8.71 9.04
N ASN A 1052 27.89 7.93 7.99
CA ASN A 1052 27.46 6.55 8.12
C ASN A 1052 28.54 5.69 8.76
N ALA A 1053 29.68 5.53 8.08
CA ALA A 1053 30.85 4.77 8.53
C ALA A 1053 30.55 3.29 8.78
N ASN A 1054 29.31 2.86 8.53
CA ASN A 1054 28.82 1.47 8.62
C ASN A 1054 28.80 0.92 10.05
N ILE A 1055 29.36 1.66 11.03
CA ILE A 1055 29.35 1.28 12.44
C ILE A 1055 30.02 -0.06 12.67
N SER A 1056 31.24 -0.04 13.18
CA SER A 1056 32.00 -1.25 13.49
C SER A 1056 32.62 -1.11 14.87
N CYS A 1057 32.71 -2.22 15.61
CA CYS A 1057 32.25 -3.54 15.17
C CYS A 1057 31.57 -4.24 16.36
N ILE A 1058 30.62 -5.14 16.10
CA ILE A 1058 30.21 -5.55 14.77
C ILE A 1058 28.80 -5.04 14.48
N ASP A 1059 28.47 -4.78 13.21
CA ASP A 1059 29.39 -4.97 12.08
C ASP A 1059 29.33 -3.79 11.11
N ASN A 1092 39.59 -5.69 3.55
CA ASN A 1092 38.22 -5.27 3.23
C ASN A 1092 37.67 -4.36 4.33
N CYS A 1093 37.53 -4.90 5.53
CA CYS A 1093 37.00 -4.17 6.68
C CYS A 1093 35.65 -3.54 6.35
N LYS A 1094 34.67 -4.41 6.08
CA LYS A 1094 33.34 -4.01 5.63
C LYS A 1094 33.44 -3.28 4.30
N GLU A 1095 32.57 -2.30 4.09
CA GLU A 1095 32.49 -1.57 2.82
C GLU A 1095 33.02 -0.14 2.94
N LYS A 1096 34.12 0.03 3.68
CA LYS A 1096 34.83 1.30 3.68
C LYS A 1096 36.09 1.26 2.82
N CYS A 1097 36.51 0.07 2.38
CA CYS A 1097 37.55 -0.07 1.38
C CYS A 1097 36.96 -0.15 -0.03
N LYS A 1098 35.85 -0.84 -0.18
CA LYS A 1098 35.07 -0.83 -1.41
C LYS A 1098 33.74 -0.12 -1.14
N CYS A 1099 33.25 0.61 -2.14
CA CYS A 1099 32.08 1.47 -2.01
C CYS A 1099 32.38 2.67 -1.13
N TYR A 1100 33.63 2.78 -0.66
CA TYR A 1100 34.09 3.92 0.10
C TYR A 1100 35.61 3.95 0.02
N LYS A 1101 36.18 5.16 0.09
CA LYS A 1101 37.57 5.47 -0.21
C LYS A 1101 37.88 5.25 -1.69
N LEU A 1102 36.91 4.80 -2.48
CA LEU A 1102 36.97 4.80 -3.92
C LEU A 1102 36.22 5.97 -4.52
N TRP A 1103 34.94 6.13 -4.14
CA TRP A 1103 34.19 7.26 -4.67
C TRP A 1103 34.67 8.56 -4.05
N ILE A 1104 35.35 8.50 -2.91
CA ILE A 1104 35.97 9.71 -2.35
C ILE A 1104 37.05 10.23 -3.28
N GLU A 1105 37.99 9.36 -3.69
CA GLU A 1105 39.02 9.78 -4.63
C GLU A 1105 38.41 10.19 -5.95
N LYS A 1106 37.40 9.45 -6.40
CA LYS A 1106 36.79 9.74 -7.69
C LYS A 1106 35.94 11.01 -7.66
N ILE A 1107 35.37 11.38 -6.51
CA ILE A 1107 34.67 12.66 -6.42
C ILE A 1107 35.68 13.79 -6.24
N ASN A 1108 36.85 13.49 -5.67
CA ASN A 1108 37.93 14.46 -5.70
C ASN A 1108 38.34 14.76 -7.13
N ASP A 1109 38.47 13.71 -7.94
CA ASP A 1109 38.76 13.90 -9.36
C ASP A 1109 37.65 14.67 -10.06
N GLN A 1110 36.40 14.37 -9.73
CA GLN A 1110 35.28 15.08 -10.35
C GLN A 1110 35.26 16.55 -9.96
N TRP A 1111 35.56 16.87 -8.70
CA TRP A 1111 35.63 18.26 -8.29
C TRP A 1111 36.77 18.98 -9.00
N GLY A 1112 37.91 18.31 -9.17
CA GLY A 1112 38.98 18.89 -9.95
C GLY A 1112 38.56 19.19 -11.38
N LYS A 1113 37.85 18.24 -12.00
CA LYS A 1113 37.36 18.44 -13.36
C LYS A 1113 36.39 19.60 -13.42
N GLN A 1114 35.47 19.68 -12.44
CA GLN A 1114 34.48 20.75 -12.45
C GLN A 1114 35.12 22.12 -12.23
N LYS A 1115 36.11 22.20 -11.34
CA LYS A 1115 36.78 23.47 -11.12
C LYS A 1115 37.60 23.87 -12.35
N ASP A 1116 38.22 22.91 -13.03
CA ASP A 1116 38.92 23.22 -14.27
C ASP A 1116 37.96 23.71 -15.35
N ASN A 1117 36.78 23.13 -15.43
CA ASN A 1117 35.80 23.57 -16.42
C ASN A 1117 35.27 24.96 -16.08
N TYR A 1118 35.01 25.22 -14.79
CA TYR A 1118 34.56 26.54 -14.39
C TYR A 1118 35.64 27.59 -14.59
N ASN A 1119 36.91 27.17 -14.55
CA ASN A 1119 37.99 28.10 -14.90
C ASN A 1119 37.86 28.58 -16.34
N LYS A 1120 37.55 27.67 -17.27
CA LYS A 1120 37.28 28.08 -18.64
C LYS A 1120 36.01 28.91 -18.73
N PHE A 1121 34.99 28.56 -17.93
CA PHE A 1121 33.73 29.30 -17.95
C PHE A 1121 33.94 30.76 -17.55
N ARG A 1122 34.72 31.00 -16.49
CA ARG A 1122 35.00 32.34 -16.03
C ARG A 1122 35.91 33.12 -16.98
N SER A 1123 36.68 32.44 -17.81
CA SER A 1123 37.58 33.10 -18.74
C SER A 1123 36.86 33.86 -19.84
N LYS A 1124 35.52 33.84 -19.86
CA LYS A 1124 34.73 34.57 -20.84
C LYS A 1124 34.59 36.05 -20.49
N GLN A 1125 35.42 36.56 -19.58
CA GLN A 1125 35.40 37.97 -19.19
C GLN A 1125 36.29 38.84 -20.06
N ILE A 1126 36.92 38.27 -21.09
CA ILE A 1126 37.78 39.05 -21.96
C ILE A 1126 37.00 40.14 -22.69
N TYR A 1127 35.69 39.98 -22.83
CA TYR A 1127 34.86 40.96 -23.53
C TYR A 1127 33.83 41.64 -22.66
N ASP A 1128 33.16 40.91 -21.75
CA ASP A 1128 32.02 41.44 -21.03
C ASP A 1128 32.36 42.01 -19.66
N ALA A 1129 33.58 41.83 -19.17
CA ALA A 1129 33.94 42.35 -17.85
C ALA A 1129 33.87 43.87 -17.84
N ASN A 1130 34.51 44.54 -18.79
CA ASN A 1130 34.46 45.99 -18.86
C ASN A 1130 33.07 46.48 -19.24
N LYS A 1131 32.37 45.74 -20.11
CA LYS A 1131 31.04 46.15 -20.54
C LYS A 1131 30.05 46.15 -19.37
N GLY A 1132 30.10 45.12 -18.53
CA GLY A 1132 29.18 45.02 -17.42
C GLY A 1132 29.86 44.99 -16.06
N SER A 1133 30.88 45.82 -15.90
CA SER A 1133 31.59 45.94 -14.63
C SER A 1133 30.63 46.16 -13.47
N GLN A 1134 30.72 45.30 -12.46
CA GLN A 1134 31.70 44.22 -12.46
C GLN A 1134 31.02 42.87 -12.27
N ASN A 1135 30.69 42.21 -13.39
CA ASN A 1135 30.08 40.90 -13.34
C ASN A 1135 31.09 39.76 -13.45
N LYS A 1136 32.31 40.04 -13.93
CA LYS A 1136 33.41 39.09 -14.02
C LYS A 1136 33.15 38.01 -15.07
N LYS A 1137 31.93 38.00 -15.63
CA LYS A 1137 31.52 37.09 -16.70
C LYS A 1137 32.11 35.69 -16.55
N VAL A 1138 31.79 34.98 -15.47
CA VAL A 1138 30.82 35.40 -14.47
C VAL A 1138 31.58 35.35 -13.13
N VAL A 1139 30.91 35.69 -12.02
CA VAL A 1139 31.57 35.71 -10.72
C VAL A 1139 32.23 34.37 -10.45
N SER A 1140 33.35 34.41 -9.72
CA SER A 1140 34.27 33.28 -9.65
C SER A 1140 33.66 32.08 -8.92
N LEU A 1141 34.38 30.96 -8.98
CA LEU A 1141 33.87 29.69 -8.49
C LEU A 1141 33.71 29.68 -6.98
N SER A 1142 34.72 30.14 -6.25
CA SER A 1142 34.64 30.17 -4.79
C SER A 1142 33.50 31.08 -4.34
N ASN A 1143 33.38 32.24 -4.99
CA ASN A 1143 32.30 33.15 -4.68
C ASN A 1143 30.94 32.51 -4.96
N PHE A 1144 30.83 31.77 -6.06
CA PHE A 1144 29.57 31.09 -6.36
C PHE A 1144 29.24 30.04 -5.31
N LEU A 1145 30.24 29.30 -4.83
CA LEU A 1145 29.99 28.32 -3.79
C LEU A 1145 29.53 28.99 -2.50
N PHE A 1146 30.15 30.13 -2.17
CA PHE A 1146 29.68 30.93 -1.03
C PHE A 1146 28.22 31.30 -1.19
N PHE A 1147 27.85 31.79 -2.37
CA PHE A 1147 26.46 32.13 -2.62
C PHE A 1147 25.57 30.90 -2.50
N SER A 1148 26.05 29.76 -2.97
CA SER A 1148 25.22 28.55 -2.95
C SER A 1148 24.90 28.12 -1.53
N CYS A 1149 25.91 28.12 -0.65
CA CYS A 1149 25.63 27.73 0.73
C CYS A 1149 24.76 28.76 1.45
N TRP A 1150 25.02 30.06 1.22
CA TRP A 1150 24.18 31.07 1.83
C TRP A 1150 22.73 30.97 1.35
N GLU A 1151 22.53 30.74 0.05
CA GLU A 1151 21.18 30.56 -0.50
C GLU A 1151 20.53 29.31 0.05
N GLU A 1152 21.30 28.24 0.26
CA GLU A 1152 20.74 27.03 0.86
C GLU A 1152 20.22 27.33 2.26
N TYR A 1153 20.97 28.12 3.04
CA TYR A 1153 20.49 28.52 4.36
C TYR A 1153 19.21 29.35 4.26
N ILE A 1154 19.22 30.36 3.37
CA ILE A 1154 18.11 31.31 3.32
C ILE A 1154 16.84 30.63 2.82
N GLN A 1155 16.97 29.71 1.86
CA GLN A 1155 15.80 29.04 1.30
C GLN A 1155 15.04 28.28 2.37
N LYS A 1156 15.76 27.61 3.28
CA LYS A 1156 15.11 26.85 4.32
C LYS A 1156 14.62 27.74 5.46
N TYR A 1157 15.49 28.62 5.97
CA TYR A 1157 15.18 29.35 7.19
C TYR A 1157 14.56 30.73 6.94
N PHE A 1158 14.29 31.11 5.70
CA PHE A 1158 13.62 32.38 5.42
C PHE A 1158 12.54 32.22 4.37
N ASN A 1159 12.04 31.00 4.19
CA ASN A 1159 10.92 30.70 3.31
C ASN A 1159 11.19 31.20 1.89
N GLY A 1160 12.21 30.61 1.27
CA GLY A 1160 12.51 30.92 -0.11
C GLY A 1160 13.67 31.87 -0.25
N ASP A 1161 14.39 31.75 -1.38
CA ASP A 1161 15.52 32.62 -1.66
C ASP A 1161 15.07 34.05 -1.94
N TRP A 1162 13.82 34.25 -2.35
CA TRP A 1162 13.33 35.59 -2.64
C TRP A 1162 13.31 36.48 -1.41
N SER A 1163 13.39 35.90 -0.22
CA SER A 1163 13.41 36.66 1.02
C SER A 1163 14.82 37.00 1.48
N LYS A 1164 15.78 37.04 0.55
CA LYS A 1164 17.15 37.43 0.92
C LYS A 1164 17.23 38.90 1.33
N ILE A 1165 16.21 39.69 1.03
CA ILE A 1165 16.17 41.06 1.52
C ILE A 1165 16.17 41.08 3.05
N LYS A 1166 15.39 40.17 3.66
CA LYS A 1166 15.42 40.00 5.10
C LYS A 1166 16.70 39.27 5.50
N ASN A 1167 17.84 39.95 5.41
CA ASN A 1167 19.13 39.34 5.65
C ASN A 1167 19.57 39.42 7.11
N ILE A 1168 18.69 39.88 8.00
CA ILE A 1168 19.04 39.98 9.42
C ILE A 1168 19.03 38.59 10.04
N GLY A 1169 20.22 38.03 10.24
CA GLY A 1169 20.39 36.70 10.79
C GLY A 1169 20.57 36.63 12.28
N SER A 1170 20.44 37.75 12.99
CA SER A 1170 20.60 37.82 14.45
C SER A 1170 21.98 37.28 14.79
N ASP A 1171 22.12 36.24 15.63
CA ASP A 1171 23.42 35.69 15.99
C ASP A 1171 23.60 34.27 15.47
N THR A 1172 23.01 33.95 14.32
CA THR A 1172 23.31 32.69 13.65
C THR A 1172 24.50 32.80 12.71
N PHE A 1173 25.13 33.98 12.64
CA PHE A 1173 26.23 34.20 11.71
C PHE A 1173 27.42 33.29 12.03
N GLU A 1174 27.74 33.15 13.32
CA GLU A 1174 28.94 32.43 13.73
C GLU A 1174 28.95 31.01 13.15
N PHE A 1175 27.87 30.27 13.33
CA PHE A 1175 27.74 28.97 12.68
C PHE A 1175 27.75 29.14 11.17
N LEU A 1176 27.07 30.18 10.67
CA LEU A 1176 26.96 30.35 9.23
C LEU A 1176 28.31 30.72 8.61
N ILE A 1177 29.06 31.61 9.26
CA ILE A 1177 30.38 31.93 8.72
C ILE A 1177 31.33 30.75 8.89
N LYS A 1178 31.15 29.94 9.93
CA LYS A 1178 31.95 28.73 10.07
C LYS A 1178 31.68 27.76 8.93
N LYS A 1179 30.41 27.60 8.54
CA LYS A 1179 30.03 26.72 7.45
C LYS A 1179 30.35 27.28 6.07
N CYS A 1180 30.47 28.60 5.95
CA CYS A 1180 30.70 29.23 4.65
C CYS A 1180 32.04 29.93 4.53
N GLY A 1181 32.84 29.98 5.59
CA GLY A 1181 34.11 30.68 5.55
C GLY A 1181 33.94 32.18 5.74
N ASN A 1182 34.91 32.81 6.42
CA ASN A 1182 34.84 34.24 6.64
C ASN A 1182 34.92 35.00 5.32
N ASN A 1183 33.86 35.75 5.01
CA ASN A 1183 33.69 36.56 3.81
C ASN A 1183 33.85 35.73 2.53
N SER A 1184 33.83 36.37 1.37
CA SER A 1184 33.84 35.66 0.11
C SER A 1184 35.24 35.14 -0.22
N ALA A 1185 35.42 34.65 -1.45
CA ALA A 1185 36.70 34.12 -1.94
C ALA A 1185 37.19 32.96 -1.09
N HIS A 1186 36.27 32.20 -0.48
CA HIS A 1186 36.65 31.01 0.27
C HIS A 1186 35.69 29.84 0.03
N GLY A 1187 34.83 29.93 -0.97
CA GLY A 1187 33.93 28.82 -1.26
C GLY A 1187 34.64 27.56 -1.72
N GLU A 1188 35.78 27.72 -2.39
CA GLU A 1188 36.59 26.56 -2.75
C GLU A 1188 37.04 25.81 -1.50
N GLU A 1189 37.37 26.54 -0.45
CA GLU A 1189 37.74 25.91 0.82
C GLU A 1189 36.61 25.07 1.40
N ILE A 1190 35.36 25.36 1.04
CA ILE A 1190 34.25 24.55 1.53
C ILE A 1190 34.39 23.11 1.04
N PHE A 1191 34.57 22.94 -0.27
CA PHE A 1191 34.80 21.60 -0.80
C PHE A 1191 36.15 21.05 -0.36
N SER A 1192 37.16 21.92 -0.23
CA SER A 1192 38.45 21.45 0.27
C SER A 1192 38.29 20.75 1.62
N GLU A 1193 37.59 21.39 2.56
CA GLU A 1193 37.37 20.78 3.86
C GLU A 1193 36.43 19.58 3.76
N LYS A 1194 35.35 19.70 2.97
CA LYS A 1194 34.37 18.62 2.87
C LYS A 1194 34.94 17.37 2.23
N LEU A 1195 36.07 17.49 1.53
CA LEU A 1195 36.75 16.32 0.99
C LEU A 1195 37.96 15.90 1.82
N LYS A 1196 38.57 16.84 2.55
CA LYS A 1196 39.67 16.48 3.43
C LYS A 1196 39.20 15.84 4.73
N ASN A 1197 37.93 16.00 5.10
CA ASN A 1197 37.40 15.36 6.29
C ASN A 1197 36.86 13.97 6.02
N ALA A 1198 37.11 13.41 4.83
CA ALA A 1198 36.71 12.05 4.53
C ALA A 1198 37.63 11.08 5.25
N GLU A 1199 37.54 11.06 6.57
CA GLU A 1199 38.45 10.30 7.42
C GLU A 1199 37.67 9.90 8.66
N LYS A 1200 38.40 9.57 9.75
CA LYS A 1200 37.90 9.15 11.06
C LYS A 1200 37.48 7.68 11.04
N LYS A 1201 37.71 6.98 9.93
CA LYS A 1201 37.49 5.54 9.87
C LYS A 1201 38.20 4.96 8.66
N CYS A 1202 39.00 3.91 8.87
CA CYS A 1202 39.79 3.27 7.80
C CYS A 1202 40.70 4.28 7.11
N LYS A 1203 41.73 4.78 7.81
CA LYS A 1203 42.40 4.20 9.00
C LYS A 1203 42.63 2.66 8.79
N GLU A 1204 42.29 1.66 9.65
CA GLU A 1204 41.65 1.68 10.97
C GLU A 1204 42.54 2.13 12.15
N ASN A 1205 43.79 1.68 12.28
CA ASN A 1205 44.47 0.70 11.44
C ASN A 1205 44.36 -0.69 12.04
N GLU A 1206 44.78 -0.80 13.29
CA GLU A 1206 44.83 -2.07 14.03
C GLU A 1206 43.74 -2.22 15.09
N SER A 1207 43.50 -1.22 15.94
CA SER A 1207 44.15 0.09 16.01
C SER A 1207 45.32 0.13 17.00
N THR A 1208 45.79 1.34 17.28
CA THR A 1208 46.89 1.57 18.20
C THR A 1208 46.57 1.14 19.62
N ASP A 1209 45.29 0.92 19.94
CA ASP A 1209 44.89 0.47 21.27
C ASP A 1209 45.59 -0.84 21.62
N THR A 1210 45.96 -0.97 22.89
CA THR A 1210 45.61 -0.01 23.93
C THR A 1210 46.83 0.45 24.72
N ASN A 1211 46.88 1.74 25.04
CA ASN A 1211 47.92 2.30 25.89
C ASN A 1211 47.55 2.10 27.36
N ILE A 1212 48.27 2.77 28.25
CA ILE A 1212 48.03 2.64 29.68
C ILE A 1212 47.45 3.96 30.20
N ASN A 1213 47.06 3.98 31.47
CA ASN A 1213 46.54 5.18 32.09
C ASN A 1213 47.66 6.20 32.27
N LYS A 1214 47.32 7.37 32.78
CA LYS A 1214 48.28 8.46 32.94
C LYS A 1214 48.77 8.51 34.38
N SER A 1215 50.10 8.56 34.53
CA SER A 1215 50.70 8.64 35.86
C SER A 1215 50.39 9.97 36.52
N GLU A 1216 50.11 9.93 37.82
CA GLU A 1216 50.12 8.71 38.62
C GLU A 1216 49.00 8.75 39.66
N THR A 1217 48.61 7.58 40.16
CA THR A 1217 47.43 7.47 41.02
C THR A 1217 47.57 8.26 42.31
N SER A 1218 48.49 7.82 43.19
CA SER A 1218 48.67 8.39 44.53
C SER A 1218 47.29 8.58 45.17
N CYS A 1219 46.94 9.79 45.59
CA CYS A 1219 45.63 10.12 46.17
C CYS A 1219 45.37 9.39 47.48
N ASP A 1220 46.38 8.75 48.06
CA ASP A 1220 46.25 8.13 49.37
C ASP A 1220 46.25 9.17 50.49
N LEU A 1221 46.61 10.42 50.19
CA LEU A 1221 46.60 11.50 51.18
C LEU A 1221 45.19 12.10 51.26
N ASN A 1222 44.29 11.32 51.87
CA ASN A 1222 42.90 11.76 52.04
C ASN A 1222 42.81 13.01 52.90
N ALA A 1223 43.81 13.29 53.73
CA ALA A 1223 43.84 14.52 54.53
C ALA A 1223 44.28 15.66 53.64
N THR A 1224 43.32 16.19 52.87
CA THR A 1224 43.55 17.30 51.96
C THR A 1224 43.30 18.65 52.61
N ASN A 1225 43.48 18.75 53.93
CA ASN A 1225 43.22 19.96 54.69
C ASN A 1225 41.78 20.41 54.53
N TYR A 1226 41.52 21.69 54.76
CA TYR A 1226 40.18 22.26 54.62
C TYR A 1226 40.20 23.29 53.50
N ILE A 1227 39.15 23.29 52.69
CA ILE A 1227 39.01 24.23 51.58
C ILE A 1227 37.93 25.23 51.94
N ARG A 1228 38.28 26.52 51.95
CA ARG A 1228 37.35 27.57 52.34
C ARG A 1228 36.22 27.74 51.33
N GLY A 1229 36.35 27.20 50.12
CA GLY A 1229 35.33 27.36 49.11
C GLY A 1229 34.01 26.73 49.48
N CYS A 1230 33.97 25.40 49.55
CA CYS A 1230 32.76 24.67 49.89
C CYS A 1230 33.13 23.38 50.59
N GLN A 1231 32.51 23.15 51.75
CA GLN A 1231 32.61 21.85 52.41
C GLN A 1231 31.62 20.83 51.87
N SER A 1232 30.58 21.28 51.17
CA SER A 1232 29.56 20.40 50.63
C SER A 1232 28.72 21.16 49.61
N LYS A 1233 28.56 20.57 48.43
CA LYS A 1233 27.72 21.12 47.36
C LYS A 1233 26.25 20.87 47.70
N THR A 1234 25.78 21.59 48.72
CA THR A 1234 24.38 21.49 49.14
C THR A 1234 23.57 22.50 48.33
N TYR A 1235 23.45 22.22 47.04
CA TYR A 1235 22.66 23.08 46.16
C TYR A 1235 21.25 22.57 45.92
N ASP A 1236 21.05 21.25 45.90
CA ASP A 1236 19.71 20.68 45.90
C ASP A 1236 19.34 20.27 47.32
N GLY A 1237 19.28 21.27 48.18
CA GLY A 1237 18.95 21.05 49.58
C GLY A 1237 20.11 20.47 50.36
N LYS A 1238 19.81 20.08 51.59
CA LYS A 1238 20.78 19.51 52.50
C LYS A 1238 20.65 17.99 52.53
N ILE A 1239 21.73 17.32 52.90
CA ILE A 1239 21.74 15.86 53.02
C ILE A 1239 21.09 15.48 54.34
N PHE A 1240 20.26 14.43 54.30
CA PHE A 1240 19.61 13.96 55.53
C PHE A 1240 20.67 13.49 56.53
N PRO A 1241 20.51 13.80 57.82
CA PRO A 1241 19.39 14.58 58.36
C PRO A 1241 19.50 16.07 58.09
N GLY A 1242 18.35 16.73 57.94
CA GLY A 1242 18.32 18.15 57.63
C GLY A 1242 18.03 18.43 56.17
N LYS A 1243 17.14 19.39 55.92
CA LYS A 1243 16.75 19.75 54.57
C LYS A 1243 16.70 21.27 54.47
N GLY A 1244 16.67 21.77 53.25
CA GLY A 1244 16.63 23.20 52.98
C GLY A 1244 17.88 23.69 52.29
N GLY A 1245 17.82 24.94 51.84
CA GLY A 1245 18.91 25.55 51.11
C GLY A 1245 18.98 25.18 49.65
N GLU A 1246 17.86 24.83 49.04
CA GLU A 1246 17.85 24.44 47.63
C GLU A 1246 18.18 25.63 46.75
N LYS A 1247 19.14 25.46 45.84
CA LYS A 1247 19.47 26.49 44.88
C LYS A 1247 18.47 26.47 43.71
N GLN A 1248 18.49 27.53 42.93
CA GLN A 1248 17.57 27.70 41.82
C GLN A 1248 18.33 27.95 40.52
N TRP A 1249 17.76 27.48 39.41
CA TRP A 1249 18.29 27.76 38.09
C TRP A 1249 18.37 29.26 37.85
N ILE A 1250 19.59 29.77 37.69
CA ILE A 1250 19.77 31.19 37.37
C ILE A 1250 19.48 31.37 35.89
N CYS A 1251 18.28 31.82 35.57
CA CYS A 1251 17.92 32.08 34.19
C CYS A 1251 18.58 33.37 33.72
N LYS A 1252 18.25 33.80 32.51
CA LYS A 1252 18.87 34.99 31.96
C LYS A 1252 18.24 36.25 32.56
N ASP A 1253 18.66 37.40 32.03
CA ASP A 1253 18.19 38.71 32.50
C ASP A 1253 18.53 38.91 33.97
N THR A 1254 19.61 38.26 34.42
CA THR A 1254 20.11 38.47 35.78
C THR A 1254 21.04 39.67 35.79
N ILE A 1255 20.97 40.46 36.86
CA ILE A 1255 21.71 41.70 36.93
C ILE A 1255 23.22 41.42 36.97
N ILE A 1256 23.62 40.31 37.58
CA ILE A 1256 25.03 40.03 37.77
C ILE A 1256 25.73 39.61 36.48
N HIS A 1257 24.99 39.23 35.45
CA HIS A 1257 25.58 38.80 34.18
C HIS A 1257 25.12 39.66 33.01
N GLY A 1258 24.63 40.87 33.28
CA GLY A 1258 24.21 41.75 32.21
C GLY A 1258 22.97 41.25 31.49
N ASP A 1259 22.96 41.44 30.17
CA ASP A 1259 21.82 41.01 29.36
C ASP A 1259 21.64 39.50 29.42
N THR A 1260 22.75 38.76 29.33
CA THR A 1260 22.74 37.29 29.45
C THR A 1260 21.84 36.67 28.38
N ASN A 1261 22.26 36.80 27.12
CA ASN A 1261 21.46 36.19 26.05
C ASN A 1261 21.64 34.68 25.97
N GLY A 1262 22.53 34.10 26.77
CA GLY A 1262 22.76 32.68 26.76
C GLY A 1262 21.78 31.90 27.62
N ALA A 1263 22.16 30.66 27.91
CA ALA A 1263 21.31 29.74 28.66
C ALA A 1263 21.40 30.01 30.15
N CYS A 1264 20.64 29.24 30.93
CA CYS A 1264 20.61 29.39 32.38
C CYS A 1264 21.85 28.78 33.02
N ILE A 1265 22.14 29.24 34.23
CA ILE A 1265 23.31 28.80 34.98
C ILE A 1265 22.86 27.67 35.91
N PRO A 1266 23.42 26.48 35.78
CA PRO A 1266 23.00 25.35 36.62
C PRO A 1266 23.28 25.61 38.09
N PRO A 1267 22.42 25.10 38.98
CA PRO A 1267 22.69 25.23 40.42
C PRO A 1267 23.98 24.56 40.85
N ARG A 1268 24.34 23.44 40.20
CA ARG A 1268 25.61 22.81 40.51
C ARG A 1268 26.78 23.72 40.16
N THR A 1269 26.69 24.42 39.03
CA THR A 1269 27.71 25.40 38.69
C THR A 1269 27.72 26.55 39.68
N GLN A 1270 26.54 26.96 40.15
CA GLN A 1270 26.46 28.03 41.14
C GLN A 1270 27.16 27.63 42.44
N ASN A 1271 26.95 26.39 42.89
CA ASN A 1271 27.58 25.86 44.09
C ASN A 1271 28.88 25.14 43.80
N LEU A 1272 29.46 25.38 42.62
CA LEU A 1272 30.69 24.70 42.23
C LEU A 1272 31.81 24.92 43.24
N CYS A 1273 32.56 23.86 43.52
CA CYS A 1273 33.69 23.92 44.44
C CYS A 1273 34.90 24.41 43.67
N VAL A 1274 35.09 25.74 43.69
CA VAL A 1274 36.23 26.34 43.00
C VAL A 1274 37.55 25.93 43.64
N GLY A 1275 37.52 25.50 44.90
CA GLY A 1275 38.73 25.18 45.62
C GLY A 1275 39.26 26.36 46.38
N GLU A 1276 40.58 26.57 46.34
CA GLU A 1276 41.21 27.70 47.01
C GLU A 1276 41.51 28.84 46.03
N LEU A 1277 40.90 28.81 44.86
CA LEU A 1277 41.12 29.86 43.88
C LEU A 1277 40.28 31.10 44.18
N TRP A 1278 39.00 30.89 44.49
CA TRP A 1278 38.07 31.97 44.76
C TRP A 1278 37.54 31.86 46.18
N ASP A 1279 37.15 33.01 46.74
CA ASP A 1279 36.69 33.06 48.12
C ASP A 1279 35.78 34.26 48.31
N LYS A 1280 35.09 34.27 49.45
CA LYS A 1280 34.10 35.29 49.80
C LYS A 1280 34.48 35.94 51.13
N SER A 1281 33.55 36.74 51.65
CA SER A 1281 33.68 37.61 52.83
C SER A 1281 34.50 38.87 52.53
N TYR A 1282 35.07 39.00 51.34
CA TYR A 1282 35.87 40.16 50.97
C TYR A 1282 35.57 40.59 49.55
N GLY A 1283 34.30 40.50 49.15
CA GLY A 1283 33.95 40.81 47.78
C GLY A 1283 34.62 39.84 46.82
N GLY A 1284 35.36 40.37 45.86
CA GLY A 1284 36.11 39.55 44.95
C GLY A 1284 37.50 39.23 45.46
N ARG A 1285 37.67 38.02 46.00
CA ARG A 1285 38.94 37.62 46.60
C ARG A 1285 39.56 36.47 45.82
N SER A 1286 40.82 36.64 45.43
CA SER A 1286 41.57 35.59 44.74
C SER A 1286 42.70 35.14 45.66
N ASN A 1287 42.46 34.01 46.33
CA ASN A 1287 43.44 33.49 47.28
C ASN A 1287 44.73 33.11 46.58
N ILE A 1288 44.64 32.44 45.45
CA ILE A 1288 45.80 32.10 44.63
C ILE A 1288 45.97 33.23 43.63
N LYS A 1289 46.80 34.21 43.98
CA LYS A 1289 46.96 35.39 43.15
C LYS A 1289 48.42 35.59 42.75
N ASN A 1290 49.35 35.37 43.68
CA ASN A 1290 50.76 35.58 43.44
C ASN A 1290 51.51 34.29 43.12
N ASP A 1291 50.82 33.15 43.04
CA ASP A 1291 51.46 31.88 42.77
C ASP A 1291 51.40 31.58 41.27
N THR A 1292 52.14 30.54 40.86
CA THR A 1292 52.14 30.08 39.49
C THR A 1292 51.12 28.96 39.32
N LYS A 1293 51.02 28.43 38.10
CA LYS A 1293 50.09 27.35 37.85
C LYS A 1293 50.52 26.05 38.52
N GLU A 1294 51.80 25.90 38.85
CA GLU A 1294 52.28 24.67 39.47
C GLU A 1294 51.57 24.42 40.80
N LEU A 1295 51.21 25.50 41.50
CA LEU A 1295 50.50 25.36 42.78
C LEU A 1295 49.08 24.86 42.56
N LEU A 1296 48.42 25.31 41.50
CA LEU A 1296 46.98 25.09 41.38
C LEU A 1296 46.62 23.70 40.88
N LYS A 1297 47.55 22.94 40.31
CA LYS A 1297 47.23 21.56 39.98
C LYS A 1297 46.88 20.76 41.23
N GLU A 1298 47.62 20.97 42.32
CA GLU A 1298 47.27 20.31 43.57
C GLU A 1298 45.94 20.82 44.11
N LYS A 1299 45.71 22.14 44.00
CA LYS A 1299 44.45 22.70 44.49
C LYS A 1299 43.26 22.21 43.68
N ILE A 1300 43.37 22.25 42.34
CA ILE A 1300 42.30 21.69 41.52
C ILE A 1300 42.15 20.19 41.79
N LYS A 1301 43.26 19.50 42.04
CA LYS A 1301 43.22 18.06 42.26
C LYS A 1301 42.42 17.72 43.52
N ASN A 1302 42.75 18.35 44.65
CA ASN A 1302 42.00 17.99 45.85
C ASN A 1302 40.60 18.60 45.84
N ALA A 1303 40.38 19.70 45.11
CA ALA A 1303 39.03 20.22 44.96
C ALA A 1303 38.14 19.23 44.20
N ILE A 1304 38.63 18.72 43.07
CA ILE A 1304 37.84 17.74 42.32
C ILE A 1304 37.70 16.46 43.12
N HIS A 1305 38.73 16.10 43.89
CA HIS A 1305 38.64 14.94 44.76
C HIS A 1305 37.48 15.07 45.74
N LYS A 1306 37.42 16.19 46.46
CA LYS A 1306 36.37 16.34 47.46
C LYS A 1306 34.99 16.49 46.82
N GLU A 1307 34.89 17.21 45.71
CA GLU A 1307 33.57 17.34 45.09
C GLU A 1307 33.09 16.01 44.52
N THR A 1308 34.00 15.20 43.96
CA THR A 1308 33.62 13.87 43.48
C THR A 1308 33.24 12.94 44.63
N GLU A 1309 33.98 12.97 45.74
CA GLU A 1309 33.62 12.10 46.86
C GLU A 1309 32.29 12.53 47.46
N LEU A 1310 31.97 13.82 47.40
CA LEU A 1310 30.64 14.26 47.83
C LEU A 1310 29.56 13.78 46.85
N LEU A 1311 29.80 13.94 45.55
CA LEU A 1311 28.85 13.45 44.55
C LEU A 1311 28.58 11.96 44.74
N TYR A 1312 29.61 11.19 45.06
CA TYR A 1312 29.41 9.79 45.42
C TYR A 1312 28.48 9.63 46.62
N GLU A 1313 28.49 10.58 47.54
CA GLU A 1313 27.59 10.58 48.69
C GLU A 1313 26.32 11.38 48.40
N TYR A 1314 26.41 12.40 47.55
CA TYR A 1314 25.24 13.17 47.16
C TYR A 1314 24.26 12.35 46.35
N HIS A 1315 24.69 11.21 45.80
CA HIS A 1315 23.84 10.36 44.97
C HIS A 1315 23.49 9.03 45.63
N ASP A 1316 24.31 8.53 46.56
CA ASP A 1316 23.89 7.37 47.34
C ASP A 1316 22.65 7.66 48.17
N THR A 1317 22.56 8.85 48.76
CA THR A 1317 21.41 9.22 49.58
C THR A 1317 20.24 9.72 48.75
N GLY A 1318 20.42 9.91 47.44
CA GLY A 1318 19.36 10.44 46.62
C GLY A 1318 19.08 11.92 46.81
N THR A 1319 19.97 12.63 47.50
CA THR A 1319 19.76 14.04 47.79
C THR A 1319 19.84 14.92 46.55
N ALA A 1320 20.45 14.43 45.47
CA ALA A 1320 20.51 15.18 44.22
C ALA A 1320 19.23 14.96 43.43
N ILE A 1321 18.78 16.03 42.77
CA ILE A 1321 17.58 15.93 41.93
C ILE A 1321 17.82 14.98 40.77
N ILE A 1322 19.00 15.06 40.15
CA ILE A 1322 19.34 14.12 39.09
C ILE A 1322 19.45 12.70 39.62
N SER A 1323 19.94 12.53 40.85
CA SER A 1323 20.12 11.19 41.39
C SER A 1323 18.78 10.56 41.75
N LYS A 1324 17.89 11.32 42.37
CA LYS A 1324 16.61 10.77 42.83
C LYS A 1324 15.73 10.42 41.64
N ASN A 1325 15.18 9.21 41.66
CA ASN A 1325 14.27 8.75 40.61
C ASN A 1325 13.01 8.19 41.25
N ASP A 1326 11.91 8.28 40.52
CA ASP A 1326 10.58 7.83 40.97
C ASP A 1326 10.25 8.62 42.25
N LYS A 1327 9.61 8.00 43.25
CA LYS A 1327 9.30 8.68 44.49
C LYS A 1327 9.68 7.89 45.74
N LYS A 1328 9.98 6.59 45.61
CA LYS A 1328 10.40 5.82 46.78
C LYS A 1328 11.78 6.22 47.25
N GLY A 1329 12.62 6.70 46.34
CA GLY A 1329 13.98 7.07 46.67
C GLY A 1329 15.00 6.35 45.81
N GLN A 1330 16.23 6.20 46.31
CA GLN A 1330 17.25 5.44 45.61
C GLN A 1330 17.45 4.03 46.17
N LYS A 1331 16.65 3.65 47.16
CA LYS A 1331 16.73 2.29 47.71
C LYS A 1331 15.71 1.37 47.06
N GLY A 1332 14.43 1.71 47.15
CA GLY A 1332 13.41 0.90 46.50
C GLY A 1332 13.51 0.96 44.98
N LYS A 1333 13.72 2.15 44.44
CA LYS A 1333 13.91 2.35 43.01
C LYS A 1333 15.35 2.79 42.76
N ASN A 1334 16.12 1.94 42.08
CA ASN A 1334 17.53 2.21 41.86
C ASN A 1334 17.88 1.98 40.40
N ASP A 1335 18.90 2.69 39.95
CA ASP A 1335 19.39 2.54 38.59
C ASP A 1335 20.07 1.18 38.42
N PRO A 1336 20.10 0.67 37.18
CA PRO A 1336 20.70 -0.66 36.97
C PRO A 1336 22.22 -0.65 36.89
N ASN A 1337 22.87 0.50 36.71
CA ASN A 1337 24.29 0.52 36.40
C ASN A 1337 25.18 0.54 37.65
N GLY A 1338 24.86 -0.31 38.62
CA GLY A 1338 25.79 -0.65 39.69
C GLY A 1338 26.08 0.43 40.72
N LEU A 1339 25.92 1.68 40.33
CA LEU A 1339 26.24 2.82 41.18
C LEU A 1339 25.26 3.94 40.88
N PRO A 1340 25.02 4.84 41.84
CA PRO A 1340 23.91 5.79 41.69
C PRO A 1340 24.00 6.60 40.40
N LYS A 1341 22.85 6.78 39.77
CA LYS A 1341 22.78 7.49 38.49
C LYS A 1341 22.94 8.99 38.73
N GLY A 1342 23.98 9.57 38.16
CA GLY A 1342 24.13 11.01 38.23
C GLY A 1342 25.46 11.53 38.74
N PHE A 1343 26.49 10.70 38.78
CA PHE A 1343 27.82 11.19 39.08
C PHE A 1343 28.73 11.24 37.87
N CYS A 1344 28.59 10.30 36.93
CA CYS A 1344 29.37 10.36 35.70
C CYS A 1344 29.01 11.59 34.90
N HIS A 1345 27.72 11.86 34.75
CA HIS A 1345 27.29 13.10 34.12
C HIS A 1345 27.72 14.30 34.94
N ALA A 1346 27.65 14.20 36.26
CA ALA A 1346 28.06 15.30 37.12
C ALA A 1346 29.54 15.62 36.96
N VAL A 1347 30.40 14.60 36.97
CA VAL A 1347 31.83 14.85 36.81
C VAL A 1347 32.14 15.33 35.40
N GLN A 1348 31.40 14.84 34.39
CA GLN A 1348 31.59 15.35 33.04
C GLN A 1348 31.25 16.83 32.95
N ARG A 1349 30.13 17.23 33.55
CA ARG A 1349 29.77 18.65 33.56
C ARG A 1349 30.78 19.47 34.34
N SER A 1350 31.29 18.93 35.44
CA SER A 1350 32.32 19.64 36.20
C SER A 1350 33.59 19.84 35.37
N PHE A 1351 34.01 18.81 34.64
CA PHE A 1351 35.19 18.96 33.79
C PHE A 1351 34.94 19.98 32.69
N ILE A 1352 33.76 19.96 32.08
CA ILE A 1352 33.46 20.90 31.00
C ILE A 1352 33.44 22.33 31.53
N ASP A 1353 32.82 22.55 32.69
CA ASP A 1353 32.72 23.90 33.20
C ASP A 1353 34.06 24.39 33.73
N TYR A 1354 34.91 23.48 34.22
CA TYR A 1354 36.30 23.86 34.54
C TYR A 1354 37.05 24.26 33.27
N LYS A 1355 36.83 23.52 32.18
CA LYS A 1355 37.47 23.87 30.92
C LYS A 1355 37.08 25.26 30.47
N ASN A 1356 35.77 25.56 30.49
CA ASN A 1356 35.35 26.89 30.05
C ASN A 1356 35.65 27.97 31.09
N MET A 1357 35.82 27.58 32.36
CA MET A 1357 36.33 28.50 33.36
C MET A 1357 37.75 28.93 33.03
N ILE A 1358 38.58 27.99 32.62
CA ILE A 1358 39.93 28.33 32.16
C ILE A 1358 39.86 29.16 30.89
N LEU A 1359 38.97 28.80 29.97
CA LEU A 1359 38.91 29.47 28.67
C LEU A 1359 38.09 30.76 28.73
N GLY A 1360 37.01 30.78 29.51
CA GLY A 1360 36.11 31.91 29.54
C GLY A 1360 34.75 31.56 28.96
N THR A 1361 33.76 31.36 29.83
CA THR A 1361 32.46 30.86 29.40
C THR A 1361 31.64 31.97 28.74
N SER A 1362 30.60 31.54 28.01
CA SER A 1362 29.76 32.49 27.29
C SER A 1362 29.05 33.43 28.24
N VAL A 1363 28.53 32.90 29.35
CA VAL A 1363 27.92 33.71 30.41
C VAL A 1363 28.74 33.49 31.66
N ASN A 1364 29.54 34.48 32.03
CA ASN A 1364 30.37 34.38 33.23
C ASN A 1364 29.48 34.14 34.45
N ILE A 1365 29.95 33.28 35.35
CA ILE A 1365 29.14 32.80 36.46
C ILE A 1365 29.62 33.44 37.76
N TYR A 1366 28.74 34.25 38.35
CA TYR A 1366 28.76 34.67 39.75
C TYR A 1366 30.05 35.42 40.07
N GLU A 1367 31.16 34.71 40.30
CA GLU A 1367 32.39 35.35 40.80
C GLU A 1367 33.23 36.00 39.69
N HIS A 1368 32.63 36.34 38.55
CA HIS A 1368 33.29 37.03 37.44
C HIS A 1368 34.63 36.34 37.08
N ILE A 1369 34.47 35.10 36.59
CA ILE A 1369 35.56 34.18 36.29
C ILE A 1369 36.74 34.84 35.57
N GLY A 1370 36.49 35.92 34.83
CA GLY A 1370 37.48 36.46 33.90
C GLY A 1370 38.86 36.71 34.48
N LYS A 1371 38.96 37.12 35.75
CA LYS A 1371 40.26 37.44 36.32
C LYS A 1371 41.23 36.28 36.17
N LEU A 1372 40.72 35.05 36.30
CA LEU A 1372 41.50 33.86 36.01
C LEU A 1372 41.86 33.79 34.53
N GLN A 1373 41.09 34.48 33.69
CA GLN A 1373 41.29 34.44 32.24
C GLN A 1373 42.17 35.59 31.76
N GLU A 1374 42.50 36.53 32.65
CA GLU A 1374 43.54 37.53 32.41
C GLU A 1374 44.44 37.80 33.63
N ASP A 1375 44.98 36.77 34.28
CA ASP A 1375 46.03 36.89 35.31
C ASP A 1375 47.53 36.08 35.26
N ILE A 1376 47.98 34.74 35.01
CA ILE A 1376 49.19 34.00 34.39
C ILE A 1376 49.50 34.07 32.79
N LYS A 1377 48.76 34.89 31.85
CA LYS A 1377 49.08 36.03 30.83
C LYS A 1377 48.88 37.62 31.27
N LYS A 1378 48.19 38.09 32.46
CA LYS A 1378 48.29 39.32 33.35
C LYS A 1378 48.71 39.25 34.88
N ILE A 1379 48.01 38.53 35.88
CA ILE A 1379 48.31 38.08 37.35
C ILE A 1379 48.21 36.52 37.76
N ILE A 1380 47.04 35.77 37.59
CA ILE A 1380 46.81 34.27 37.37
C ILE A 1380 46.21 33.63 35.96
N GLU A 1381 45.84 34.43 34.86
CA GLU A 1381 46.37 34.54 33.35
C GLU A 1381 47.25 35.91 32.99
N LYS A 1382 48.74 36.13 33.56
CA LYS A 1382 50.17 36.88 33.52
C LYS A 1382 51.33 36.25 32.70
N GLY A 1383 51.76 36.93 31.64
CA GLY A 1383 53.06 36.75 31.03
C GLY A 1383 53.69 35.37 30.95
N THR A 1384 52.95 34.38 30.47
CA THR A 1384 53.43 33.01 30.38
C THR A 1384 52.73 32.33 29.21
N PRO A 1385 53.48 31.58 28.37
CA PRO A 1385 54.94 31.37 28.42
C PRO A 1385 55.73 32.38 27.58
N GLN A 1386 55.04 33.21 26.81
CA GLN A 1386 55.72 34.17 25.95
C GLN A 1386 56.48 35.19 26.79
N GLN A 1387 57.72 35.45 26.39
CA GLN A 1387 58.57 36.38 27.12
C GLN A 1387 58.07 37.80 26.97
N LYS A 1388 58.32 38.62 27.99
CA LYS A 1388 57.94 40.02 27.99
C LYS A 1388 58.86 40.89 27.16
N ASP A 1389 59.98 40.34 26.67
CA ASP A 1389 60.91 41.10 25.84
C ASP A 1389 60.25 41.38 24.49
N LYS A 1390 59.88 42.63 24.27
CA LYS A 1390 59.22 43.00 23.02
C LYS A 1390 60.18 42.87 21.84
N ILE A 1391 59.64 42.48 20.69
CA ILE A 1391 60.41 42.32 19.46
C ILE A 1391 59.94 43.37 18.47
N GLY A 1392 60.90 44.00 17.78
CA GLY A 1392 60.58 45.02 16.80
C GLY A 1392 60.20 46.34 17.42
N GLY A 1393 59.06 46.38 18.11
CA GLY A 1393 58.58 47.59 18.74
C GLY A 1393 57.09 47.63 18.93
N VAL A 1394 56.47 48.77 18.63
CA VAL A 1394 55.02 48.91 18.80
C VAL A 1394 54.27 48.04 17.80
N GLY A 1395 54.80 47.92 16.58
CA GLY A 1395 54.10 47.14 15.56
C GLY A 1395 54.35 45.64 15.69
N SER A 1396 53.34 44.87 15.29
CA SER A 1396 53.40 43.41 15.30
C SER A 1396 53.76 42.88 16.68
N SER A 1397 53.12 43.43 17.71
CA SER A 1397 53.38 43.03 19.08
C SER A 1397 52.12 42.64 19.85
N THR A 1398 50.93 43.03 19.38
CA THR A 1398 49.69 42.75 20.09
C THR A 1398 48.90 41.59 19.47
N GLU A 1399 49.53 40.78 18.62
CA GLU A 1399 48.85 39.67 17.97
C GLU A 1399 49.70 38.41 18.04
N ASN A 1400 50.46 38.27 19.11
CA ASN A 1400 51.33 37.11 19.28
C ASN A 1400 51.28 36.48 20.67
N VAL A 1401 50.40 36.93 21.56
CA VAL A 1401 50.42 36.49 22.95
C VAL A 1401 49.13 35.79 23.37
N ASN A 1402 48.01 36.03 22.69
CA ASN A 1402 46.69 35.64 23.16
C ASN A 1402 46.21 34.32 22.55
N ALA A 1403 47.14 33.37 22.35
CA ALA A 1403 46.75 32.09 21.76
C ALA A 1403 47.46 30.90 22.39
N TRP A 1404 47.74 30.92 23.69
CA TRP A 1404 48.56 29.88 24.30
C TRP A 1404 47.80 28.96 25.24
N TRP A 1405 46.75 29.44 25.91
CA TRP A 1405 46.12 28.72 27.01
C TRP A 1405 45.10 27.68 26.54
N LYS A 1406 45.13 27.29 25.27
CA LYS A 1406 44.18 26.33 24.74
C LYS A 1406 44.62 24.89 24.91
N GLY A 1407 45.93 24.63 25.00
CA GLY A 1407 46.45 23.30 25.16
C GLY A 1407 46.89 22.93 26.56
N ILE A 1408 46.58 23.74 27.57
CA ILE A 1408 47.01 23.46 28.93
C ILE A 1408 45.92 22.82 29.78
N GLU A 1409 44.76 22.51 29.20
CA GLU A 1409 43.62 21.99 29.93
C GLU A 1409 43.62 20.47 30.05
N ARG A 1410 44.52 19.77 29.36
CA ARG A 1410 44.50 18.32 29.36
C ARG A 1410 45.03 17.74 30.67
N GLU A 1411 45.75 18.52 31.47
CA GLU A 1411 46.46 18.03 32.64
C GLU A 1411 45.54 17.65 33.79
N MET A 1412 44.22 17.79 33.64
CA MET A 1412 43.29 17.53 34.73
C MET A 1412 42.44 16.28 34.54
N TRP A 1413 42.23 15.80 33.31
CA TRP A 1413 41.43 14.60 33.12
C TRP A 1413 42.12 13.37 33.73
N ASP A 1414 43.45 13.34 33.72
CA ASP A 1414 44.16 12.26 34.40
C ASP A 1414 43.88 12.29 35.89
N ALA A 1415 43.88 13.48 36.50
CA ALA A 1415 43.56 13.59 37.91
C ALA A 1415 42.12 13.18 38.19
N VAL A 1416 41.21 13.55 37.29
CA VAL A 1416 39.81 13.14 37.44
C VAL A 1416 39.69 11.62 37.41
N ARG A 1417 40.40 10.98 36.47
CA ARG A 1417 40.38 9.54 36.38
C ARG A 1417 40.93 8.90 37.64
N CYS A 1418 42.07 9.42 38.14
CA CYS A 1418 42.65 8.87 39.37
C CYS A 1418 41.70 9.03 40.54
N ALA A 1419 41.06 10.19 40.68
CA ALA A 1419 40.14 10.41 41.79
C ALA A 1419 38.93 9.49 41.70
N ILE A 1420 38.34 9.38 40.50
CA ILE A 1420 37.12 8.57 40.36
C ILE A 1420 37.44 7.10 40.56
N THR A 1421 38.66 6.67 40.21
CA THR A 1421 39.04 5.29 40.49
C THR A 1421 39.36 5.08 41.96
N LYS A 1422 39.94 6.08 42.63
CA LYS A 1422 40.37 5.93 44.01
C LYS A 1422 39.21 5.97 45.00
N ILE A 1423 38.21 6.83 44.76
CA ILE A 1423 37.11 6.98 45.71
C ILE A 1423 36.32 5.69 45.90
N ASN A 1424 36.10 4.93 44.84
CA ASN A 1424 35.25 3.75 44.92
C ASN A 1424 35.87 2.59 45.69
N LYS A 1425 37.14 2.70 46.10
CA LYS A 1425 37.87 1.55 46.62
C LYS A 1425 38.17 1.59 48.11
N LYS A 1426 37.50 2.47 48.88
CA LYS A 1426 37.56 2.33 50.33
C LYS A 1426 36.36 1.57 50.91
N ASN A 1427 35.18 1.78 50.35
CA ASN A 1427 33.93 1.21 50.87
C ASN A 1427 33.88 -0.29 50.56
N ASN A 1428 34.82 -1.04 51.14
CA ASN A 1428 34.86 -2.49 51.01
C ASN A 1428 34.01 -3.18 52.06
N ASN A 1429 33.15 -2.44 52.76
CA ASN A 1429 32.22 -3.06 53.70
C ASN A 1429 31.26 -4.01 52.98
N SER A 1430 30.78 -3.62 51.81
CA SER A 1430 30.03 -4.50 50.93
C SER A 1430 30.98 -5.06 49.87
N ILE A 1431 30.76 -6.31 49.49
CA ILE A 1431 31.67 -7.03 48.60
C ILE A 1431 31.43 -6.54 47.16
N PHE A 1432 32.29 -5.65 46.71
CA PHE A 1432 32.28 -5.19 45.32
C PHE A 1432 33.59 -4.46 45.04
N ASN A 1433 33.94 -4.39 43.76
CA ASN A 1433 35.15 -3.72 43.32
C ASN A 1433 34.85 -2.25 43.02
N GLY A 1434 35.91 -1.48 42.80
CA GLY A 1434 35.75 -0.06 42.52
C GLY A 1434 35.57 0.22 41.05
N ASP A 1435 34.32 0.37 40.62
CA ASP A 1435 33.99 0.63 39.22
C ASP A 1435 32.57 1.17 39.14
N GLU A 1436 32.36 2.14 38.25
CA GLU A 1436 31.04 2.74 38.08
C GLU A 1436 30.04 1.70 37.59
N CYS A 1437 30.26 1.16 36.40
CA CYS A 1437 29.46 0.08 35.84
C CYS A 1437 30.36 -0.92 35.12
N GLY A 1438 31.51 -1.20 35.71
CA GLY A 1438 32.49 -2.06 35.08
C GLY A 1438 33.67 -1.29 34.53
N VAL A 1439 34.18 -1.72 33.38
CA VAL A 1439 35.37 -1.10 32.78
C VAL A 1439 34.95 0.13 31.97
N SER A 1440 33.67 0.47 32.01
CA SER A 1440 33.15 1.58 31.23
C SER A 1440 33.71 2.90 31.74
N PRO A 1441 34.43 3.66 30.92
CA PRO A 1441 34.98 4.94 31.36
C PRO A 1441 34.06 6.09 31.01
N PRO A 1442 34.23 7.25 31.64
CA PRO A 1442 33.50 8.44 31.19
C PRO A 1442 33.85 8.78 29.74
N THR A 1443 32.85 9.26 29.01
CA THR A 1443 33.01 9.52 27.58
C THR A 1443 33.76 10.84 27.35
N GLY A 1444 34.15 11.06 26.11
CA GLY A 1444 34.86 12.23 25.68
C GLY A 1444 33.95 13.27 25.04
N ASN A 1445 34.50 13.98 24.05
CA ASN A 1445 33.78 15.04 23.34
C ASN A 1445 33.23 16.08 24.32
N ASP A 1446 34.05 16.44 25.30
CA ASP A 1446 33.67 17.40 26.33
C ASP A 1446 33.91 18.85 25.91
N GLU A 1447 34.06 19.11 24.61
CA GLU A 1447 34.34 20.47 24.15
C GLU A 1447 33.12 21.37 24.32
N ASP A 1448 31.94 20.88 23.93
CA ASP A 1448 30.73 21.70 24.02
C ASP A 1448 30.35 21.96 25.47
N GLN A 1449 29.99 23.20 25.76
CA GLN A 1449 29.68 23.62 27.12
C GLN A 1449 28.25 24.10 27.28
N SER A 1450 27.79 25.04 26.45
CA SER A 1450 26.41 25.49 26.52
C SER A 1450 25.45 24.35 26.22
N VAL A 1451 25.79 23.51 25.24
CA VAL A 1451 24.97 22.33 24.96
C VAL A 1451 25.01 21.37 26.14
N SER A 1452 26.14 21.26 26.83
CA SER A 1452 26.20 20.42 28.02
C SER A 1452 25.27 20.95 29.12
N TRP A 1453 25.24 22.27 29.31
CA TRP A 1453 24.32 22.86 30.27
C TRP A 1453 22.88 22.59 29.89
N PHE A 1454 22.56 22.73 28.60
CA PHE A 1454 21.20 22.46 28.14
C PHE A 1454 20.82 21.00 28.36
N LYS A 1455 21.75 20.08 28.10
CA LYS A 1455 21.48 18.66 28.31
C LYS A 1455 21.26 18.35 29.78
N GLU A 1456 22.08 18.96 30.66
CA GLU A 1456 21.89 18.75 32.09
C GLU A 1456 20.52 19.26 32.53
N TRP A 1457 20.14 20.45 32.08
CA TRP A 1457 18.83 20.99 32.42
C TRP A 1457 17.71 20.10 31.91
N GLY A 1458 17.84 19.61 30.67
CA GLY A 1458 16.80 18.75 30.12
C GLY A 1458 16.66 17.44 30.88
N GLU A 1459 17.78 16.82 31.23
CA GLU A 1459 17.74 15.58 31.98
C GLU A 1459 17.10 15.79 33.35
N GLN A 1460 17.49 16.87 34.05
CA GLN A 1460 16.90 17.13 35.36
C GLN A 1460 15.41 17.42 35.23
N PHE A 1461 15.00 18.17 34.21
CA PHE A 1461 13.58 18.45 34.02
C PHE A 1461 12.81 17.17 33.74
N CYS A 1462 13.37 16.28 32.92
CA CYS A 1462 12.66 15.04 32.60
C CYS A 1462 12.54 14.14 33.84
N ILE A 1463 13.58 14.09 34.66
CA ILE A 1463 13.50 13.30 35.89
C ILE A 1463 12.43 13.87 36.82
N GLU A 1464 12.41 15.19 36.98
CA GLU A 1464 11.39 15.80 37.83
C GLU A 1464 9.99 15.57 37.27
N ARG A 1465 9.85 15.62 35.94
CA ARG A 1465 8.55 15.39 35.34
C ARG A 1465 8.10 13.95 35.55
N LEU A 1466 9.03 12.99 35.48
CA LEU A 1466 8.67 11.61 35.78
C LEU A 1466 8.24 11.44 37.23
N ARG A 1467 8.94 12.09 38.16
CA ARG A 1467 8.54 12.03 39.56
C ARG A 1467 7.15 12.62 39.75
N TYR A 1468 6.89 13.78 39.13
CA TYR A 1468 5.57 14.39 39.24
C TYR A 1468 4.49 13.53 38.60
N GLU A 1469 4.82 12.86 37.49
CA GLU A 1469 3.87 11.94 36.87
C GLU A 1469 3.53 10.78 37.80
N GLN A 1470 4.54 10.24 38.47
CA GLN A 1470 4.28 9.19 39.46
C GLN A 1470 3.37 9.70 40.58
N ASN A 1471 3.63 10.93 41.05
CA ASN A 1471 2.77 11.51 42.08
C ASN A 1471 1.34 11.68 41.59
N ILE A 1472 1.17 12.13 40.34
CA ILE A 1472 -0.16 12.34 39.79
C ILE A 1472 -0.90 11.02 39.63
N ARG A 1473 -0.19 9.98 39.18
CA ARG A 1473 -0.83 8.66 39.07
C ARG A 1473 -1.24 8.14 40.44
N GLU A 1474 -0.38 8.34 41.45
CA GLU A 1474 -0.75 7.94 42.81
C GLU A 1474 -1.97 8.72 43.31
N ALA A 1475 -2.04 10.02 43.02
CA ALA A 1475 -3.18 10.84 43.41
C ALA A 1475 -4.45 10.49 42.65
N CYS A 1476 -4.34 10.00 41.43
CA CYS A 1476 -5.49 9.54 40.67
C CYS A 1476 -5.97 8.16 41.14
N THR A 1477 -5.05 7.32 41.61
CA THR A 1477 -5.45 6.04 42.19
C THR A 1477 -6.02 6.17 43.59
N ILE A 1478 -5.54 7.13 44.39
CA ILE A 1478 -6.06 7.31 45.73
C ILE A 1478 -7.41 8.04 45.64
N ASN A 1479 -8.22 7.90 46.69
CA ASN A 1479 -9.57 8.46 46.78
C ASN A 1479 -10.50 7.73 45.82
N GLY A 1480 -9.97 6.80 45.04
CA GLY A 1480 -10.76 5.95 44.17
C GLY A 1480 -10.68 4.52 44.67
N LYS A 1481 -11.83 4.01 45.12
CA LYS A 1481 -11.93 2.71 45.77
C LYS A 1481 -12.79 1.78 44.92
N ASN A 1482 -13.09 0.60 45.47
CA ASN A 1482 -13.92 -0.37 44.79
C ASN A 1482 -15.34 0.13 44.55
N GLU A 1483 -15.76 1.19 45.25
CA GLU A 1483 -17.07 1.79 45.04
C GLU A 1483 -17.12 2.71 43.82
N LYS A 1484 -16.07 2.69 43.00
CA LYS A 1484 -16.01 3.47 41.76
C LYS A 1484 -16.14 4.97 42.02
N LYS A 1485 -15.55 5.45 43.11
CA LYS A 1485 -15.48 6.89 43.34
C LYS A 1485 -14.52 7.53 42.34
N CYS A 1486 -14.80 8.80 42.01
CA CYS A 1486 -14.01 9.53 41.02
C CYS A 1486 -13.40 10.77 41.66
N ILE A 1487 -12.28 10.57 42.37
CA ILE A 1487 -11.42 11.62 42.89
C ILE A 1487 -12.26 12.64 43.66
N ASN A 1488 -13.27 12.14 44.40
CA ASN A 1488 -14.11 12.96 45.26
C ASN A 1488 -14.79 14.11 44.50
N SER A 1489 -14.91 14.00 43.19
CA SER A 1489 -15.43 15.09 42.39
C SER A 1489 -16.94 15.19 42.50
N LYS A 1490 -17.44 16.42 42.64
CA LYS A 1490 -18.87 16.68 42.64
C LYS A 1490 -19.17 17.81 41.65
N SER A 1491 -20.43 17.94 41.30
CA SER A 1491 -20.90 18.97 40.37
C SER A 1491 -21.81 19.93 41.11
N GLY A 1492 -21.49 21.22 41.06
CA GLY A 1492 -20.31 21.72 40.37
C GLY A 1492 -20.48 21.89 38.87
N GLN A 1493 -19.40 22.28 38.21
CA GLN A 1493 -19.36 22.40 36.76
C GLN A 1493 -18.77 21.11 36.20
N GLY A 1494 -19.47 20.01 36.43
CA GLY A 1494 -18.97 18.70 36.06
C GLY A 1494 -18.08 18.10 37.14
N ASP A 1495 -17.43 16.99 36.77
CA ASP A 1495 -16.56 16.27 37.69
C ASP A 1495 -15.18 16.93 37.76
N LYS A 1496 -15.15 18.11 38.36
CA LYS A 1496 -13.92 18.87 38.49
C LYS A 1496 -13.23 18.57 39.81
N ILE A 1497 -11.89 18.66 39.81
CA ILE A 1497 -11.13 18.48 41.04
C ILE A 1497 -11.35 19.68 41.96
N GLN A 1498 -11.29 19.43 43.27
CA GLN A 1498 -11.46 20.48 44.27
C GLN A 1498 -10.48 20.32 45.43
N GLY A 1499 -9.45 19.49 45.25
CA GLY A 1499 -8.44 19.36 46.29
C GLY A 1499 -7.86 17.97 46.49
N ALA A 1500 -8.55 16.94 46.00
CA ALA A 1500 -8.06 15.57 46.17
C ALA A 1500 -6.72 15.39 45.48
N CYS A 1501 -6.70 15.50 44.15
CA CYS A 1501 -5.46 15.50 43.39
C CYS A 1501 -5.02 16.90 42.97
N LYS A 1502 -5.81 17.93 43.31
CA LYS A 1502 -5.45 19.29 42.96
C LYS A 1502 -4.17 19.71 43.66
N ARG A 1503 -4.00 19.30 44.93
CA ARG A 1503 -2.76 19.59 45.64
C ARG A 1503 -1.55 19.00 44.94
N LYS A 1504 -1.69 17.80 44.38
CA LYS A 1504 -0.59 17.16 43.68
C LYS A 1504 -0.37 17.71 42.27
N CYS A 1505 -1.40 18.26 41.63
CA CYS A 1505 -1.24 18.70 40.25
C CYS A 1505 -0.96 20.18 40.10
N GLU A 1506 -1.31 21.02 41.07
CA GLU A 1506 -1.01 22.45 40.96
C GLU A 1506 0.48 22.70 41.03
N LYS A 1507 1.20 21.93 41.86
CA LYS A 1507 2.65 22.05 41.90
C LYS A 1507 3.26 21.66 40.55
N TYR A 1508 2.74 20.60 39.93
CA TYR A 1508 3.21 20.24 38.60
C TYR A 1508 2.91 21.35 37.58
N LYS A 1509 1.73 21.97 37.69
CA LYS A 1509 1.37 23.05 36.78
C LYS A 1509 2.34 24.23 36.91
N LYS A 1510 2.63 24.64 38.14
CA LYS A 1510 3.57 25.76 38.33
C LYS A 1510 4.98 25.36 37.91
N TYR A 1511 5.35 24.09 38.10
CA TYR A 1511 6.65 23.61 37.64
C TYR A 1511 6.75 23.69 36.13
N ILE A 1512 5.69 23.28 35.43
CA ILE A 1512 5.69 23.38 33.97
C ILE A 1512 5.73 24.84 33.54
N SER A 1513 5.04 25.72 34.27
CA SER A 1513 5.07 27.15 33.93
C SER A 1513 6.50 27.69 34.01
N GLU A 1514 7.17 27.47 35.15
CA GLU A 1514 8.52 28.01 35.31
C GLU A 1514 9.50 27.34 34.36
N LYS A 1515 9.34 26.03 34.11
CA LYS A 1515 10.24 25.35 33.20
C LYS A 1515 10.03 25.80 31.76
N LYS A 1516 8.79 26.10 31.37
CA LYS A 1516 8.56 26.71 30.07
C LYS A 1516 9.21 28.08 29.97
N GLN A 1517 9.09 28.87 31.04
CA GLN A 1517 9.77 30.16 31.09
C GLN A 1517 11.27 29.99 30.86
N GLU A 1518 11.86 28.95 31.44
CA GLU A 1518 13.30 28.74 31.29
C GLU A 1518 13.64 28.14 29.93
N TRP A 1519 12.73 27.35 29.36
CA TRP A 1519 13.04 26.53 28.19
C TRP A 1519 12.82 27.27 26.88
N ASP A 1520 11.83 28.16 26.81
CA ASP A 1520 11.64 28.94 25.59
C ASP A 1520 12.82 29.86 25.35
N LYS A 1521 13.55 30.22 26.41
CA LYS A 1521 14.72 31.07 26.27
C LYS A 1521 16.00 30.29 26.05
N GLN A 1522 15.97 28.97 26.17
CA GLN A 1522 17.14 28.13 25.91
C GLN A 1522 17.06 27.38 24.58
N LYS A 1523 15.87 26.90 24.20
CA LYS A 1523 15.74 26.24 22.91
C LYS A 1523 16.07 27.18 21.77
N THR A 1524 15.60 28.42 21.85
CA THR A 1524 15.87 29.40 20.80
C THR A 1524 17.37 29.64 20.66
N LYS A 1525 18.07 29.79 21.79
CA LYS A 1525 19.50 30.04 21.74
C LYS A 1525 20.24 28.84 21.15
N TYR A 1526 19.90 27.63 21.60
CA TYR A 1526 20.59 26.45 21.09
C TYR A 1526 20.33 26.26 19.61
N GLU A 1527 19.08 26.45 19.18
CA GLU A 1527 18.74 26.26 17.77
C GLU A 1527 19.42 27.31 16.90
N ASN A 1528 19.51 28.56 17.38
CA ASN A 1528 20.19 29.58 16.60
C ASN A 1528 21.69 29.36 16.58
N LYS A 1529 22.25 28.78 17.65
CA LYS A 1529 23.69 28.53 17.70
C LYS A 1529 24.10 27.37 16.81
N TYR A 1530 23.32 26.28 16.81
CA TYR A 1530 23.72 25.08 16.07
C TYR A 1530 22.99 24.92 14.74
N VAL A 1531 21.69 25.20 14.70
CA VAL A 1531 20.90 25.22 13.47
C VAL A 1531 20.74 23.82 12.89
N GLY A 1532 19.49 23.37 12.76
CA GLY A 1532 19.20 22.05 12.22
C GLY A 1532 19.11 20.95 13.24
N LYS A 1533 19.45 21.22 14.51
CA LYS A 1533 19.34 20.24 15.58
C LYS A 1533 18.35 20.77 16.60
N SER A 1534 17.20 20.11 16.72
CA SER A 1534 16.18 20.57 17.65
C SER A 1534 16.50 20.16 19.07
N ALA A 1535 15.89 20.87 20.03
CA ALA A 1535 16.15 20.61 21.43
C ALA A 1535 15.70 19.20 21.84
N SER A 1536 14.53 18.78 21.36
CA SER A 1536 14.07 17.42 21.66
C SER A 1536 14.98 16.38 21.04
N ASP A 1537 15.38 16.59 19.78
CA ASP A 1537 16.24 15.61 19.11
C ASP A 1537 17.65 15.65 19.67
N LEU A 1538 17.96 16.63 20.52
CA LEU A 1538 19.21 16.60 21.26
C LEU A 1538 19.05 15.89 22.59
N LEU A 1539 17.96 16.19 23.31
CA LEU A 1539 17.80 15.71 24.68
C LEU A 1539 17.42 14.23 24.72
N LYS A 1540 16.52 13.81 23.83
CA LYS A 1540 15.86 12.52 24.00
C LYS A 1540 16.83 11.35 23.92
N GLU A 1541 17.77 11.39 22.97
CA GLU A 1541 18.66 10.24 22.80
C GLU A 1541 19.74 10.17 23.87
N ASN A 1542 20.11 11.30 24.47
CA ASN A 1542 21.18 11.32 25.47
C ASN A 1542 20.73 10.82 26.83
N TYR A 1543 19.43 10.80 27.10
CA TYR A 1543 18.92 10.33 28.38
C TYR A 1543 17.63 9.54 28.17
N PRO A 1544 17.58 8.29 28.65
CA PRO A 1544 16.38 7.46 28.39
C PRO A 1544 15.10 8.03 28.98
N GLU A 1545 15.18 8.81 30.06
CA GLU A 1545 13.99 9.35 30.69
C GLU A 1545 13.28 10.39 29.86
N CYS A 1546 13.90 10.88 28.79
CA CYS A 1546 13.30 11.91 27.95
C CYS A 1546 12.38 11.34 26.87
N ILE A 1547 12.34 10.02 26.69
CA ILE A 1547 11.48 9.43 25.67
C ILE A 1547 10.01 9.61 26.02
N SER A 1548 9.67 9.71 27.30
CA SER A 1548 8.29 9.87 27.72
C SER A 1548 7.81 11.30 27.66
N ALA A 1549 8.67 12.25 27.34
CA ALA A 1549 8.33 13.67 27.34
C ALA A 1549 8.37 14.21 25.92
N ASN A 1550 7.28 14.88 25.54
CA ASN A 1550 7.18 15.58 24.26
C ASN A 1550 7.27 17.07 24.58
N PHE A 1551 8.46 17.64 24.36
CA PHE A 1551 8.71 19.02 24.76
C PHE A 1551 7.80 20.00 24.02
N ASP A 1552 7.52 19.74 22.74
CA ASP A 1552 6.66 20.63 21.97
C ASP A 1552 5.27 20.72 22.59
N PHE A 1553 4.71 19.58 23.01
CA PHE A 1553 3.38 19.60 23.61
C PHE A 1553 3.42 20.14 25.04
N ILE A 1554 4.44 19.77 25.81
CA ILE A 1554 4.51 20.21 27.20
C ILE A 1554 4.65 21.72 27.28
N PHE A 1555 5.52 22.29 26.45
CA PHE A 1555 5.78 23.73 26.45
C PHE A 1555 5.17 24.41 25.23
N ASN A 1556 3.98 23.95 24.83
CA ASN A 1556 3.28 24.57 23.71
C ASN A 1556 2.96 26.03 24.04
N ASP A 1557 3.23 26.92 23.10
CA ASP A 1557 2.99 28.35 23.28
C ASP A 1557 1.66 28.70 22.63
N ASN A 1558 0.57 28.44 23.35
CA ASN A 1558 -0.76 28.72 22.85
C ASN A 1558 -1.71 28.93 24.01
N ILE A 1559 -2.47 30.02 23.94
CA ILE A 1559 -3.45 30.32 24.98
C ILE A 1559 -4.55 29.26 25.01
N GLU A 1560 -4.93 28.74 23.84
CA GLU A 1560 -5.89 27.66 23.81
C GLU A 1560 -5.31 26.39 24.44
N TYR A 1561 -4.01 26.13 24.22
CA TYR A 1561 -3.38 25.00 24.89
C TYR A 1561 -3.42 25.17 26.40
N LYS A 1562 -3.13 26.39 26.88
CA LYS A 1562 -3.21 26.64 28.32
C LYS A 1562 -4.63 26.42 28.84
N THR A 1563 -5.63 26.88 28.08
CA THR A 1563 -7.01 26.76 28.53
C THR A 1563 -7.45 25.30 28.59
N TYR A 1564 -7.24 24.55 27.50
CA TYR A 1564 -7.73 23.18 27.44
C TYR A 1564 -6.88 22.18 28.21
N TYR A 1565 -5.62 22.51 28.49
CA TYR A 1565 -4.71 21.63 29.22
C TYR A 1565 -4.08 22.41 30.36
N PRO A 1566 -4.83 22.67 31.43
CA PRO A 1566 -4.27 23.44 32.56
C PRO A 1566 -3.08 22.77 33.20
N TYR A 1567 -3.04 21.43 33.22
CA TYR A 1567 -1.94 20.70 33.85
C TYR A 1567 -1.04 20.05 32.80
N GLY A 1568 -0.88 20.69 31.66
CA GLY A 1568 0.03 20.18 30.63
C GLY A 1568 -0.46 18.87 30.05
N ASP A 1569 0.49 18.00 29.70
CA ASP A 1569 0.17 16.72 29.10
C ASP A 1569 -0.52 15.76 30.06
N TYR A 1570 -0.54 16.07 31.35
CA TYR A 1570 -1.21 15.24 32.34
C TYR A 1570 -2.62 15.71 32.66
N SER A 1571 -3.16 16.63 31.84
CA SER A 1571 -4.50 17.16 32.09
C SER A 1571 -5.54 16.04 32.04
N SER A 1572 -5.41 15.12 31.09
CA SER A 1572 -6.34 14.01 30.99
C SER A 1572 -6.34 13.16 32.25
N ILE A 1573 -5.20 13.02 32.92
CA ILE A 1573 -5.16 12.28 34.17
C ILE A 1573 -5.90 13.04 35.27
N CYS A 1574 -5.68 14.35 35.37
CA CYS A 1574 -6.28 15.16 36.42
C CYS A 1574 -7.71 15.57 36.08
N SER A 1575 -7.91 16.18 34.90
CA SER A 1575 -9.25 16.59 34.50
C SER A 1575 -10.07 15.39 34.06
N CYS A 1576 -10.78 14.78 35.00
CA CYS A 1576 -11.55 13.57 34.73
C CYS A 1576 -12.99 13.96 34.37
N GLU A 1577 -13.20 14.26 33.10
CA GLU A 1577 -14.52 14.56 32.57
C GLU A 1577 -15.01 13.53 31.57
N GLN A 1578 -14.34 12.38 31.47
CA GLN A 1578 -14.80 11.28 30.62
C GLN A 1578 -14.92 11.77 29.18
N VAL A 1579 -13.78 12.00 28.53
CA VAL A 1579 -13.73 12.49 27.16
C VAL A 1579 -14.71 11.69 26.30
N LYS A 1580 -15.51 12.40 25.52
CA LYS A 1580 -16.62 11.80 24.80
C LYS A 1580 -16.82 12.56 23.49
N TYR A 1581 -16.60 11.88 22.37
CA TYR A 1581 -16.82 12.50 21.07
C TYR A 1581 -18.30 12.63 20.80
N TYR A 1582 -18.75 13.85 20.50
CA TYR A 1582 -20.15 14.12 20.20
C TYR A 1582 -20.37 14.14 18.69
N LYS A 1583 -21.56 13.76 18.28
CA LYS A 1583 -21.87 13.57 16.87
C LYS A 1583 -22.05 14.93 16.19
N TYR A 1584 -22.49 14.89 14.93
CA TYR A 1584 -22.65 16.10 14.14
C TYR A 1584 -23.74 17.03 14.70
N ASN A 1585 -24.64 16.51 15.52
CA ASN A 1585 -25.83 17.25 15.94
C ASN A 1585 -26.01 17.08 17.46
N ASN A 1586 -27.19 17.45 17.93
CA ASN A 1586 -27.61 17.36 19.34
C ASN A 1586 -26.55 17.94 20.28
N ALA A 1587 -26.39 19.26 20.20
CA ALA A 1587 -25.55 20.04 21.10
C ALA A 1587 -24.09 19.56 21.05
N GLU A 1588 -23.51 19.72 19.87
CA GLU A 1588 -22.12 19.36 19.66
C GLU A 1588 -21.19 20.27 20.45
N LYS A 1589 -20.03 19.73 20.81
CA LYS A 1589 -19.01 20.47 21.56
C LYS A 1589 -17.68 20.33 20.83
N LYS A 1590 -17.43 21.25 19.90
CA LYS A 1590 -16.15 21.33 19.19
C LYS A 1590 -15.39 22.60 19.54
N ASN A 1591 -16.03 23.77 19.43
CA ASN A 1591 -15.38 25.01 19.82
C ASN A 1591 -15.03 25.01 21.30
N ASN A 1592 -15.94 24.52 22.16
CA ASN A 1592 -15.64 24.38 23.57
C ASN A 1592 -14.66 23.26 23.86
N LYS A 1593 -14.40 22.38 22.89
CA LYS A 1593 -13.44 21.31 23.04
C LYS A 1593 -12.05 21.80 22.66
N SER A 1594 -11.05 20.95 22.88
CA SER A 1594 -9.67 21.30 22.57
C SER A 1594 -9.50 21.49 21.07
N LEU A 1595 -8.65 22.45 20.70
CA LEU A 1595 -8.45 22.84 19.31
C LEU A 1595 -6.96 23.01 19.03
N CYS A 1596 -6.65 23.17 17.74
CA CYS A 1596 -5.30 23.50 17.30
C CYS A 1596 -5.33 24.65 16.31
N TYR A 1597 -4.22 24.91 15.65
CA TYR A 1597 -4.06 26.03 14.73
C TYR A 1597 -4.37 25.59 13.31
N GLU A 1598 -4.55 26.59 12.44
CA GLU A 1598 -4.91 26.33 11.05
C GLU A 1598 -3.73 25.71 10.30
N LYS A 1599 -4.05 24.87 9.33
CA LYS A 1599 -3.04 24.16 8.57
C LYS A 1599 -2.18 25.14 7.76
N ASP A 1600 -0.87 24.93 7.79
CA ASP A 1600 0.05 25.73 6.99
C ASP A 1600 -0.07 25.33 5.52
N ASN A 1601 0.16 26.30 4.63
CA ASN A 1601 -0.07 26.09 3.21
C ASN A 1601 1.21 25.94 2.39
N ASP A 1602 2.33 26.48 2.85
CA ASP A 1602 3.56 26.49 2.08
C ASP A 1602 4.73 25.87 2.83
N MET A 1603 4.51 24.72 3.47
CA MET A 1603 5.62 24.02 4.11
C MET A 1603 6.35 23.15 3.08
N THR A 1604 7.59 22.82 3.41
CA THR A 1604 8.46 22.06 2.51
C THR A 1604 8.56 20.61 2.96
N TRP A 1605 8.80 19.74 1.99
CA TRP A 1605 9.00 18.32 2.28
C TRP A 1605 10.28 18.12 3.07
N SER A 1606 10.21 17.29 4.11
CA SER A 1606 11.34 17.03 4.97
C SER A 1606 11.55 15.54 5.13
N LYS A 1607 12.81 15.13 5.16
CA LYS A 1607 13.16 13.73 5.39
C LYS A 1607 13.46 13.44 6.86
N LYS A 1608 13.21 14.40 7.74
CA LYS A 1608 13.44 14.18 9.16
C LYS A 1608 12.35 13.28 9.74
N TYR A 1609 12.65 12.68 10.89
CA TYR A 1609 11.74 11.86 11.67
C TYR A 1609 11.33 10.57 10.97
N ILE A 1610 12.10 10.14 9.96
CA ILE A 1610 11.85 8.85 9.34
C ILE A 1610 12.28 7.73 10.29
N LYS A 1611 11.48 6.67 10.32
CA LYS A 1611 11.76 5.56 11.23
C LYS A 1611 13.11 4.92 10.94
N LYS A 1612 13.84 4.60 11.99
CA LYS A 1612 15.13 3.91 11.87
C LYS A 1612 14.86 2.41 11.91
N LEU A 1613 14.86 1.78 10.75
CA LEU A 1613 14.53 0.37 10.67
C LEU A 1613 15.60 -0.50 11.31
N GLU A 1614 15.16 -1.54 12.02
CA GLU A 1614 16.06 -2.55 12.53
C GLU A 1614 16.67 -3.32 11.36
N ASN A 1615 17.73 -4.08 11.62
CA ASN A 1615 18.51 -4.73 10.56
C ASN A 1615 19.07 -3.68 9.61
N GLY A 1616 20.00 -2.89 10.16
CA GLY A 1616 20.47 -1.66 9.58
C GLY A 1616 20.99 -1.70 8.16
N ARG A 1617 21.39 -0.52 7.65
CA ARG A 1617 21.63 -0.27 6.23
C ARG A 1617 20.33 -0.28 5.43
N SER A 1618 19.21 -0.11 6.12
CA SER A 1618 17.91 0.07 5.47
C SER A 1618 17.59 1.56 5.34
N LEU A 1619 18.49 2.27 4.66
CA LEU A 1619 18.43 3.73 4.55
C LEU A 1619 17.28 4.09 3.62
N GLU A 1620 16.19 4.60 4.21
CA GLU A 1620 15.07 5.07 3.41
C GLU A 1620 15.37 6.44 2.84
N GLY A 1621 14.98 6.66 1.58
CA GLY A 1621 15.15 7.94 0.95
C GLY A 1621 13.84 8.69 0.79
N VAL A 1622 12.86 8.35 1.63
CA VAL A 1622 11.52 8.91 1.52
C VAL A 1622 11.48 10.30 2.14
N TYR A 1623 10.42 11.06 1.85
CA TYR A 1623 10.25 12.40 2.38
C TYR A 1623 8.83 12.56 2.91
N VAL A 1624 8.71 13.14 4.11
CA VAL A 1624 7.40 13.31 4.73
C VAL A 1624 6.64 14.42 4.02
N PRO A 1625 5.38 14.20 3.62
CA PRO A 1625 4.61 15.28 3.02
C PRO A 1625 4.35 16.38 4.03
N PRO A 1626 4.25 17.63 3.58
CA PRO A 1626 3.88 18.70 4.52
C PRO A 1626 2.54 18.47 5.18
N ARG A 1627 1.57 17.95 4.42
CA ARG A 1627 0.25 17.69 4.97
C ARG A 1627 0.31 16.65 6.09
N ARG A 1628 1.17 15.65 5.96
CA ARG A 1628 1.30 14.65 7.00
C ARG A 1628 2.10 15.15 8.19
N GLN A 1629 3.15 15.95 7.96
CA GLN A 1629 3.91 16.42 9.11
C GLN A 1629 3.21 17.56 9.85
N GLN A 1630 2.21 18.20 9.24
CA GLN A 1630 1.38 19.16 9.96
C GLN A 1630 0.07 18.54 10.42
N LEU A 1631 -0.06 17.22 10.32
CA LEU A 1631 -1.26 16.54 10.79
C LEU A 1631 -1.41 16.72 12.29
N CYS A 1632 -2.59 17.17 12.72
CA CYS A 1632 -2.84 17.41 14.13
C CYS A 1632 -3.28 16.11 14.80
N LEU A 1633 -2.56 15.72 15.84
CA LEU A 1633 -2.92 14.59 16.69
C LEU A 1633 -2.61 14.93 18.13
N TYR A 1634 -2.62 16.23 18.46
CA TYR A 1634 -2.23 16.68 19.79
C TYR A 1634 -3.18 16.14 20.86
N GLU A 1635 -4.44 15.90 20.48
CA GLU A 1635 -5.41 15.39 21.45
C GLU A 1635 -5.04 14.00 21.95
N LEU A 1636 -4.41 13.18 21.09
CA LEU A 1636 -4.09 11.81 21.50
C LEU A 1636 -3.15 11.79 22.69
N PHE A 1637 -2.10 12.62 22.67
CA PHE A 1637 -1.00 12.49 23.62
C PHE A 1637 -1.45 12.48 25.08
N PRO A 1638 -2.35 13.36 25.55
CA PRO A 1638 -2.79 13.25 26.95
C PRO A 1638 -3.44 11.92 27.28
N ILE A 1639 -4.31 11.40 26.41
CA ILE A 1639 -4.94 10.11 26.67
C ILE A 1639 -3.91 8.99 26.61
N ILE A 1640 -2.94 9.11 25.70
CA ILE A 1640 -1.86 8.14 25.60
C ILE A 1640 -1.09 8.07 26.91
N ILE A 1641 -0.77 9.23 27.48
CA ILE A 1641 -0.07 9.25 28.77
C ILE A 1641 -0.97 8.68 29.87
N LYS A 1642 -2.25 9.06 29.86
CA LYS A 1642 -3.16 8.67 30.93
C LYS A 1642 -3.36 7.17 30.98
N ASN A 1643 -3.53 6.54 29.82
CA ASN A 1643 -3.87 5.12 29.76
C ASN A 1643 -2.66 4.21 29.77
N GLU A 1644 -1.54 4.65 30.35
CA GLU A 1644 -0.41 3.74 30.51
C GLU A 1644 -0.77 2.54 31.37
N GLU A 1645 -1.56 2.77 32.41
CA GLU A 1645 -2.08 1.71 33.26
C GLU A 1645 -3.60 1.79 33.28
N GLY A 1646 -4.24 0.65 33.45
CA GLY A 1646 -5.69 0.58 33.40
C GLY A 1646 -6.22 0.21 32.03
N MET A 1647 -5.75 -0.92 31.51
CA MET A 1647 -6.15 -1.38 30.19
C MET A 1647 -7.64 -1.75 30.17
N GLU A 1648 -8.14 -2.00 28.96
CA GLU A 1648 -9.55 -2.29 28.67
C GLU A 1648 -10.39 -1.03 28.82
N LYS A 1649 -9.79 0.05 29.34
CA LYS A 1649 -10.41 1.37 29.32
C LYS A 1649 -9.76 2.29 28.31
N ALA A 1650 -8.55 1.98 27.85
CA ALA A 1650 -7.87 2.81 26.87
C ALA A 1650 -8.59 2.80 25.54
N LYS A 1651 -9.14 1.65 25.15
CA LYS A 1651 -9.70 1.50 23.81
C LYS A 1651 -10.86 2.45 23.58
N GLU A 1652 -11.74 2.61 24.57
CA GLU A 1652 -12.86 3.53 24.42
C GLU A 1652 -12.37 4.97 24.34
N GLU A 1653 -11.48 5.36 25.24
CA GLU A 1653 -10.92 6.72 25.21
C GLU A 1653 -10.15 6.95 23.93
N LEU A 1654 -9.36 5.96 23.50
CA LEU A 1654 -8.62 6.09 22.26
C LEU A 1654 -9.55 6.27 21.07
N LEU A 1655 -10.63 5.49 21.03
CA LEU A 1655 -11.59 5.62 19.94
C LEU A 1655 -12.24 7.01 19.93
N GLU A 1656 -12.63 7.50 21.10
CA GLU A 1656 -13.27 8.81 21.18
C GLU A 1656 -12.32 9.91 20.71
N THR A 1657 -11.09 9.91 21.23
CA THR A 1657 -10.15 10.95 20.85
C THR A 1657 -9.75 10.83 19.39
N LEU A 1658 -9.68 9.61 18.85
CA LEU A 1658 -9.38 9.44 17.44
C LEU A 1658 -10.51 10.01 16.58
N GLN A 1659 -11.76 9.78 16.98
CA GLN A 1659 -12.87 10.34 16.23
C GLN A 1659 -12.84 11.86 16.25
N ILE A 1660 -12.61 12.45 17.42
CA ILE A 1660 -12.62 13.92 17.48
C ILE A 1660 -11.44 14.50 16.71
N VAL A 1661 -10.29 13.83 16.75
CA VAL A 1661 -9.13 14.29 15.99
C VAL A 1661 -9.39 14.20 14.49
N ALA A 1662 -10.00 13.11 14.04
CA ALA A 1662 -10.32 12.99 12.62
C ALA A 1662 -11.30 14.08 12.19
N GLU A 1663 -12.30 14.35 13.03
CA GLU A 1663 -13.27 15.41 12.71
C GLU A 1663 -12.57 16.75 12.56
N ARG A 1664 -11.73 17.12 13.56
CA ARG A 1664 -11.05 18.40 13.49
C ARG A 1664 -10.08 18.46 12.32
N GLU A 1665 -9.44 17.33 12.01
CA GLU A 1665 -8.50 17.31 10.90
C GLU A 1665 -9.21 17.53 9.58
N ALA A 1666 -10.36 16.88 9.37
CA ALA A 1666 -11.12 17.13 8.15
C ALA A 1666 -11.58 18.58 8.08
N TYR A 1667 -12.03 19.12 9.22
CA TYR A 1667 -12.50 20.51 9.23
C TYR A 1667 -11.39 21.47 8.85
N TYR A 1668 -10.21 21.33 9.46
CA TYR A 1668 -9.11 22.24 9.16
C TYR A 1668 -8.53 22.02 7.77
N LEU A 1669 -8.51 20.78 7.27
CA LEU A 1669 -8.05 20.57 5.90
C LEU A 1669 -9.00 21.22 4.90
N TRP A 1670 -10.31 21.11 5.14
CA TRP A 1670 -11.26 21.79 4.27
C TRP A 1670 -11.11 23.30 4.37
N LYS A 1671 -10.85 23.82 5.57
CA LYS A 1671 -10.62 25.25 5.73
C LYS A 1671 -9.35 25.69 5.00
N GLN A 1672 -8.33 24.83 4.98
CA GLN A 1672 -7.10 25.16 4.28
C GLN A 1672 -7.30 25.16 2.77
N TYR A 1673 -8.06 24.21 2.26
CA TYR A 1673 -8.14 24.02 0.81
C TYR A 1673 -9.29 24.78 0.17
N ASN A 1674 -10.52 24.51 0.60
CA ASN A 1674 -11.69 24.94 -0.16
C ASN A 1674 -11.84 26.45 -0.28
N PRO A 1675 -11.82 27.26 0.80
CA PRO A 1675 -12.04 28.70 0.63
C PRO A 1675 -10.94 29.41 -0.14
N THR A 1676 -9.75 28.81 -0.23
CA THR A 1676 -8.66 29.39 -1.02
C THR A 1676 -8.98 29.17 -2.49
N GLY A 1677 -9.83 30.04 -3.03
CA GLY A 1677 -10.36 29.86 -4.36
C GLY A 1677 -11.68 29.11 -4.32
N LYS A 1678 -12.76 29.76 -4.76
CA LYS A 1678 -14.09 29.22 -4.57
C LYS A 1678 -14.51 28.30 -5.71
N GLY A 1679 -13.52 27.69 -6.37
CA GLY A 1679 -13.80 26.72 -7.42
C GLY A 1679 -14.67 25.58 -6.93
N ILE A 1680 -15.73 25.29 -7.69
CA ILE A 1680 -16.72 24.31 -7.24
C ILE A 1680 -16.15 22.90 -7.27
N ASP A 1681 -15.25 22.62 -8.20
CA ASP A 1681 -14.76 21.26 -8.42
C ASP A 1681 -13.31 21.07 -7.99
N ASP A 1682 -12.41 21.93 -8.46
CA ASP A 1682 -10.98 21.73 -8.22
C ASP A 1682 -10.67 21.77 -6.72
N ALA A 1683 -11.13 22.82 -6.04
CA ALA A 1683 -10.86 22.94 -4.61
C ALA A 1683 -11.50 21.80 -3.83
N ASN A 1684 -12.74 21.46 -4.16
CA ASN A 1684 -13.42 20.39 -3.45
C ASN A 1684 -12.70 19.06 -3.62
N LYS A 1685 -12.36 18.71 -4.86
CA LYS A 1685 -11.70 17.43 -5.12
C LYS A 1685 -10.32 17.37 -4.48
N LYS A 1686 -9.57 18.47 -4.56
CA LYS A 1686 -8.25 18.49 -3.92
C LYS A 1686 -8.38 18.34 -2.41
N ALA A 1687 -9.34 19.03 -1.80
CA ALA A 1687 -9.53 18.92 -0.37
C ALA A 1687 -9.92 17.50 0.02
N CYS A 1688 -10.82 16.88 -0.74
CA CYS A 1688 -11.27 15.53 -0.40
C CYS A 1688 -10.14 14.52 -0.57
N CYS A 1689 -9.31 14.68 -1.60
CA CYS A 1689 -8.16 13.80 -1.75
C CYS A 1689 -7.19 13.97 -0.58
N ALA A 1690 -6.94 15.21 -0.16
CA ALA A 1690 -6.06 15.43 0.98
C ALA A 1690 -6.63 14.82 2.25
N ILE A 1691 -7.95 14.92 2.43
CA ILE A 1691 -8.57 14.36 3.63
C ILE A 1691 -8.51 12.83 3.60
N ARG A 1692 -8.71 12.22 2.44
CA ARG A 1692 -8.55 10.77 2.34
C ARG A 1692 -7.12 10.36 2.64
N GLY A 1693 -6.14 11.14 2.14
CA GLY A 1693 -4.76 10.84 2.47
C GLY A 1693 -4.47 10.94 3.95
N SER A 1694 -5.01 11.96 4.61
CA SER A 1694 -4.84 12.10 6.06
C SER A 1694 -5.49 10.94 6.80
N PHE A 1695 -6.67 10.50 6.33
CA PHE A 1695 -7.34 9.36 6.95
C PHE A 1695 -6.49 8.11 6.83
N TYR A 1696 -5.91 7.87 5.65
CA TYR A 1696 -5.06 6.70 5.46
C TYR A 1696 -3.81 6.80 6.34
N ASP A 1697 -3.25 8.00 6.46
CA ASP A 1697 -2.08 8.18 7.33
C ASP A 1697 -2.43 7.90 8.79
N LEU A 1698 -3.61 8.36 9.24
CA LEU A 1698 -4.04 8.08 10.60
C LEU A 1698 -4.25 6.58 10.80
N GLU A 1699 -4.82 5.90 9.81
CA GLU A 1699 -4.98 4.46 9.90
C GLU A 1699 -3.63 3.76 10.00
N ASP A 1700 -2.64 4.23 9.23
CA ASP A 1700 -1.31 3.66 9.32
C ASP A 1700 -0.69 3.93 10.69
N ILE A 1701 -0.91 5.11 11.26
CA ILE A 1701 -0.41 5.39 12.61
C ILE A 1701 -1.01 4.42 13.61
N ILE A 1702 -2.32 4.18 13.52
CA ILE A 1702 -2.97 3.25 14.43
C ILE A 1702 -2.41 1.84 14.26
N LYS A 1703 -2.26 1.41 13.01
CA LYS A 1703 -1.79 0.05 12.74
C LYS A 1703 -0.29 -0.12 12.97
N GLY A 1704 0.45 0.96 13.19
CA GLY A 1704 1.88 0.88 13.37
C GLY A 1704 2.67 0.81 12.09
N ASN A 1705 2.05 1.05 10.94
CA ASN A 1705 2.72 1.02 9.66
C ASN A 1705 3.23 2.39 9.22
N ASP A 1706 3.13 3.39 10.09
CA ASP A 1706 3.57 4.74 9.74
C ASP A 1706 5.10 4.77 9.59
N LEU A 1707 5.55 5.58 8.64
CA LEU A 1707 6.97 5.71 8.35
C LEU A 1707 7.65 6.84 9.13
N VAL A 1708 6.90 7.59 9.92
CA VAL A 1708 7.42 8.75 10.63
C VAL A 1708 7.41 8.48 12.12
N HIS A 1709 8.55 8.68 12.77
CA HIS A 1709 8.65 8.68 14.23
C HIS A 1709 9.16 10.06 14.64
N ASP A 1710 8.23 11.00 14.77
CA ASP A 1710 8.53 12.33 15.27
C ASP A 1710 8.39 12.32 16.79
N GLU A 1711 8.37 13.50 17.42
CA GLU A 1711 8.21 13.55 18.87
C GLU A 1711 6.89 12.94 19.32
N TYR A 1712 5.85 13.06 18.49
CA TYR A 1712 4.54 12.53 18.83
C TYR A 1712 4.41 11.05 18.50
N THR A 1713 4.53 10.71 17.21
CA THR A 1713 4.18 9.37 16.75
C THR A 1713 5.09 8.30 17.31
N LYS A 1714 6.33 8.65 17.68
CA LYS A 1714 7.21 7.65 18.28
C LYS A 1714 6.63 7.13 19.59
N TYR A 1715 6.27 8.04 20.50
CA TYR A 1715 5.66 7.62 21.75
C TYR A 1715 4.26 7.07 21.53
N ILE A 1716 3.53 7.57 20.55
CA ILE A 1716 2.21 7.01 20.25
C ILE A 1716 2.34 5.54 19.87
N ASP A 1717 3.29 5.21 19.00
CA ASP A 1717 3.49 3.83 18.59
C ASP A 1717 3.98 2.98 19.75
N SER A 1718 4.90 3.50 20.57
CA SER A 1718 5.40 2.74 21.70
C SER A 1718 4.26 2.39 22.66
N LYS A 1719 3.43 3.38 23.01
CA LYS A 1719 2.34 3.12 23.94
C LYS A 1719 1.24 2.29 23.33
N LEU A 1720 0.98 2.42 22.02
CA LEU A 1720 0.00 1.56 21.38
C LEU A 1720 0.46 0.11 21.40
N ASN A 1721 1.75 -0.13 21.18
CA ASN A 1721 2.29 -1.48 21.33
C ASN A 1721 2.17 -1.96 22.75
N GLU A 1722 2.40 -1.09 23.74
CA GLU A 1722 2.24 -1.49 25.12
C GLU A 1722 0.80 -1.87 25.45
N ILE A 1723 -0.17 -1.10 24.94
CA ILE A 1723 -1.57 -1.34 25.22
C ILE A 1723 -2.05 -2.61 24.53
N PHE A 1724 -1.98 -2.64 23.20
CA PHE A 1724 -2.51 -3.78 22.46
C PHE A 1724 -1.63 -5.00 22.65
N GLY A 1725 -2.27 -6.09 23.05
CA GLY A 1725 -1.57 -7.34 23.32
C GLY A 1725 -0.91 -7.36 24.69
N SER A 1726 -0.96 -6.22 25.39
CA SER A 1726 -0.37 -6.06 26.71
C SER A 1726 1.11 -6.41 26.72
N SER A 1727 1.75 -6.40 25.54
CA SER A 1727 3.19 -6.59 25.38
C SER A 1727 3.65 -7.98 25.80
N ASN A 1728 2.72 -8.85 26.20
CA ASN A 1728 3.11 -10.21 26.56
C ASN A 1728 3.28 -11.09 25.32
N THR A 1729 2.77 -10.63 24.17
CA THR A 1729 3.01 -11.31 22.91
C THR A 1729 4.24 -10.72 22.22
N ASN A 1730 4.44 -11.05 20.95
CA ASN A 1730 5.57 -10.53 20.18
C ASN A 1730 5.12 -9.33 19.35
N ASP A 1731 6.08 -8.71 18.67
CA ASP A 1731 5.82 -7.49 17.91
C ASP A 1731 4.84 -7.73 16.76
N ILE A 1732 5.01 -8.83 16.04
CA ILE A 1732 4.10 -9.14 14.93
C ILE A 1732 2.70 -9.37 15.47
N ASP A 1733 2.59 -10.06 16.61
CA ASP A 1733 1.30 -10.29 17.22
C ASP A 1733 0.65 -8.98 17.65
N THR A 1734 1.45 -8.06 18.20
CA THR A 1734 0.94 -6.76 18.59
C THR A 1734 0.42 -5.98 17.40
N LYS A 1735 1.18 -5.98 16.30
CA LYS A 1735 0.74 -5.30 15.09
C LYS A 1735 -0.54 -5.93 14.55
N ARG A 1736 -0.62 -7.26 14.57
CA ARG A 1736 -1.83 -7.93 14.13
C ARG A 1736 -3.03 -7.57 15.01
N ALA A 1737 -2.83 -7.48 16.33
CA ALA A 1737 -3.91 -7.10 17.23
C ALA A 1737 -4.36 -5.68 16.95
N ARG A 1738 -3.42 -4.77 16.71
CA ARG A 1738 -3.77 -3.39 16.39
C ARG A 1738 -4.56 -3.30 15.10
N THR A 1739 -4.12 -4.03 14.06
CA THR A 1739 -4.82 -4.01 12.79
C THR A 1739 -6.22 -4.58 12.94
N ASP A 1740 -6.36 -5.69 13.67
CA ASP A 1740 -7.68 -6.27 13.90
C ASP A 1740 -8.58 -5.30 14.64
N TRP A 1741 -8.07 -4.67 15.70
CA TRP A 1741 -8.87 -3.74 16.47
C TRP A 1741 -9.33 -2.56 15.62
N TRP A 1742 -8.45 -2.05 14.76
CA TRP A 1742 -8.86 -0.95 13.87
C TRP A 1742 -9.89 -1.42 12.86
N GLU A 1743 -9.75 -2.63 12.34
CA GLU A 1743 -10.56 -3.05 11.20
C GLU A 1743 -11.90 -3.65 11.64
N ASN A 1744 -11.89 -4.61 12.55
CA ASN A 1744 -13.11 -5.34 12.84
C ASN A 1744 -14.10 -4.47 13.61
N GLU A 1745 -15.35 -4.93 13.67
CA GLU A 1745 -16.40 -4.22 14.39
C GLU A 1745 -16.19 -4.37 15.88
N THR A 1746 -15.35 -3.50 16.45
CA THR A 1746 -14.92 -3.63 17.83
C THR A 1746 -15.85 -2.92 18.83
N ILE A 1747 -16.51 -1.85 18.41
CA ILE A 1747 -17.32 -1.03 19.31
C ILE A 1747 -18.76 -1.50 19.23
N THR A 1748 -19.38 -1.67 20.39
CA THR A 1748 -20.78 -2.08 20.46
C THR A 1748 -21.64 -0.82 20.58
N ASN A 1749 -22.45 -0.58 19.56
CA ASN A 1749 -23.30 0.61 19.50
C ASN A 1749 -24.73 0.20 19.19
N GLY A 1750 -25.67 1.06 19.56
CA GLY A 1750 -27.07 0.80 19.30
C GLY A 1750 -27.51 1.04 17.87
N THR A 1751 -26.61 1.55 17.03
CA THR A 1751 -26.91 1.84 15.63
C THR A 1751 -26.10 0.88 14.75
N ASP A 1752 -26.70 -0.26 14.43
CA ASP A 1752 -26.12 -1.26 13.55
C ASP A 1752 -24.78 -1.71 14.13
N ARG A 1753 -23.85 -2.14 13.26
CA ARG A 1753 -22.53 -2.63 13.66
C ARG A 1753 -21.49 -1.87 12.84
N LYS A 1754 -21.04 -0.74 13.36
CA LYS A 1754 -20.11 0.13 12.65
C LYS A 1754 -18.71 -0.08 13.22
N THR A 1755 -17.75 -0.37 12.34
CA THR A 1755 -16.37 -0.57 12.76
C THR A 1755 -15.70 0.77 13.08
N ILE A 1756 -14.52 0.67 13.67
CA ILE A 1756 -13.78 1.88 14.09
C ILE A 1756 -13.34 2.68 12.87
N ARG A 1757 -12.96 2.00 11.80
CA ARG A 1757 -12.60 2.67 10.56
C ARG A 1757 -13.78 3.47 10.02
N GLN A 1758 -14.96 2.86 10.03
CA GLN A 1758 -16.16 3.55 9.60
C GLN A 1758 -16.49 4.73 10.50
N LEU A 1759 -16.27 4.57 11.81
CA LEU A 1759 -16.53 5.66 12.75
C LEU A 1759 -15.61 6.84 12.49
N VAL A 1760 -14.33 6.56 12.23
CA VAL A 1760 -13.38 7.63 11.93
C VAL A 1760 -13.75 8.32 10.63
N TRP A 1761 -14.14 7.56 9.61
CA TRP A 1761 -14.57 8.17 8.36
C TRP A 1761 -15.80 9.04 8.57
N ASP A 1762 -16.75 8.57 9.38
CA ASP A 1762 -17.95 9.36 9.66
C ASP A 1762 -17.60 10.64 10.41
N ALA A 1763 -16.64 10.56 11.33
CA ALA A 1763 -16.19 11.77 12.04
C ALA A 1763 -15.58 12.77 11.07
N MET A 1764 -14.78 12.29 10.12
CA MET A 1764 -14.22 13.19 9.11
C MET A 1764 -15.32 13.78 8.25
N GLN A 1765 -16.33 12.99 7.90
CA GLN A 1765 -17.47 13.52 7.16
C GLN A 1765 -18.18 14.61 7.94
N SER A 1766 -18.34 14.40 9.26
CA SER A 1766 -18.97 15.42 10.10
C SER A 1766 -18.14 16.69 10.15
N GLY A 1767 -16.81 16.57 10.20
CA GLY A 1767 -15.97 17.76 10.16
C GLY A 1767 -16.10 18.51 8.84
N VAL A 1768 -16.13 17.77 7.73
CA VAL A 1768 -16.36 18.39 6.44
C VAL A 1768 -17.71 19.10 6.42
N ARG A 1769 -18.72 18.47 7.01
CA ARG A 1769 -20.05 19.08 7.07
C ARG A 1769 -20.01 20.37 7.89
N TYR A 1770 -19.28 20.38 9.00
CA TYR A 1770 -19.13 21.59 9.80
C TYR A 1770 -18.50 22.71 8.97
N ALA A 1771 -17.43 22.38 8.23
CA ALA A 1771 -16.76 23.40 7.41
C ALA A 1771 -17.71 23.93 6.34
N VAL A 1772 -18.45 23.03 5.69
CA VAL A 1772 -19.37 23.44 4.62
C VAL A 1772 -20.48 24.33 5.18
N GLU A 1773 -21.03 23.95 6.33
CA GLU A 1773 -22.09 24.76 6.93
C GLU A 1773 -21.56 26.12 7.37
N GLU A 1774 -20.34 26.17 7.89
CA GLU A 1774 -19.75 27.45 8.26
C GLU A 1774 -19.56 28.34 7.04
N LYS A 1775 -19.13 27.76 5.91
CA LYS A 1775 -18.97 28.53 4.70
C LYS A 1775 -20.27 28.75 3.94
N ASN A 1776 -21.38 28.16 4.41
CA ASN A 1776 -22.69 28.30 3.78
C ASN A 1776 -22.67 27.82 2.33
N GLU A 1777 -21.91 26.75 2.08
CA GLU A 1777 -21.84 26.13 0.77
C GLU A 1777 -22.67 24.86 0.76
N ASN A 1778 -22.59 24.12 -0.34
CA ASN A 1778 -23.23 22.81 -0.46
C ASN A 1778 -22.23 21.72 -0.12
N PHE A 1779 -22.72 20.65 0.50
CA PHE A 1779 -21.85 19.54 0.86
C PHE A 1779 -21.25 18.94 -0.41
N PRO A 1780 -19.96 18.62 -0.43
CA PRO A 1780 -19.34 18.10 -1.64
C PRO A 1780 -19.98 16.80 -2.08
N LEU A 1781 -20.01 16.59 -3.40
CA LEU A 1781 -20.60 15.37 -3.94
C LEU A 1781 -19.83 14.14 -3.46
N CYS A 1782 -18.50 14.19 -3.53
CA CYS A 1782 -17.68 13.22 -2.83
C CYS A 1782 -17.54 13.60 -1.36
N MET A 1783 -16.89 12.73 -0.59
CA MET A 1783 -16.94 12.65 0.86
C MET A 1783 -18.30 12.17 1.35
N GLY A 1784 -19.26 11.94 0.45
CA GLY A 1784 -20.50 11.29 0.79
C GLY A 1784 -20.44 9.78 0.71
N VAL A 1785 -19.26 9.22 0.46
CA VAL A 1785 -19.08 7.78 0.33
C VAL A 1785 -18.96 7.18 1.72
N GLU A 1786 -19.83 6.22 2.03
CA GLU A 1786 -19.70 5.47 3.27
C GLU A 1786 -18.60 4.43 3.18
N HIS A 1787 -18.35 3.90 1.98
CA HIS A 1787 -17.32 2.90 1.75
C HIS A 1787 -16.05 3.60 1.30
N ILE A 1788 -14.97 3.40 2.05
CA ILE A 1788 -13.66 3.95 1.74
C ILE A 1788 -12.78 2.83 1.22
N GLY A 1789 -12.03 3.11 0.17
CA GLY A 1789 -11.30 2.08 -0.54
C GLY A 1789 -10.10 1.56 0.23
N ILE A 1790 -9.50 0.51 -0.34
CA ILE A 1790 -8.29 -0.07 0.25
C ILE A 1790 -7.17 0.97 0.26
N ALA A 1791 -6.47 1.02 1.39
CA ALA A 1791 -5.38 1.95 1.58
C ALA A 1791 -4.13 1.44 0.87
N LYS A 1792 -3.65 2.20 -0.10
CA LYS A 1792 -2.39 1.88 -0.74
C LYS A 1792 -1.24 2.09 0.24
N PRO A 1793 -0.07 1.51 -0.02
CA PRO A 1793 1.06 1.68 0.90
C PRO A 1793 1.38 3.16 1.10
N GLN A 1794 1.85 3.47 2.31
CA GLN A 1794 2.05 4.86 2.70
C GLN A 1794 3.06 5.55 1.80
N PHE A 1795 4.13 4.85 1.44
CA PHE A 1795 5.12 5.44 0.54
C PHE A 1795 4.50 5.76 -0.81
N ILE A 1796 3.63 4.89 -1.32
CA ILE A 1796 3.00 5.15 -2.61
C ILE A 1796 2.03 6.32 -2.52
N ARG A 1797 1.26 6.40 -1.43
CA ARG A 1797 0.37 7.54 -1.26
C ARG A 1797 1.16 8.85 -1.19
N TRP A 1798 2.28 8.84 -0.45
CA TRP A 1798 3.12 10.01 -0.37
C TRP A 1798 3.70 10.37 -1.74
N LEU A 1799 4.10 9.36 -2.51
CA LEU A 1799 4.64 9.61 -3.84
C LEU A 1799 3.59 10.24 -4.75
N GLU A 1800 2.35 9.74 -4.70
CA GLU A 1800 1.30 10.32 -5.52
C GLU A 1800 0.98 11.75 -5.10
N GLU A 1801 0.95 12.01 -3.79
CA GLU A 1801 0.72 13.37 -3.31
C GLU A 1801 1.85 14.29 -3.75
N TRP A 1802 3.10 13.81 -3.67
CA TRP A 1802 4.24 14.59 -4.14
C TRP A 1802 4.12 14.90 -5.62
N THR A 1803 3.72 13.91 -6.42
CA THR A 1803 3.57 14.12 -7.85
C THR A 1803 2.50 15.16 -8.14
N ASN A 1804 1.35 15.06 -7.47
CA ASN A 1804 0.28 16.03 -7.70
C ASN A 1804 0.73 17.44 -7.31
N GLU A 1805 1.35 17.58 -6.14
CA GLU A 1805 1.82 18.90 -5.70
C GLU A 1805 2.86 19.45 -6.67
N PHE A 1806 3.79 18.61 -7.11
CA PHE A 1806 4.82 19.05 -8.05
C PHE A 1806 4.20 19.49 -9.36
N CYS A 1807 3.21 18.75 -9.86
CA CYS A 1807 2.57 19.13 -11.12
C CYS A 1807 1.84 20.46 -11.00
N GLU A 1808 1.08 20.66 -9.92
CA GLU A 1808 0.39 21.93 -9.76
C GLU A 1808 1.36 23.08 -9.63
N LYS A 1809 2.40 22.92 -8.81
CA LYS A 1809 3.37 24.00 -8.64
C LYS A 1809 4.13 24.28 -9.93
N TYR A 1810 4.48 23.23 -10.68
CA TYR A 1810 5.16 23.42 -11.95
C TYR A 1810 4.28 24.18 -12.93
N THR A 1811 3.00 23.81 -13.03
CA THR A 1811 2.11 24.52 -13.93
C THR A 1811 2.00 25.99 -13.54
N LYS A 1812 1.82 26.26 -12.24
CA LYS A 1812 1.69 27.65 -11.79
C LYS A 1812 2.95 28.45 -12.09
N TYR A 1813 4.12 27.91 -11.74
CA TYR A 1813 5.36 28.64 -11.92
C TYR A 1813 5.69 28.83 -13.40
N PHE A 1814 5.45 27.82 -14.23
CA PHE A 1814 5.75 27.95 -15.65
C PHE A 1814 4.78 28.92 -16.31
N GLU A 1815 3.51 28.95 -15.89
CA GLU A 1815 2.59 29.95 -16.41
C GLU A 1815 3.03 31.35 -16.01
N ASP A 1816 3.50 31.51 -14.77
CA ASP A 1816 4.02 32.81 -14.35
C ASP A 1816 5.22 33.21 -15.20
N MET A 1817 6.13 32.28 -15.46
CA MET A 1817 7.30 32.58 -16.28
C MET A 1817 6.90 32.95 -17.70
N LYS A 1818 5.95 32.21 -18.28
CA LYS A 1818 5.50 32.49 -19.64
C LYS A 1818 4.76 33.81 -19.72
N SER A 1819 4.10 34.22 -18.65
CA SER A 1819 3.42 35.51 -18.64
C SER A 1819 4.35 36.68 -18.35
N LYS A 1820 5.49 36.42 -17.70
CA LYS A 1820 6.42 37.47 -17.31
C LYS A 1820 7.73 37.44 -18.08
N CYS A 1821 8.41 36.30 -18.10
CA CYS A 1821 9.73 36.24 -18.75
C CYS A 1821 9.63 36.31 -20.27
N ASP A 1822 8.49 35.97 -20.84
CA ASP A 1822 8.32 36.12 -22.28
C ASP A 1822 8.39 37.60 -22.66
N PRO A 1823 9.02 37.94 -23.77
CA PRO A 1823 9.12 39.35 -24.17
C PRO A 1823 7.75 39.97 -24.33
N PRO A 1824 7.57 41.22 -23.90
CA PRO A 1824 6.26 41.86 -23.98
C PRO A 1824 5.83 42.11 -25.42
N LYS A 1825 4.52 42.21 -25.60
CA LYS A 1825 3.94 42.48 -26.91
C LYS A 1825 4.15 43.92 -27.35
N ARG A 1826 4.64 44.79 -26.46
CA ARG A 1826 4.91 46.19 -26.76
C ARG A 1826 6.35 46.54 -26.44
N ALA A 1827 7.29 45.68 -26.88
CA ALA A 1827 8.72 45.83 -26.64
C ALA A 1827 9.06 45.74 -25.16
N ASP A 1828 10.34 45.63 -24.85
CA ASP A 1828 10.78 45.49 -23.46
C ASP A 1828 11.19 46.83 -22.85
N THR A 1829 11.98 47.62 -23.56
CA THR A 1829 12.42 48.90 -23.02
C THR A 1829 11.25 49.86 -22.85
N CYS A 1830 10.38 49.94 -23.85
CA CYS A 1830 9.23 50.85 -23.83
C CYS A 1830 7.94 50.15 -23.43
N GLY A 1831 8.01 48.90 -22.98
CA GLY A 1831 6.84 48.14 -22.60
C GLY A 1831 6.43 48.37 -21.16
N ASP A 1832 5.59 47.47 -20.67
CA ASP A 1832 5.08 47.54 -19.30
C ASP A 1832 5.93 46.76 -18.31
N ASN A 1833 7.06 46.22 -18.76
CA ASN A 1833 7.94 45.43 -17.90
C ASN A 1833 9.22 46.23 -17.61
N SER A 1834 9.75 46.06 -16.40
CA SER A 1834 10.97 46.71 -15.98
C SER A 1834 12.09 45.71 -15.69
N ASN A 1835 12.01 44.53 -16.33
CA ASN A 1835 13.01 43.47 -16.16
C ASN A 1835 13.15 43.05 -14.70
N ILE A 1836 12.04 43.03 -13.98
CA ILE A 1836 12.02 42.68 -12.56
C ILE A 1836 11.09 41.52 -12.26
N GLU A 1837 9.88 41.52 -12.84
CA GLU A 1837 8.94 40.44 -12.56
C GLU A 1837 9.39 39.15 -13.25
N CYS A 1838 10.04 39.26 -14.41
CA CYS A 1838 10.66 38.09 -15.01
C CYS A 1838 11.77 37.55 -14.12
N LYS A 1839 12.53 38.45 -13.49
CA LYS A 1839 13.54 38.03 -12.53
C LYS A 1839 12.90 37.28 -11.37
N LYS A 1840 11.79 37.81 -10.84
CA LYS A 1840 11.10 37.14 -9.75
C LYS A 1840 10.62 35.75 -10.15
N ALA A 1841 10.01 35.65 -11.34
CA ALA A 1841 9.50 34.36 -11.80
C ALA A 1841 10.62 33.35 -11.99
N CYS A 1842 11.72 33.77 -12.62
CA CYS A 1842 12.83 32.86 -12.85
C CYS A 1842 13.45 32.40 -11.53
N ALA A 1843 13.64 33.34 -10.59
CA ALA A 1843 14.21 32.97 -9.30
C ALA A 1843 13.30 32.01 -8.55
N ASN A 1844 11.99 32.27 -8.55
CA ASN A 1844 11.07 31.36 -7.88
C ASN A 1844 11.10 29.97 -8.49
N TYR A 1845 11.09 29.91 -9.83
CA TYR A 1845 11.09 28.62 -10.51
C TYR A 1845 12.36 27.83 -10.19
N THR A 1846 13.52 28.48 -10.28
CA THR A 1846 14.77 27.79 -10.01
C THR A 1846 14.86 27.34 -8.56
N ASN A 1847 14.47 28.21 -7.62
CA ASN A 1847 14.54 27.87 -6.20
C ASN A 1847 13.61 26.72 -5.87
N TRP A 1848 12.41 26.69 -6.45
CA TRP A 1848 11.50 25.59 -6.20
C TRP A 1848 11.99 24.30 -6.84
N LEU A 1849 12.54 24.39 -8.05
CA LEU A 1849 12.93 23.19 -8.79
C LEU A 1849 14.20 22.56 -8.23
N ASN A 1850 15.08 23.34 -7.61
CA ASN A 1850 16.37 22.80 -7.17
C ASN A 1850 16.26 21.63 -6.20
N PRO A 1851 15.46 21.68 -5.12
CA PRO A 1851 15.42 20.54 -4.21
C PRO A 1851 14.47 19.43 -4.66
N LYS A 1852 13.56 19.77 -5.57
CA LYS A 1852 12.63 18.77 -6.09
C LYS A 1852 13.37 17.67 -6.84
N ARG A 1853 14.47 18.00 -7.51
CA ARG A 1853 15.26 16.97 -8.18
C ARG A 1853 15.83 15.97 -7.19
N ILE A 1854 16.36 16.46 -6.07
CA ILE A 1854 16.91 15.56 -5.05
C ILE A 1854 15.79 14.71 -4.44
N GLU A 1855 14.63 15.33 -4.16
CA GLU A 1855 13.52 14.58 -3.59
C GLU A 1855 13.05 13.48 -4.55
N TRP A 1856 12.96 13.80 -5.84
CA TRP A 1856 12.53 12.80 -6.81
C TRP A 1856 13.57 11.71 -6.96
N ASN A 1857 14.85 12.07 -6.90
CA ASN A 1857 15.90 11.04 -6.97
C ASN A 1857 15.80 10.09 -5.79
N GLY A 1858 15.58 10.61 -4.59
CA GLY A 1858 15.41 9.74 -3.44
C GLY A 1858 14.18 8.86 -3.54
N MET A 1859 13.06 9.44 -4.00
CA MET A 1859 11.84 8.66 -4.16
C MET A 1859 12.03 7.54 -5.18
N SER A 1860 12.67 7.85 -6.32
CA SER A 1860 12.90 6.83 -7.33
C SER A 1860 13.85 5.75 -6.83
N ASN A 1861 14.89 6.15 -6.09
CA ASN A 1861 15.81 5.17 -5.54
C ASN A 1861 15.12 4.23 -4.57
N TYR A 1862 14.24 4.75 -3.72
CA TYR A 1862 13.48 3.86 -2.83
C TYR A 1862 12.51 2.98 -3.60
N TYR A 1863 11.85 3.55 -4.62
CA TYR A 1863 10.89 2.76 -5.39
C TYR A 1863 11.57 1.60 -6.11
N ASN A 1864 12.75 1.85 -6.68
CA ASN A 1864 13.43 0.81 -7.45
C ASN A 1864 13.88 -0.34 -6.56
N LYS A 1865 14.03 -0.11 -5.26
CA LYS A 1865 14.39 -1.17 -4.34
C LYS A 1865 13.17 -1.73 -3.59
N ILE A 1866 12.00 -1.10 -3.71
CA ILE A 1866 10.84 -1.55 -2.97
C ILE A 1866 9.77 -2.20 -3.84
N TYR A 1867 9.74 -1.95 -5.16
CA TYR A 1867 8.57 -2.37 -5.92
C TYR A 1867 8.52 -3.90 -6.02
N ARG A 1868 7.30 -4.42 -6.18
CA ARG A 1868 7.06 -5.84 -6.41
C ARG A 1868 7.66 -6.69 -5.30
N LYS A 1869 7.53 -6.23 -4.06
CA LYS A 1869 8.06 -6.94 -2.90
C LYS A 1869 6.94 -7.25 -1.93
N SER A 1870 7.05 -8.40 -1.28
CA SER A 1870 6.09 -8.84 -0.28
C SER A 1870 6.59 -8.45 1.10
N ASN A 1871 5.89 -8.92 2.13
CA ASN A 1871 6.26 -8.59 3.51
C ASN A 1871 7.63 -9.17 3.87
N LYS A 1872 7.92 -10.38 3.41
CA LYS A 1872 9.13 -11.08 3.83
C LYS A 1872 10.38 -10.61 3.10
N GLU A 1873 10.23 -9.83 2.03
CA GLU A 1873 11.39 -9.48 1.21
C GLU A 1873 11.58 -7.97 1.08
N SER A 1874 10.52 -7.20 1.32
CA SER A 1874 10.64 -5.75 1.24
C SER A 1874 11.53 -5.22 2.37
N GLU A 1875 12.11 -4.05 2.13
CA GLU A 1875 13.01 -3.46 3.12
C GLU A 1875 12.30 -3.20 4.43
N ASP A 1876 11.08 -2.66 4.36
CA ASP A 1876 10.22 -2.55 5.52
C ASP A 1876 9.29 -3.75 5.58
N GLY A 1877 8.60 -3.90 6.72
CA GLY A 1877 7.77 -5.07 6.93
C GLY A 1877 6.53 -5.11 6.07
N LYS A 1878 6.02 -3.95 5.67
CA LYS A 1878 4.76 -3.91 4.94
C LYS A 1878 4.96 -4.30 3.48
N ASP A 1879 3.91 -4.83 2.87
CA ASP A 1879 3.97 -5.41 1.54
C ASP A 1879 3.71 -4.36 0.46
N TYR A 1880 4.17 -4.66 -0.75
CA TYR A 1880 4.01 -3.78 -1.89
C TYR A 1880 3.66 -4.56 -3.16
N SER A 1881 2.96 -5.68 -3.02
CA SER A 1881 2.68 -6.54 -4.16
C SER A 1881 1.78 -5.86 -5.18
N MET A 1882 0.96 -4.90 -4.74
CA MET A 1882 0.08 -4.20 -5.66
C MET A 1882 0.83 -3.34 -6.66
N ILE A 1883 2.12 -3.13 -6.45
CA ILE A 1883 2.94 -2.29 -7.33
C ILE A 1883 3.41 -3.17 -8.48
N MET A 1884 2.80 -2.99 -9.65
CA MET A 1884 3.20 -3.70 -10.86
C MET A 1884 3.60 -2.67 -11.89
N ALA A 1885 4.86 -2.23 -11.83
CA ALA A 1885 5.41 -1.27 -12.77
C ALA A 1885 6.93 -1.30 -12.70
N PRO A 1886 7.60 -1.51 -13.84
CA PRO A 1886 9.07 -1.56 -13.80
C PRO A 1886 9.73 -0.29 -13.31
N THR A 1887 9.15 0.87 -13.61
CA THR A 1887 9.74 2.15 -13.24
C THR A 1887 8.72 3.05 -12.58
N VAL A 1888 9.22 3.94 -11.72
CA VAL A 1888 8.35 4.90 -11.04
C VAL A 1888 7.65 5.79 -12.05
N ILE A 1889 8.35 6.16 -13.13
CA ILE A 1889 7.73 6.98 -14.17
C ILE A 1889 6.56 6.23 -14.81
N ASP A 1890 6.75 4.93 -15.09
CA ASP A 1890 5.66 4.14 -15.66
C ASP A 1890 4.48 4.04 -14.69
N TYR A 1891 4.77 3.83 -13.40
CA TYR A 1891 3.70 3.74 -12.42
C TYR A 1891 2.91 5.05 -12.35
N LEU A 1892 3.63 6.18 -12.31
CA LEU A 1892 2.97 7.48 -12.27
C LEU A 1892 2.15 7.73 -13.53
N ASN A 1893 2.67 7.33 -14.69
CA ASN A 1893 1.89 7.44 -15.92
C ASN A 1893 0.61 6.60 -15.83
N LYS A 1894 0.71 5.40 -15.26
CA LYS A 1894 -0.47 4.59 -15.05
C LYS A 1894 -1.43 5.21 -14.05
N ARG A 1895 -0.95 6.06 -13.16
CA ARG A 1895 -1.78 6.67 -12.13
C ARG A 1895 -2.20 8.11 -12.44
N CYS A 1896 -1.31 8.92 -12.98
CA CYS A 1896 -1.56 10.36 -13.16
C CYS A 1896 -2.09 10.71 -14.54
N HIS A 1897 -2.35 9.72 -15.40
CA HIS A 1897 -2.73 10.03 -16.77
C HIS A 1897 -4.07 10.74 -16.83
N GLY A 1898 -5.02 10.34 -15.99
CA GLY A 1898 -6.38 10.84 -16.05
C GLY A 1898 -6.58 12.15 -15.33
N GLU A 1899 -7.84 12.51 -15.15
CA GLU A 1899 -8.24 13.74 -14.48
C GLU A 1899 -8.69 13.43 -13.07
N ILE A 1900 -8.24 14.23 -12.11
CA ILE A 1900 -8.58 14.01 -10.71
C ILE A 1900 -10.09 14.15 -10.52
N ASN A 1901 -10.68 13.24 -9.76
CA ASN A 1901 -12.12 13.26 -9.51
C ASN A 1901 -12.47 13.47 -8.04
N GLY A 1902 -11.52 13.27 -7.13
CA GLY A 1902 -11.75 13.45 -5.70
C GLY A 1902 -11.61 12.15 -4.91
N ASN A 1903 -11.87 11.01 -5.56
CA ASN A 1903 -11.76 9.71 -4.91
C ASN A 1903 -10.83 8.82 -5.72
N TYR A 1904 -10.02 8.03 -5.02
CA TYR A 1904 -9.07 7.10 -5.64
C TYR A 1904 -8.05 7.84 -6.50
N ILE A 1905 -8.50 8.45 -7.59
CA ILE A 1905 -7.62 9.24 -8.44
C ILE A 1905 -7.29 10.54 -7.72
N CYS A 1906 -6.06 10.63 -7.20
CA CYS A 1906 -5.65 11.76 -6.38
C CYS A 1906 -4.51 12.57 -7.02
N CYS A 1907 -4.33 12.47 -8.33
CA CYS A 1907 -3.26 13.16 -9.01
C CYS A 1907 -3.55 13.24 -10.49
N SER A 1908 -3.02 14.28 -11.14
CA SER A 1908 -3.24 14.49 -12.55
C SER A 1908 -2.08 15.30 -13.12
N CYS A 1909 -1.87 15.16 -14.43
CA CYS A 1909 -0.80 15.87 -15.14
C CYS A 1909 -1.38 16.50 -16.40
N LYS A 1910 -1.06 17.77 -16.63
CA LYS A 1910 -1.51 18.48 -17.81
C LYS A 1910 -0.32 19.18 -18.45
N ASN A 1911 0.15 18.63 -19.58
CA ASN A 1911 1.17 19.26 -20.41
C ASN A 1911 2.44 19.56 -19.62
N ILE A 1912 2.79 18.70 -18.65
CA ILE A 1912 3.99 18.92 -17.87
C ILE A 1912 5.21 18.60 -18.71
N GLY A 1913 6.23 19.45 -18.61
CA GLY A 1913 7.52 19.16 -19.21
C GLY A 1913 7.63 19.45 -20.69
N ALA A 1914 6.89 18.71 -21.52
CA ALA A 1914 7.19 18.70 -22.96
C ALA A 1914 6.60 19.92 -23.67
N TYR A 1915 5.28 20.03 -23.71
CA TYR A 1915 4.62 21.06 -24.49
C TYR A 1915 3.13 20.95 -24.25
N ASN A 1916 2.40 22.03 -24.53
CA ASN A 1916 0.98 22.10 -24.25
C ASN A 1916 0.15 21.34 -25.27
N THR A 1917 0.38 20.03 -25.39
CA THR A 1917 -0.42 19.18 -26.25
C THR A 1917 -0.31 17.74 -25.78
N THR A 1918 -1.46 17.08 -25.64
CA THR A 1918 -1.54 15.68 -25.21
C THR A 1918 -1.97 14.82 -26.40
N SER A 1919 -2.21 13.53 -26.11
CA SER A 1919 -2.62 12.60 -27.14
C SER A 1919 -3.97 13.00 -27.72
N GLY A 1920 -4.08 12.95 -29.04
CA GLY A 1920 -2.99 12.53 -29.90
C GLY A 1920 -2.75 13.44 -31.08
N THR A 1921 -1.49 13.52 -31.52
CA THR A 1921 -1.11 14.37 -32.65
C THR A 1921 -0.77 13.55 -33.89
N VAL A 1922 0.11 12.56 -33.76
CA VAL A 1922 0.55 11.74 -34.88
C VAL A 1922 0.16 10.29 -34.61
N ASN A 1923 -0.50 9.66 -35.57
CA ASN A 1923 -0.93 8.28 -35.46
C ASN A 1923 -0.04 7.39 -36.31
N LYS A 1924 0.43 6.29 -35.73
CA LYS A 1924 1.29 5.35 -36.43
C LYS A 1924 0.52 4.36 -37.30
N LYS A 1925 -0.82 4.37 -37.24
CA LYS A 1925 -1.61 3.42 -38.02
C LYS A 1925 -1.45 3.67 -39.51
N LEU A 1926 -1.39 4.94 -39.92
CA LEU A 1926 -1.35 5.29 -41.33
C LEU A 1926 -0.07 4.86 -42.04
N GLN A 1927 0.98 4.51 -41.29
CA GLN A 1927 2.25 4.10 -41.89
C GLN A 1927 2.56 2.63 -41.63
N LYS A 1928 2.59 2.21 -40.37
CA LYS A 1928 2.88 0.82 -40.03
C LYS A 1928 2.22 0.49 -38.70
N LYS A 1929 1.35 -0.50 -38.71
CA LYS A 1929 0.70 -0.94 -37.48
C LYS A 1929 1.73 -1.62 -36.56
N GLU A 1930 1.66 -1.30 -35.27
CA GLU A 1930 0.68 -0.35 -34.75
C GLU A 1930 1.36 0.75 -33.94
N THR A 1931 0.57 1.58 -33.27
CA THR A 1931 1.11 2.63 -32.41
C THR A 1931 1.82 1.99 -31.22
N GLU A 1932 3.14 2.18 -31.14
CA GLU A 1932 3.96 1.56 -30.11
C GLU A 1932 4.69 2.66 -29.34
N CYS A 1933 4.05 3.13 -28.26
CA CYS A 1933 4.66 4.10 -27.35
C CYS A 1933 4.94 3.54 -25.96
N GLU A 1934 4.00 2.90 -25.26
CA GLU A 1934 2.59 2.69 -25.62
C GLU A 1934 1.71 2.66 -24.38
N GLU A 1935 1.13 3.81 -24.01
CA GLU A 1935 1.36 5.07 -24.69
C GLU A 1935 2.09 6.04 -23.77
N GLU A 1936 2.25 7.28 -24.23
CA GLU A 1936 2.86 8.31 -23.37
C GLU A 1936 2.00 8.56 -22.15
N LYS A 1937 0.68 8.64 -22.33
CA LYS A 1937 -0.28 8.83 -21.24
C LYS A 1937 0.08 10.06 -20.40
N GLY A 1938 0.06 11.21 -21.08
CA GLY A 1938 0.45 12.46 -20.46
C GLY A 1938 1.96 12.58 -20.46
N PRO A 1939 2.46 13.78 -20.78
CA PRO A 1939 3.92 13.97 -20.87
C PRO A 1939 4.60 13.91 -19.51
N LEU A 1940 4.34 12.85 -18.75
CA LEU A 1940 4.97 12.65 -17.46
C LEU A 1940 6.29 11.90 -17.56
N ASP A 1941 6.59 11.29 -18.71
CA ASP A 1941 7.89 10.66 -18.90
C ASP A 1941 9.00 11.69 -18.98
N LEU A 1942 8.64 12.97 -19.14
CA LEU A 1942 9.61 14.06 -19.16
C LEU A 1942 9.99 14.46 -17.74
N MET A 1943 9.54 13.68 -16.75
CA MET A 1943 9.78 14.02 -15.35
C MET A 1943 11.26 14.11 -15.03
N ASN A 1944 12.04 13.13 -15.50
CA ASN A 1944 13.47 13.13 -15.20
C ASN A 1944 14.18 14.25 -15.94
N GLU A 1945 13.73 14.57 -17.16
CA GLU A 1945 14.41 15.57 -17.96
C GLU A 1945 14.14 16.99 -17.46
N VAL A 1946 12.90 17.26 -17.02
CA VAL A 1946 12.57 18.61 -16.58
C VAL A 1946 13.33 18.99 -15.33
N LEU A 1947 13.58 18.03 -14.44
CA LEU A 1947 14.34 18.31 -13.22
C LEU A 1947 15.78 18.70 -13.51
N ASN A 1948 16.29 18.35 -14.68
CA ASN A 1948 17.61 18.78 -15.12
C ASN A 1948 17.55 20.06 -15.96
N LYS A 1949 16.38 20.68 -16.05
CA LYS A 1949 16.19 21.90 -16.83
C LYS A 1949 16.58 21.68 -18.29
N MET A 1950 16.12 20.56 -18.86
CA MET A 1950 16.49 20.19 -20.21
C MET A 1950 15.31 20.05 -21.16
N ASP A 1951 14.08 20.12 -20.67
CA ASP A 1951 12.93 20.01 -21.56
C ASP A 1951 12.80 21.26 -22.43
N LYS A 1952 11.98 21.15 -23.46
CA LYS A 1952 11.79 22.26 -24.39
C LYS A 1952 11.19 23.48 -23.69
N LYS A 1953 10.24 23.23 -22.78
CA LYS A 1953 9.52 24.32 -22.13
C LYS A 1953 10.46 25.24 -21.39
N TYR A 1954 11.41 24.69 -20.64
CA TYR A 1954 12.41 25.51 -19.98
C TYR A 1954 13.54 25.92 -20.91
N SER A 1955 13.81 25.14 -21.97
CA SER A 1955 14.83 25.53 -22.94
C SER A 1955 14.45 26.81 -23.66
N ALA A 1956 13.15 27.10 -23.75
CA ALA A 1956 12.72 28.36 -24.33
C ALA A 1956 13.20 29.55 -23.50
N HIS A 1957 13.18 29.41 -22.17
CA HIS A 1957 13.51 30.51 -21.26
C HIS A 1957 14.77 30.25 -20.46
N LYS A 1958 15.62 29.33 -20.89
CA LYS A 1958 16.79 28.96 -20.08
C LYS A 1958 17.83 30.08 -20.04
N MET A 1959 18.08 30.72 -21.19
CA MET A 1959 19.11 31.75 -21.25
C MET A 1959 18.79 32.94 -20.37
N LYS A 1960 17.59 33.50 -20.51
CA LYS A 1960 17.22 34.65 -19.72
C LYS A 1960 17.21 34.32 -18.24
N CYS A 1961 16.67 33.15 -17.88
CA CYS A 1961 16.66 32.74 -16.48
C CYS A 1961 18.07 32.61 -15.94
N THR A 1962 18.99 32.05 -16.73
CA THR A 1962 20.36 31.87 -16.28
C THR A 1962 21.06 33.22 -16.07
N GLU A 1963 20.91 34.14 -17.02
CA GLU A 1963 21.58 35.44 -16.87
C GLU A 1963 20.99 36.22 -15.70
N VAL A 1964 19.68 36.14 -15.50
CA VAL A 1964 19.05 36.79 -14.36
C VAL A 1964 19.56 36.17 -13.06
N TYR A 1965 19.70 34.84 -13.03
CA TYR A 1965 20.22 34.18 -11.84
C TYR A 1965 21.64 34.65 -11.56
N LEU A 1966 22.45 34.83 -12.59
CA LEU A 1966 23.83 35.28 -12.38
C LEU A 1966 23.87 36.70 -11.83
N GLU A 1967 23.04 37.58 -12.37
CA GLU A 1967 22.97 38.95 -11.85
C GLU A 1967 22.51 38.94 -10.39
N HIS A 1968 21.53 38.10 -10.08
CA HIS A 1968 21.07 37.94 -8.70
C HIS A 1968 22.20 37.45 -7.81
N VAL A 1969 22.99 36.51 -8.31
CA VAL A 1969 24.14 36.00 -7.56
C VAL A 1969 25.09 37.14 -7.21
N GLU A 1970 25.44 37.95 -8.21
CA GLU A 1970 26.40 39.03 -7.96
C GLU A 1970 25.85 40.03 -6.94
N GLU A 1971 24.59 40.43 -7.11
CA GLU A 1971 24.00 41.41 -6.21
C GLU A 1971 23.95 40.87 -4.78
N GLN A 1972 23.59 39.60 -4.62
CA GLN A 1972 23.50 39.05 -3.28
C GLN A 1972 24.85 38.73 -2.65
N LEU A 1973 25.90 38.45 -3.42
CA LEU A 1973 27.23 38.48 -2.80
C LEU A 1973 27.57 39.86 -2.29
N ASN A 1974 27.26 40.90 -3.07
CA ASN A 1974 27.51 42.25 -2.56
C ASN A 1974 26.76 42.47 -1.24
N GLU A 1975 25.49 42.08 -1.21
CA GLU A 1975 24.68 42.27 -0.01
C GLU A 1975 25.21 41.48 1.17
N ILE A 1976 25.61 40.22 0.95
CA ILE A 1976 26.07 39.37 2.05
C ILE A 1976 27.41 39.87 2.58
N ASP A 1977 28.32 40.27 1.69
CA ASP A 1977 29.60 40.80 2.15
C ASP A 1977 29.40 42.07 2.97
N ASN A 1978 28.54 42.97 2.49
CA ASN A 1978 28.25 44.17 3.27
C ASN A 1978 27.60 43.82 4.60
N ALA A 1979 26.74 42.80 4.61
CA ALA A 1979 26.08 42.38 5.85
C ALA A 1979 27.09 41.86 6.86
N ILE A 1980 28.06 41.06 6.40
CA ILE A 1980 29.08 40.55 7.31
C ILE A 1980 29.93 41.69 7.85
N LYS A 1981 30.35 42.61 6.96
CA LYS A 1981 31.16 43.74 7.41
C LYS A 1981 30.41 44.58 8.43
N ASP A 1982 29.11 44.78 8.22
CA ASP A 1982 28.31 45.50 9.21
C ASP A 1982 28.17 44.69 10.49
N TYR A 1983 28.10 43.37 10.38
CA TYR A 1983 28.03 42.52 11.57
C TYR A 1983 29.28 42.63 12.41
N LYS A 1984 30.43 42.93 11.79
CA LYS A 1984 31.63 43.18 12.57
C LYS A 1984 31.39 44.32 13.58
N LEU A 1985 30.90 45.46 13.10
CA LEU A 1985 30.26 46.47 13.93
C LEU A 1985 31.16 47.05 15.02
N TYR A 1986 31.63 46.19 15.93
CA TYR A 1986 32.24 46.63 17.18
C TYR A 1986 33.39 47.63 17.01
N PRO A 1987 34.37 47.42 16.11
CA PRO A 1987 35.54 48.32 16.10
C PRO A 1987 35.25 49.75 15.68
N LEU A 1988 33.99 50.08 15.41
CA LEU A 1988 33.60 51.42 14.97
C LEU A 1988 33.03 52.20 16.16
N ASP A 1989 33.72 53.26 16.53
CA ASP A 1989 33.29 54.20 17.58
C ASP A 1989 33.02 53.43 18.87
N ARG A 1990 32.03 53.89 19.65
CA ARG A 1990 31.68 53.22 20.91
C ARG A 1990 30.49 52.29 20.71
#